data_1JK6
# 
_entry.id   1JK6 
# 
_audit_conform.dict_name       mmcif_pdbx.dic 
_audit_conform.dict_version    5.398 
_audit_conform.dict_location   http://mmcif.pdb.org/dictionaries/ascii/mmcif_pdbx.dic 
# 
loop_
_database_2.database_id 
_database_2.database_code 
_database_2.pdbx_database_accession 
_database_2.pdbx_DOI 
PDB   1JK6         pdb_00001jk6 10.2210/pdb1jk6/pdb 
RCSB  RCSB013869   ?            ?                   
WWPDB D_1000013869 ?            ?                   
# 
loop_
_pdbx_audit_revision_history.ordinal 
_pdbx_audit_revision_history.data_content_type 
_pdbx_audit_revision_history.major_revision 
_pdbx_audit_revision_history.minor_revision 
_pdbx_audit_revision_history.revision_date 
1 'Structure model' 1 0 2003-04-29 
2 'Structure model' 1 1 2008-04-27 
3 'Structure model' 1 2 2011-07-13 
4 'Structure model' 1 3 2017-10-04 
5 'Structure model' 1 4 2023-08-16 
6 'Structure model' 1 5 2024-11-06 
# 
_pdbx_audit_revision_details.ordinal             1 
_pdbx_audit_revision_details.revision_ordinal    1 
_pdbx_audit_revision_details.data_content_type   'Structure model' 
_pdbx_audit_revision_details.provider            repository 
_pdbx_audit_revision_details.type                'Initial release' 
_pdbx_audit_revision_details.description         ? 
_pdbx_audit_revision_details.details             ? 
# 
loop_
_pdbx_audit_revision_group.ordinal 
_pdbx_audit_revision_group.revision_ordinal 
_pdbx_audit_revision_group.data_content_type 
_pdbx_audit_revision_group.group 
1 2 'Structure model' 'Version format compliance' 
2 3 'Structure model' 'Version format compliance' 
3 4 'Structure model' 'Refinement description'    
4 5 'Structure model' 'Data collection'           
5 5 'Structure model' 'Database references'       
6 5 'Structure model' 'Refinement description'    
7 6 'Structure model' 'Structure summary'         
# 
loop_
_pdbx_audit_revision_category.ordinal 
_pdbx_audit_revision_category.revision_ordinal 
_pdbx_audit_revision_category.data_content_type 
_pdbx_audit_revision_category.category 
1 4 'Structure model' software                      
2 5 'Structure model' chem_comp_atom                
3 5 'Structure model' chem_comp_bond                
4 5 'Structure model' database_2                    
5 5 'Structure model' pdbx_initial_refinement_model 
6 6 'Structure model' pdbx_entry_details            
7 6 'Structure model' pdbx_modification_feature     
# 
loop_
_pdbx_audit_revision_item.ordinal 
_pdbx_audit_revision_item.revision_ordinal 
_pdbx_audit_revision_item.data_content_type 
_pdbx_audit_revision_item.item 
1 4 'Structure model' '_software.classification'            
2 4 'Structure model' '_software.name'                      
3 4 'Structure model' '_software.version'                   
4 5 'Structure model' '_database_2.pdbx_DOI'                
5 5 'Structure model' '_database_2.pdbx_database_accession' 
# 
_pdbx_database_status.status_code                     REL 
_pdbx_database_status.entry_id                        1JK6 
_pdbx_database_status.recvd_initial_deposition_date   2001-07-11 
_pdbx_database_status.deposit_site                    RCSB 
_pdbx_database_status.process_site                    RCSB 
_pdbx_database_status.SG_entry                        . 
_pdbx_database_status.pdb_format_compatible           Y 
_pdbx_database_status.status_code_mr                  ? 
_pdbx_database_status.status_code_sf                  ? 
_pdbx_database_status.status_code_cs                  ? 
_pdbx_database_status.methods_development_category    ? 
_pdbx_database_status.status_code_nmr_data            ? 
# 
loop_
_pdbx_database_related.db_name 
_pdbx_database_related.db_id 
_pdbx_database_related.details 
_pdbx_database_related.content_type 
PDB 2bn2 'BOVINE NEUROPHYSIN II DIPEPTIDE COMPLEX' unspecified 
PDB 1NPO 'BOVINE NEUROPHYSIN II OXYTOCIN COMPLEX'  unspecified 
PDB 1JK4 'BOVINE NEUROPHYSIN VASOPRESSIN COMPLEX'  unspecified 
# 
loop_
_audit_author.name 
_audit_author.pdbx_ordinal 
'Rose, J.P.'  1 
'Wang, B.-C.' 2 
# 
loop_
_citation.id 
_citation.title 
_citation.journal_abbrev 
_citation.journal_volume 
_citation.page_first 
_citation.page_last 
_citation.year 
_citation.journal_id_ASTM 
_citation.country 
_citation.journal_id_ISSN 
_citation.journal_id_CSD 
_citation.book_publisher 
_citation.pdbx_database_id_PubMed 
_citation.pdbx_database_id_DOI 
primary 'Structures of an Unliganded Neurophysin and its Vasopressin Complex: Implications for Binding and Allosteric Mechanisms' 
'Protein Sci.'         10  1869 1880 2003 PRCIEI US 0961-8368 0795 ? 11514677 10.1110/ps.10601 
1       'Crystal Structure of the Neurophysin-Oxytocin Complex' Nat.Struct.Biol.       3   163  169  1996 NSBIEW US 1072-8368 2024 
? ?        ?                
2       
;Crystal Structure of a Bovine Neurophysin II Dipeptide Complex at 2.8 A Determined from the Single-Wavelength Anomalous Scattering Signal of an Incorporated Iodine Atom
;
Proc.Natl.Acad.Sci.USA 88  4240 4244 1991 PNASA6 US 0027-8424 0040 ? ?        ?                
3       'Crystals of Modified Bovine Neurophysin II' Eur.J.Biochem.         174 145  147  1988 EJBCAI IX 0014-2956 0262 ? ?        
?                
4       'Crystals of a Bovine Neurophysin II-Dipeptide Amide Complex' J.Mol.Biol.            127 241  242  1979 JMOBAK UK 
0022-2836 0070 ? ?        ?                
# 
loop_
_citation_author.citation_id 
_citation_author.name 
_citation_author.ordinal 
_citation_author.identifier_ORCID 
primary 'Wu, C.K.'        1  ? 
primary 'Hu, B.'          2  ? 
primary 'Rose, J.P.'      3  ? 
primary 'Liu, Z.J.'       4  ? 
primary 'Nguyen, T.L.'    5  ? 
primary 'Zeng, C.'        6  ? 
primary 'Breslow, E.'     7  ? 
primary 'Wang, B.C.'      8  ? 
1       'Rose, J.P.'      9  ? 
1       'Wu, C.K.'        10 ? 
1       'Hsiao, C.D.'     11 ? 
1       'Breslow, E.'     12 ? 
1       'Wang, B.C.'      13 ? 
2       'Chen, L.Q.'      14 ? 
2       'Rose, J.P.'      15 ? 
2       'Breslow, E.'     16 ? 
2       'Yang, D.'        17 ? 
2       'Chang, W.R.'     18 ? 
2       'Furey Jr., W.F.' 19 ? 
2       'Sax, M.'         20 ? 
2       'Wang, B.C.'      21 ? 
3       'Rose, J.P.'      22 ? 
3       'Yang, D.'        23 ? 
3       'Yoo, C.S.'       24 ? 
3       'Sax, M.'         25 ? 
3       'Breslow, E.'     26 ? 
3       'Wang, B.C.'      27 ? 
4       'Yoo, C.S.'       28 ? 
4       'Wang, B.C.'      29 ? 
4       'Sax, M.'         30 ? 
4       'Breslow, E.'     31 ? 
# 
loop_
_entity.id 
_entity.type 
_entity.src_method 
_entity.pdbx_description 
_entity.formula_weight 
_entity.pdbx_number_of_molecules 
_entity.pdbx_ec 
_entity.pdbx_mutation 
_entity.pdbx_fragment 
_entity.details 
1 polymer nat 'NEUROPHYSIN 2' 9243.541 2  ? ? ? ? 
2 water   nat water           18.015   43 ? ? ? ? 
# 
_entity_poly.entity_id                      1 
_entity_poly.type                           'polypeptide(L)' 
_entity_poly.nstd_linkage                   no 
_entity_poly.nstd_monomer                   no 
_entity_poly.pdbx_seq_one_letter_code       
;LRQCLPCGPGGKGRCFGPSICCGDELGCFVGTAEALRCQEENYLPSPCQSGQKPCGSGGRCAAAGICCNDESCVTEPECR
EGVGFPRRV
;
_entity_poly.pdbx_seq_one_letter_code_can   
;LRQCLPCGPGGKGRCFGPSICCGDELGCFVGTAEALRCQEENYLPSPCQSGQKPCGSGGRCAAAGICCNDESCVTEPECR
EGVGFPRRV
;
_entity_poly.pdbx_strand_id                 A,C 
_entity_poly.pdbx_target_identifier         ? 
# 
_pdbx_entity_nonpoly.entity_id   2 
_pdbx_entity_nonpoly.name        water 
_pdbx_entity_nonpoly.comp_id     HOH 
# 
loop_
_entity_poly_seq.entity_id 
_entity_poly_seq.num 
_entity_poly_seq.mon_id 
_entity_poly_seq.hetero 
1 1  LEU n 
1 2  ARG n 
1 3  GLN n 
1 4  CYS n 
1 5  LEU n 
1 6  PRO n 
1 7  CYS n 
1 8  GLY n 
1 9  PRO n 
1 10 GLY n 
1 11 GLY n 
1 12 LYS n 
1 13 GLY n 
1 14 ARG n 
1 15 CYS n 
1 16 PHE n 
1 17 GLY n 
1 18 PRO n 
1 19 SER n 
1 20 ILE n 
1 21 CYS n 
1 22 CYS n 
1 23 GLY n 
1 24 ASP n 
1 25 GLU n 
1 26 LEU n 
1 27 GLY n 
1 28 CYS n 
1 29 PHE n 
1 30 VAL n 
1 31 GLY n 
1 32 THR n 
1 33 ALA n 
1 34 GLU n 
1 35 ALA n 
1 36 LEU n 
1 37 ARG n 
1 38 CYS n 
1 39 GLN n 
1 40 GLU n 
1 41 GLU n 
1 42 ASN n 
1 43 TYR n 
1 44 LEU n 
1 45 PRO n 
1 46 SER n 
1 47 PRO n 
1 48 CYS n 
1 49 GLN n 
1 50 SER n 
1 51 GLY n 
1 52 GLN n 
1 53 LYS n 
1 54 PRO n 
1 55 CYS n 
1 56 GLY n 
1 57 SER n 
1 58 GLY n 
1 59 GLY n 
1 60 ARG n 
1 61 CYS n 
1 62 ALA n 
1 63 ALA n 
1 64 ALA n 
1 65 GLY n 
1 66 ILE n 
1 67 CYS n 
1 68 CYS n 
1 69 ASN n 
1 70 ASP n 
1 71 GLU n 
1 72 SER n 
1 73 CYS n 
1 74 VAL n 
1 75 THR n 
1 76 GLU n 
1 77 PRO n 
1 78 GLU n 
1 79 CYS n 
1 80 ARG n 
1 81 GLU n 
1 82 GLY n 
1 83 VAL n 
1 84 GLY n 
1 85 PHE n 
1 86 PRO n 
1 87 ARG n 
1 88 ARG n 
1 89 VAL n 
# 
_entity_src_nat.entity_id                  1 
_entity_src_nat.pdbx_src_id                1 
_entity_src_nat.pdbx_alt_source_flag       sample 
_entity_src_nat.pdbx_beg_seq_num           ? 
_entity_src_nat.pdbx_end_seq_num           ? 
_entity_src_nat.common_name                cattle 
_entity_src_nat.pdbx_organism_scientific   'Bos taurus' 
_entity_src_nat.pdbx_ncbi_taxonomy_id      9913 
_entity_src_nat.genus                      Bos 
_entity_src_nat.species                    ? 
_entity_src_nat.strain                     ? 
_entity_src_nat.tissue                     ? 
_entity_src_nat.tissue_fraction            ? 
_entity_src_nat.pdbx_secretion             ? 
_entity_src_nat.pdbx_fragment              ? 
_entity_src_nat.pdbx_variant               ? 
_entity_src_nat.pdbx_cell_line             ? 
_entity_src_nat.pdbx_atcc                  ? 
_entity_src_nat.pdbx_cellular_location     ? 
_entity_src_nat.pdbx_organ                 ? 
_entity_src_nat.pdbx_organelle             ? 
_entity_src_nat.pdbx_cell                  ? 
_entity_src_nat.pdbx_plasmid_name          ? 
_entity_src_nat.pdbx_plasmid_details       ? 
_entity_src_nat.details                    'RESIDUES 1-6 REMOVED BY ENZYMATIC CLEAVAGE' 
# 
loop_
_chem_comp.id 
_chem_comp.type 
_chem_comp.mon_nstd_flag 
_chem_comp.name 
_chem_comp.pdbx_synonyms 
_chem_comp.formula 
_chem_comp.formula_weight 
ALA 'L-peptide linking' y ALANINE         ? 'C3 H7 N O2'     89.093  
ARG 'L-peptide linking' y ARGININE        ? 'C6 H15 N4 O2 1' 175.209 
ASN 'L-peptide linking' y ASPARAGINE      ? 'C4 H8 N2 O3'    132.118 
ASP 'L-peptide linking' y 'ASPARTIC ACID' ? 'C4 H7 N O4'     133.103 
CYS 'L-peptide linking' y CYSTEINE        ? 'C3 H7 N O2 S'   121.158 
GLN 'L-peptide linking' y GLUTAMINE       ? 'C5 H10 N2 O3'   146.144 
GLU 'L-peptide linking' y 'GLUTAMIC ACID' ? 'C5 H9 N O4'     147.129 
GLY 'peptide linking'   y GLYCINE         ? 'C2 H5 N O2'     75.067  
HOH non-polymer         . WATER           ? 'H2 O'           18.015  
ILE 'L-peptide linking' y ISOLEUCINE      ? 'C6 H13 N O2'    131.173 
LEU 'L-peptide linking' y LEUCINE         ? 'C6 H13 N O2'    131.173 
LYS 'L-peptide linking' y LYSINE          ? 'C6 H15 N2 O2 1' 147.195 
PHE 'L-peptide linking' y PHENYLALANINE   ? 'C9 H11 N O2'    165.189 
PRO 'L-peptide linking' y PROLINE         ? 'C5 H9 N O2'     115.130 
SER 'L-peptide linking' y SERINE          ? 'C3 H7 N O3'     105.093 
THR 'L-peptide linking' y THREONINE       ? 'C4 H9 N O3'     119.119 
TYR 'L-peptide linking' y TYROSINE        ? 'C9 H11 N O3'    181.189 
VAL 'L-peptide linking' y VALINE          ? 'C5 H11 N O2'    117.146 
# 
loop_
_pdbx_poly_seq_scheme.asym_id 
_pdbx_poly_seq_scheme.entity_id 
_pdbx_poly_seq_scheme.seq_id 
_pdbx_poly_seq_scheme.mon_id 
_pdbx_poly_seq_scheme.ndb_seq_num 
_pdbx_poly_seq_scheme.pdb_seq_num 
_pdbx_poly_seq_scheme.auth_seq_num 
_pdbx_poly_seq_scheme.pdb_mon_id 
_pdbx_poly_seq_scheme.auth_mon_id 
_pdbx_poly_seq_scheme.pdb_strand_id 
_pdbx_poly_seq_scheme.pdb_ins_code 
_pdbx_poly_seq_scheme.hetero 
A 1 1  LEU 1  7  7  LEU LEU A . n 
A 1 2  ARG 2  8  8  ARG ARG A . n 
A 1 3  GLN 3  9  9  GLN GLN A . n 
A 1 4  CYS 4  10 10 CYS CYS A . n 
A 1 5  LEU 5  11 11 LEU LEU A . n 
A 1 6  PRO 6  12 12 PRO PRO A . n 
A 1 7  CYS 7  13 13 CYS CYS A . n 
A 1 8  GLY 8  14 14 GLY GLY A . n 
A 1 9  PRO 9  15 15 PRO PRO A . n 
A 1 10 GLY 10 16 16 GLY GLY A . n 
A 1 11 GLY 11 17 17 GLY GLY A . n 
A 1 12 LYS 12 18 18 LYS LYS A . n 
A 1 13 GLY 13 19 19 GLY GLY A . n 
A 1 14 ARG 14 20 20 ARG ARG A . n 
A 1 15 CYS 15 21 21 CYS CYS A . n 
A 1 16 PHE 16 22 22 PHE PHE A . n 
A 1 17 GLY 17 23 23 GLY GLY A . n 
A 1 18 PRO 18 24 24 PRO PRO A . n 
A 1 19 SER 19 25 25 SER SER A . n 
A 1 20 ILE 20 26 26 ILE ILE A . n 
A 1 21 CYS 21 27 27 CYS CYS A . n 
A 1 22 CYS 22 28 28 CYS CYS A . n 
A 1 23 GLY 23 29 29 GLY GLY A . n 
A 1 24 ASP 24 30 30 ASP ASP A . n 
A 1 25 GLU 25 31 31 GLU GLU A . n 
A 1 26 LEU 26 32 32 LEU LEU A . n 
A 1 27 GLY 27 33 33 GLY GLY A . n 
A 1 28 CYS 28 34 34 CYS CYS A . n 
A 1 29 PHE 29 35 35 PHE PHE A . n 
A 1 30 VAL 30 36 36 VAL VAL A . n 
A 1 31 GLY 31 37 37 GLY GLY A . n 
A 1 32 THR 32 38 38 THR THR A . n 
A 1 33 ALA 33 39 39 ALA ALA A . n 
A 1 34 GLU 34 40 40 GLU GLU A . n 
A 1 35 ALA 35 41 41 ALA ALA A . n 
A 1 36 LEU 36 42 42 LEU LEU A . n 
A 1 37 ARG 37 43 43 ARG ARG A . n 
A 1 38 CYS 38 44 44 CYS CYS A . n 
A 1 39 GLN 39 45 45 GLN GLN A . n 
A 1 40 GLU 40 46 46 GLU GLU A . n 
A 1 41 GLU 41 47 47 GLU GLU A . n 
A 1 42 ASN 42 48 48 ASN ASN A . n 
A 1 43 TYR 43 49 49 TYR TYR A . n 
A 1 44 LEU 44 50 50 LEU LEU A . n 
A 1 45 PRO 45 51 51 PRO PRO A . n 
A 1 46 SER 46 52 52 SER SER A . n 
A 1 47 PRO 47 53 53 PRO PRO A . n 
A 1 48 CYS 48 54 54 CYS CYS A . n 
A 1 49 GLN 49 55 55 GLN GLN A . n 
A 1 50 SER 50 56 56 SER SER A . n 
A 1 51 GLY 51 57 57 GLY GLY A . n 
A 1 52 GLN 52 58 58 GLN GLN A . n 
A 1 53 LYS 53 59 59 LYS LYS A . n 
A 1 54 PRO 54 60 60 PRO PRO A . n 
A 1 55 CYS 55 61 61 CYS CYS A . n 
A 1 56 GLY 56 62 62 GLY GLY A . n 
A 1 57 SER 57 63 63 SER SER A . n 
A 1 58 GLY 58 64 64 GLY GLY A . n 
A 1 59 GLY 59 65 65 GLY GLY A . n 
A 1 60 ARG 60 66 66 ARG ARG A . n 
A 1 61 CYS 61 67 67 CYS CYS A . n 
A 1 62 ALA 62 68 68 ALA ALA A . n 
A 1 63 ALA 63 69 69 ALA ALA A . n 
A 1 64 ALA 64 70 70 ALA ALA A . n 
A 1 65 GLY 65 71 71 GLY GLY A . n 
A 1 66 ILE 66 72 72 ILE ILE A . n 
A 1 67 CYS 67 73 73 CYS CYS A . n 
A 1 68 CYS 68 74 74 CYS CYS A . n 
A 1 69 ASN 69 75 75 ASN ASN A . n 
A 1 70 ASP 70 76 76 ASP ASP A . n 
A 1 71 GLU 71 77 77 GLU GLU A . n 
A 1 72 SER 72 78 78 SER SER A . n 
A 1 73 CYS 73 79 79 CYS CYS A . n 
A 1 74 VAL 74 80 80 VAL VAL A . n 
A 1 75 THR 75 81 81 THR THR A . n 
A 1 76 GLU 76 82 82 GLU GLU A . n 
A 1 77 PRO 77 83 83 PRO PRO A . n 
A 1 78 GLU 78 84 84 GLU GLU A . n 
A 1 79 CYS 79 85 85 CYS CYS A . n 
A 1 80 ARG 80 86 86 ARG ARG A . n 
A 1 81 GLU 81 87 ?  ?   ?   A . n 
A 1 82 GLY 82 88 ?  ?   ?   A . n 
A 1 83 VAL 83 89 ?  ?   ?   A . n 
A 1 84 GLY 84 90 ?  ?   ?   A . n 
A 1 85 PHE 85 91 ?  ?   ?   A . n 
A 1 86 PRO 86 92 ?  ?   ?   A . n 
A 1 87 ARG 87 93 ?  ?   ?   A . n 
A 1 88 ARG 88 94 ?  ?   ?   A . n 
A 1 89 VAL 89 95 ?  ?   ?   A . n 
B 1 1  LEU 1  7  7  LEU LEU C . n 
B 1 2  ARG 2  8  8  ARG ARG C . n 
B 1 3  GLN 3  9  9  GLN GLN C . n 
B 1 4  CYS 4  10 10 CYS CYS C . n 
B 1 5  LEU 5  11 11 LEU LEU C . n 
B 1 6  PRO 6  12 12 PRO PRO C . n 
B 1 7  CYS 7  13 13 CYS CYS C . n 
B 1 8  GLY 8  14 14 GLY GLY C . n 
B 1 9  PRO 9  15 15 PRO PRO C . n 
B 1 10 GLY 10 16 16 GLY GLY C . n 
B 1 11 GLY 11 17 17 GLY GLY C . n 
B 1 12 LYS 12 18 18 LYS LYS C . n 
B 1 13 GLY 13 19 19 GLY GLY C . n 
B 1 14 ARG 14 20 20 ARG ARG C . n 
B 1 15 CYS 15 21 21 CYS CYS C . n 
B 1 16 PHE 16 22 22 PHE PHE C . n 
B 1 17 GLY 17 23 23 GLY GLY C . n 
B 1 18 PRO 18 24 24 PRO PRO C . n 
B 1 19 SER 19 25 25 SER SER C . n 
B 1 20 ILE 20 26 26 ILE ILE C . n 
B 1 21 CYS 21 27 27 CYS CYS C . n 
B 1 22 CYS 22 28 28 CYS CYS C . n 
B 1 23 GLY 23 29 29 GLY GLY C . n 
B 1 24 ASP 24 30 30 ASP ASP C . n 
B 1 25 GLU 25 31 31 GLU GLU C . n 
B 1 26 LEU 26 32 32 LEU LEU C . n 
B 1 27 GLY 27 33 33 GLY GLY C . n 
B 1 28 CYS 28 34 34 CYS CYS C . n 
B 1 29 PHE 29 35 35 PHE PHE C . n 
B 1 30 VAL 30 36 36 VAL VAL C . n 
B 1 31 GLY 31 37 37 GLY GLY C . n 
B 1 32 THR 32 38 38 THR THR C . n 
B 1 33 ALA 33 39 39 ALA ALA C . n 
B 1 34 GLU 34 40 40 GLU GLU C . n 
B 1 35 ALA 35 41 41 ALA ALA C . n 
B 1 36 LEU 36 42 42 LEU LEU C . n 
B 1 37 ARG 37 43 43 ARG ARG C . n 
B 1 38 CYS 38 44 44 CYS CYS C . n 
B 1 39 GLN 39 45 45 GLN GLN C . n 
B 1 40 GLU 40 46 46 GLU GLU C . n 
B 1 41 GLU 41 47 47 GLU GLU C . n 
B 1 42 ASN 42 48 48 ASN ASN C . n 
B 1 43 TYR 43 49 49 TYR TYR C . n 
B 1 44 LEU 44 50 50 LEU LEU C . n 
B 1 45 PRO 45 51 51 PRO PRO C . n 
B 1 46 SER 46 52 52 SER SER C . n 
B 1 47 PRO 47 53 53 PRO PRO C . n 
B 1 48 CYS 48 54 54 CYS CYS C . n 
B 1 49 GLN 49 55 55 GLN GLN C . n 
B 1 50 SER 50 56 56 SER SER C . n 
B 1 51 GLY 51 57 57 GLY GLY C . n 
B 1 52 GLN 52 58 58 GLN GLN C . n 
B 1 53 LYS 53 59 59 LYS LYS C . n 
B 1 54 PRO 54 60 60 PRO PRO C . n 
B 1 55 CYS 55 61 61 CYS CYS C . n 
B 1 56 GLY 56 62 62 GLY GLY C . n 
B 1 57 SER 57 63 63 SER SER C . n 
B 1 58 GLY 58 64 64 GLY GLY C . n 
B 1 59 GLY 59 65 65 GLY GLY C . n 
B 1 60 ARG 60 66 66 ARG ARG C . n 
B 1 61 CYS 61 67 67 CYS CYS C . n 
B 1 62 ALA 62 68 68 ALA ALA C . n 
B 1 63 ALA 63 69 69 ALA ALA C . n 
B 1 64 ALA 64 70 70 ALA ALA C . n 
B 1 65 GLY 65 71 71 GLY GLY C . n 
B 1 66 ILE 66 72 72 ILE ILE C . n 
B 1 67 CYS 67 73 73 CYS CYS C . n 
B 1 68 CYS 68 74 74 CYS CYS C . n 
B 1 69 ASN 69 75 75 ASN ASN C . n 
B 1 70 ASP 70 76 76 ASP ASP C . n 
B 1 71 GLU 71 77 77 GLU GLU C . n 
B 1 72 SER 72 78 78 SER SER C . n 
B 1 73 CYS 73 79 79 CYS CYS C . n 
B 1 74 VAL 74 80 80 VAL VAL C . n 
B 1 75 THR 75 81 81 THR THR C . n 
B 1 76 GLU 76 82 82 GLU GLU C . n 
B 1 77 PRO 77 83 83 PRO PRO C . n 
B 1 78 GLU 78 84 84 GLU GLU C . n 
B 1 79 CYS 79 85 85 CYS CYS C . n 
B 1 80 ARG 80 86 86 ARG ARG C . n 
B 1 81 GLU 81 87 ?  ?   ?   C . n 
B 1 82 GLY 82 88 ?  ?   ?   C . n 
B 1 83 VAL 83 89 ?  ?   ?   C . n 
B 1 84 GLY 84 90 ?  ?   ?   C . n 
B 1 85 PHE 85 91 ?  ?   ?   C . n 
B 1 86 PRO 86 92 ?  ?   ?   C . n 
B 1 87 ARG 87 93 ?  ?   ?   C . n 
B 1 88 ARG 88 94 ?  ?   ?   C . n 
B 1 89 VAL 89 95 ?  ?   ?   C . n 
# 
loop_
_pdbx_nonpoly_scheme.asym_id 
_pdbx_nonpoly_scheme.entity_id 
_pdbx_nonpoly_scheme.mon_id 
_pdbx_nonpoly_scheme.ndb_seq_num 
_pdbx_nonpoly_scheme.pdb_seq_num 
_pdbx_nonpoly_scheme.auth_seq_num 
_pdbx_nonpoly_scheme.pdb_mon_id 
_pdbx_nonpoly_scheme.auth_mon_id 
_pdbx_nonpoly_scheme.pdb_strand_id 
_pdbx_nonpoly_scheme.pdb_ins_code 
C 2 HOH 1  96  1  HOH HOH A . 
C 2 HOH 2  97  2  HOH HOH A . 
C 2 HOH 3  98  4  HOH HOH A . 
C 2 HOH 4  99  8  HOH HOH A . 
C 2 HOH 5  100 9  HOH HOH A . 
C 2 HOH 6  101 10 HOH HOH A . 
C 2 HOH 7  102 11 HOH HOH A . 
C 2 HOH 8  103 14 HOH HOH A . 
C 2 HOH 9  104 16 HOH HOH A . 
C 2 HOH 10 105 20 HOH HOH A . 
C 2 HOH 11 106 22 HOH HOH A . 
C 2 HOH 12 107 23 HOH HOH A . 
C 2 HOH 13 108 24 HOH HOH A . 
C 2 HOH 14 109 26 HOH HOH A . 
C 2 HOH 15 110 27 HOH HOH A . 
C 2 HOH 16 111 29 HOH HOH A . 
C 2 HOH 17 112 31 HOH HOH A . 
C 2 HOH 18 113 33 HOH HOH A . 
C 2 HOH 19 114 36 HOH HOH A . 
C 2 HOH 20 115 40 HOH HOH A . 
C 2 HOH 21 116 41 HOH HOH A . 
C 2 HOH 22 117 42 HOH HOH A . 
D 2 HOH 1  96  3  HOH HOH C . 
D 2 HOH 2  97  5  HOH HOH C . 
D 2 HOH 3  98  6  HOH HOH C . 
D 2 HOH 4  99  7  HOH HOH C . 
D 2 HOH 5  100 12 HOH HOH C . 
D 2 HOH 6  101 13 HOH HOH C . 
D 2 HOH 7  102 15 HOH HOH C . 
D 2 HOH 8  103 17 HOH HOH C . 
D 2 HOH 9  104 18 HOH HOH C . 
D 2 HOH 10 105 19 HOH HOH C . 
D 2 HOH 11 106 21 HOH HOH C . 
D 2 HOH 12 107 25 HOH HOH C . 
D 2 HOH 13 108 28 HOH HOH C . 
D 2 HOH 14 109 30 HOH HOH C . 
D 2 HOH 15 110 32 HOH HOH C . 
D 2 HOH 16 111 34 HOH HOH C . 
D 2 HOH 17 112 35 HOH HOH C . 
D 2 HOH 18 113 37 HOH HOH C . 
D 2 HOH 19 114 38 HOH HOH C . 
D 2 HOH 20 115 39 HOH HOH C . 
D 2 HOH 21 116 43 HOH HOH C . 
# 
loop_
_pdbx_unobs_or_zero_occ_atoms.id 
_pdbx_unobs_or_zero_occ_atoms.PDB_model_num 
_pdbx_unobs_or_zero_occ_atoms.polymer_flag 
_pdbx_unobs_or_zero_occ_atoms.occupancy_flag 
_pdbx_unobs_or_zero_occ_atoms.auth_asym_id 
_pdbx_unobs_or_zero_occ_atoms.auth_comp_id 
_pdbx_unobs_or_zero_occ_atoms.auth_seq_id 
_pdbx_unobs_or_zero_occ_atoms.PDB_ins_code 
_pdbx_unobs_or_zero_occ_atoms.auth_atom_id 
_pdbx_unobs_or_zero_occ_atoms.label_alt_id 
_pdbx_unobs_or_zero_occ_atoms.label_asym_id 
_pdbx_unobs_or_zero_occ_atoms.label_comp_id 
_pdbx_unobs_or_zero_occ_atoms.label_seq_id 
_pdbx_unobs_or_zero_occ_atoms.label_atom_id 
1 1 Y 1 A GLN 55 ? CG  ? A GLN 49 CG  
2 1 Y 1 A GLN 55 ? CD  ? A GLN 49 CD  
3 1 Y 1 A GLN 55 ? OE1 ? A GLN 49 OE1 
4 1 Y 1 A GLN 55 ? NE2 ? A GLN 49 NE2 
5 1 Y 1 C GLN 55 ? CG  ? B GLN 49 CG  
6 1 Y 1 C GLN 55 ? CD  ? B GLN 49 CD  
7 1 Y 1 C GLN 55 ? OE1 ? B GLN 49 OE1 
8 1 Y 1 C GLN 55 ? NE2 ? B GLN 49 NE2 
# 
loop_
_software.name 
_software.classification 
_software.version 
_software.citation_id 
_software.pdbx_ordinal 
bioteX    'data collection' .   ? 1 
DENZO     'data reduction'  .   ? 2 
SCALEPACK 'data scaling'    .   ? 3 
AMoRE     phasing           .   ? 4 
X-PLOR    refinement        3.1 ? 5 
bioteX    'data reduction'  .   ? 6 
# 
_cell.entry_id           1JK6 
_cell.length_a           48.920 
_cell.length_b           48.920 
_cell.length_c           78.520 
_cell.angle_alpha        90.00 
_cell.angle_beta         90.00 
_cell.angle_gamma        120.00 
_cell.Z_PDB              6 
_cell.pdbx_unique_axis   ? 
# 
_symmetry.entry_id                         1JK6 
_symmetry.space_group_name_H-M             'P 32' 
_symmetry.pdbx_full_space_group_name_H-M   ? 
_symmetry.cell_setting                     ? 
_symmetry.Int_Tables_number                145 
# 
_exptl.entry_id          1JK6 
_exptl.method            'X-RAY DIFFRACTION' 
_exptl.crystals_number   1 
# 
_exptl_crystal.id                    1 
_exptl_crystal.density_meas          ? 
_exptl_crystal.density_Matthews      2.93 
_exptl_crystal.density_percent_sol   58.04 
_exptl_crystal.description           ? 
# 
_exptl_crystal_grow.crystal_id      1 
_exptl_crystal_grow.method          'VAPOR DIFFUSION, HANGING DROP' 
_exptl_crystal_grow.temp            291 
_exptl_crystal_grow.temp_details    ? 
_exptl_crystal_grow.pH              6.5 
_exptl_crystal_grow.pdbx_details    
'2M SODIUM CHLORIDE, 0.1M MES BUFFER AND 0.05M SODIUM/POTASSIUM PHOSPATE, pH 6.5, VAPOR DIFFUSION, HANGING DROP, temperature 291K' 
_exptl_crystal_grow.pdbx_pH_range   ? 
# 
_diffrn.id                     1 
_diffrn.ambient_temp           298 
_diffrn.ambient_temp_details   ? 
_diffrn.crystal_id             1 
# 
_diffrn_detector.diffrn_id              1 
_diffrn_detector.detector               'IMAGE PLATE' 
_diffrn_detector.type                   'RIGAKU RAXIS IV' 
_diffrn_detector.pdbx_collection_date   1996-09-01 
_diffrn_detector.details                YALE/MSC 
# 
_diffrn_radiation.diffrn_id                        1 
_diffrn_radiation.wavelength_id                    1 
_diffrn_radiation.pdbx_monochromatic_or_laue_m_l   M 
_diffrn_radiation.monochromator                    'NI FILTER' 
_diffrn_radiation.pdbx_diffrn_protocol             'SINGLE WAVELENGTH' 
_diffrn_radiation.pdbx_scattering_type             x-ray 
# 
_diffrn_radiation_wavelength.id           1 
_diffrn_radiation_wavelength.wavelength   1.5418 
_diffrn_radiation_wavelength.wt           1.0 
# 
_diffrn_source.diffrn_id                   1 
_diffrn_source.source                      'ROTATING ANODE' 
_diffrn_source.type                        'RIGAKU RUH3R' 
_diffrn_source.pdbx_synchrotron_site       ? 
_diffrn_source.pdbx_synchrotron_beamline   ? 
_diffrn_source.pdbx_wavelength             1.5418 
_diffrn_source.pdbx_wavelength_list        ? 
# 
_reflns.entry_id                     1JK6 
_reflns.observed_criterion_sigma_I   ? 
_reflns.observed_criterion_sigma_F   ? 
_reflns.d_resolution_low             999. 
_reflns.d_resolution_high            2.3 
_reflns.number_obs                   ? 
_reflns.number_all                   ? 
_reflns.percent_possible_obs         100.0 
_reflns.pdbx_Rmerge_I_obs            0.042 
_reflns.pdbx_Rsym_value              ? 
_reflns.pdbx_netI_over_sigmaI        ? 
_reflns.B_iso_Wilson_estimate        ? 
_reflns.pdbx_redundancy              ? 
_reflns.R_free_details               ? 
_reflns.limit_h_max                  ? 
_reflns.limit_h_min                  ? 
_reflns.limit_k_max                  ? 
_reflns.limit_k_min                  ? 
_reflns.limit_l_max                  ? 
_reflns.limit_l_min                  ? 
_reflns.observed_criterion_F_max     ? 
_reflns.observed_criterion_F_min     ? 
_reflns.pdbx_diffrn_id               1 
_reflns.pdbx_ordinal                 1 
# 
_refine.entry_id                                 1JK6 
_refine.ls_number_reflns_obs                     ? 
_refine.ls_number_reflns_all                     ? 
_refine.pdbx_ls_sigma_I                          ? 
_refine.pdbx_ls_sigma_F                          0.0 
_refine.pdbx_data_cutoff_high_absF               ? 
_refine.pdbx_data_cutoff_low_absF                ? 
_refine.ls_d_res_low                             23.0 
_refine.ls_d_res_high                            2.4 
_refine.ls_percent_reflns_obs                    100.0 
_refine.ls_R_factor_obs                          0.218 
_refine.ls_R_factor_all                          0.218 
_refine.ls_R_factor_R_work                       0.218 
_refine.ls_R_factor_R_free                       0.249 
_refine.ls_R_factor_R_free_error                 ? 
_refine.ls_R_factor_R_free_error_details         ? 
_refine.ls_percent_reflns_R_free                 5.2 
_refine.ls_number_reflns_R_free                  ? 
_refine.ls_number_parameters                     ? 
_refine.ls_number_restraints                     ? 
_refine.occupancy_min                            ? 
_refine.occupancy_max                            ? 
_refine.B_iso_mean                               37.8 
_refine.aniso_B[1][1]                            ? 
_refine.aniso_B[2][2]                            ? 
_refine.aniso_B[3][3]                            ? 
_refine.aniso_B[1][2]                            ? 
_refine.aniso_B[1][3]                            ? 
_refine.aniso_B[2][3]                            ? 
_refine.solvent_model_details                    ? 
_refine.solvent_model_param_ksol                 ? 
_refine.solvent_model_param_bsol                 ? 
_refine.pdbx_ls_cross_valid_method               ? 
_refine.details                                  ? 
_refine.pdbx_starting_model                      'PDB ENTRY 2BN2' 
_refine.pdbx_method_to_determine_struct          'MOLECULAR REPLACEMENT' 
_refine.pdbx_isotropic_thermal_model             ? 
_refine.pdbx_stereochemistry_target_values       'ENGH & HUBER' 
_refine.pdbx_stereochem_target_val_spec_case     ? 
_refine.pdbx_R_Free_selection_details            RANDOM 
_refine.pdbx_overall_ESU_R_Free                  ? 
_refine.overall_SU_B                             ? 
_refine.ls_redundancy_reflns_obs                 ? 
_refine.B_iso_min                                ? 
_refine.B_iso_max                                ? 
_refine.correlation_coeff_Fo_to_Fc               ? 
_refine.overall_SU_R_Cruickshank_DPI             ? 
_refine.overall_SU_R_free                        ? 
_refine.overall_SU_ML                            ? 
_refine.pdbx_overall_ESU_R                       ? 
_refine.pdbx_data_cutoff_high_rms_absF           ? 
_refine.correlation_coeff_Fo_to_Fc_free          ? 
_refine.pdbx_solvent_vdw_probe_radii             ? 
_refine.pdbx_solvent_ion_probe_radii             ? 
_refine.pdbx_solvent_shrinkage_radii             ? 
_refine.pdbx_refine_id                           'X-RAY DIFFRACTION' 
_refine.pdbx_diffrn_id                           1 
_refine.pdbx_TLS_residual_ADP_flag               ? 
_refine.pdbx_overall_phase_error                 ? 
_refine.pdbx_overall_SU_R_free_Cruickshank_DPI   ? 
_refine.pdbx_overall_SU_R_Blow_DPI               ? 
_refine.pdbx_overall_SU_R_free_Blow_DPI          ? 
# 
_refine_analyze.entry_id                        1JK6 
_refine_analyze.Luzzati_coordinate_error_obs    0.30 
_refine_analyze.Luzzati_sigma_a_obs             ? 
_refine_analyze.Luzzati_d_res_low_obs           ? 
_refine_analyze.Luzzati_coordinate_error_free   ? 
_refine_analyze.Luzzati_sigma_a_free            ? 
_refine_analyze.Luzzati_d_res_low_free          ? 
_refine_analyze.number_disordered_residues      ? 
_refine_analyze.occupancy_sum_hydrogen          ? 
_refine_analyze.occupancy_sum_non_hydrogen      ? 
_refine_analyze.pdbx_Luzzati_d_res_high_obs     ? 
_refine_analyze.pdbx_refine_id                  'X-RAY DIFFRACTION' 
# 
_refine_hist.pdbx_refine_id                   'X-RAY DIFFRACTION' 
_refine_hist.cycle_id                         LAST 
_refine_hist.pdbx_number_atoms_protein        1116 
_refine_hist.pdbx_number_atoms_nucleic_acid   0 
_refine_hist.pdbx_number_atoms_ligand         0 
_refine_hist.number_atoms_solvent             43 
_refine_hist.number_atoms_total               1159 
_refine_hist.d_res_high                       2.4 
_refine_hist.d_res_low                        23.0 
# 
loop_
_refine_ls_restr.type 
_refine_ls_restr.dev_ideal 
_refine_ls_restr.dev_ideal_target 
_refine_ls_restr.weight 
_refine_ls_restr.number 
_refine_ls_restr.pdbx_refine_id 
_refine_ls_restr.pdbx_restraint_function 
x_bond_d           0.005 ? ? ? 'X-RAY DIFFRACTION' ? 
x_angle_deg        1.4   ? ? ? 'X-RAY DIFFRACTION' ? 
x_dihedral_angle_d 24.7  ? ? ? 'X-RAY DIFFRACTION' ? 
x_improper_angle_d 1.01  ? ? ? 'X-RAY DIFFRACTION' ? 
# 
_pdbx_xplor_file.serial_no        1 
_pdbx_xplor_file.param_file       PARCSDX.PRO 
_pdbx_xplor_file.topol_file       TOPCSDX.PRO 
_pdbx_xplor_file.pdbx_refine_id   'X-RAY DIFFRACTION' 
# 
_struct.entry_id                  1JK6 
_struct.title                     'UNCOMPLEXED DES 1-6 BOVINE NEUROPHYSIN' 
_struct.pdbx_model_details        ? 
_struct.pdbx_CASP_flag            ? 
_struct.pdbx_model_type_details   ? 
# 
_struct_keywords.entry_id        1JK6 
_struct_keywords.pdbx_keywords   NEUROPEPTIDE 
_struct_keywords.text            'NEUROPHYSIN, HORMONE TRANSPORT, HYPOTHALAMUS, NEUROPEPTIDE' 
# 
loop_
_struct_asym.id 
_struct_asym.pdbx_blank_PDB_chainid_flag 
_struct_asym.pdbx_modified 
_struct_asym.entity_id 
_struct_asym.details 
A N N 1 ? 
B N N 1 ? 
C N N 2 ? 
D N N 2 ? 
# 
_struct_ref.id                         1 
_struct_ref.db_name                    UNP 
_struct_ref.db_code                    NEU2_BOVIN 
_struct_ref.entity_id                  1 
_struct_ref.pdbx_seq_one_letter_code   
;LRQCLPCGPGGKGRCFGPSICCGDELGCFVGTAEALRCQEENYLPSPCQSGQKPCGSGGRCAAAGICCNDESCVTEPECR
EGVGFPRRV
;
_struct_ref.pdbx_align_begin           38 
_struct_ref.pdbx_db_accession          P01180 
_struct_ref.pdbx_db_isoform            ? 
# 
loop_
_struct_ref_seq.align_id 
_struct_ref_seq.ref_id 
_struct_ref_seq.pdbx_PDB_id_code 
_struct_ref_seq.pdbx_strand_id 
_struct_ref_seq.seq_align_beg 
_struct_ref_seq.pdbx_seq_align_beg_ins_code 
_struct_ref_seq.seq_align_end 
_struct_ref_seq.pdbx_seq_align_end_ins_code 
_struct_ref_seq.pdbx_db_accession 
_struct_ref_seq.db_align_beg 
_struct_ref_seq.pdbx_db_align_beg_ins_code 
_struct_ref_seq.db_align_end 
_struct_ref_seq.pdbx_db_align_end_ins_code 
_struct_ref_seq.pdbx_auth_seq_align_beg 
_struct_ref_seq.pdbx_auth_seq_align_end 
1 1 1JK6 A 1 ? 89 ? P01180 38 ? 126 ? 7 95 
2 1 1JK6 C 1 ? 89 ? P01180 38 ? 126 ? 7 95 
# 
_pdbx_struct_assembly.id                   1 
_pdbx_struct_assembly.details              author_and_software_defined_assembly 
_pdbx_struct_assembly.method_details       PISA 
_pdbx_struct_assembly.oligomeric_details   dimeric 
_pdbx_struct_assembly.oligomeric_count     2 
# 
loop_
_pdbx_struct_assembly_prop.biol_id 
_pdbx_struct_assembly_prop.type 
_pdbx_struct_assembly_prop.value 
_pdbx_struct_assembly_prop.details 
1 'ABSA (A^2)' 1120 ? 
1 MORE         -8   ? 
1 'SSA (A^2)'  8140 ? 
# 
_pdbx_struct_assembly_gen.assembly_id       1 
_pdbx_struct_assembly_gen.oper_expression   1 
_pdbx_struct_assembly_gen.asym_id_list      A,B,C,D 
# 
_pdbx_struct_oper_list.id                   1 
_pdbx_struct_oper_list.type                 'identity operation' 
_pdbx_struct_oper_list.name                 1_555 
_pdbx_struct_oper_list.symmetry_operation   x,y,z 
_pdbx_struct_oper_list.matrix[1][1]         1.0000000000 
_pdbx_struct_oper_list.matrix[1][2]         0.0000000000 
_pdbx_struct_oper_list.matrix[1][3]         0.0000000000 
_pdbx_struct_oper_list.vector[1]            0.0000000000 
_pdbx_struct_oper_list.matrix[2][1]         0.0000000000 
_pdbx_struct_oper_list.matrix[2][2]         1.0000000000 
_pdbx_struct_oper_list.matrix[2][3]         0.0000000000 
_pdbx_struct_oper_list.vector[2]            0.0000000000 
_pdbx_struct_oper_list.matrix[3][1]         0.0000000000 
_pdbx_struct_oper_list.matrix[3][2]         0.0000000000 
_pdbx_struct_oper_list.matrix[3][3]         1.0000000000 
_pdbx_struct_oper_list.vector[3]            0.0000000000 
# 
loop_
_struct_conf.conf_type_id 
_struct_conf.id 
_struct_conf.pdbx_PDB_helix_id 
_struct_conf.beg_label_comp_id 
_struct_conf.beg_label_asym_id 
_struct_conf.beg_label_seq_id 
_struct_conf.pdbx_beg_PDB_ins_code 
_struct_conf.end_label_comp_id 
_struct_conf.end_label_asym_id 
_struct_conf.end_label_seq_id 
_struct_conf.pdbx_end_PDB_ins_code 
_struct_conf.beg_auth_comp_id 
_struct_conf.beg_auth_asym_id 
_struct_conf.beg_auth_seq_id 
_struct_conf.end_auth_comp_id 
_struct_conf.end_auth_asym_id 
_struct_conf.end_auth_seq_id 
_struct_conf.pdbx_PDB_helix_class 
_struct_conf.details 
_struct_conf.pdbx_PDB_helix_length 
HELX_P HELX_P1 1 GLY A 8  ? LYS A 12 ? GLY A 14 LYS A 18 5 ? 5  
HELX_P HELX_P2 2 THR A 32 ? LEU A 44 ? THR A 38 LEU A 50 5 ? 13 
HELX_P HELX_P3 3 PRO A 77 ? ARG A 80 ? PRO A 83 ARG A 86 5 ? 4  
HELX_P HELX_P4 4 GLY B 8  ? LYS B 12 ? GLY C 14 LYS C 18 5 ? 5  
HELX_P HELX_P5 5 THR B 32 ? LEU B 36 ? THR C 38 LEU C 42 5 ? 5  
HELX_P HELX_P6 6 LEU B 36 ? LEU B 44 ? LEU C 42 LEU C 50 5 ? 9  
HELX_P HELX_P7 7 PRO B 77 ? ARG B 80 ? PRO C 83 ARG C 86 5 ? 4  
# 
_struct_conf_type.id          HELX_P 
_struct_conf_type.criteria    ? 
_struct_conf_type.reference   ? 
# 
loop_
_struct_conn.id 
_struct_conn.conn_type_id 
_struct_conn.pdbx_leaving_atom_flag 
_struct_conn.pdbx_PDB_id 
_struct_conn.ptnr1_label_asym_id 
_struct_conn.ptnr1_label_comp_id 
_struct_conn.ptnr1_label_seq_id 
_struct_conn.ptnr1_label_atom_id 
_struct_conn.pdbx_ptnr1_label_alt_id 
_struct_conn.pdbx_ptnr1_PDB_ins_code 
_struct_conn.pdbx_ptnr1_standard_comp_id 
_struct_conn.ptnr1_symmetry 
_struct_conn.ptnr2_label_asym_id 
_struct_conn.ptnr2_label_comp_id 
_struct_conn.ptnr2_label_seq_id 
_struct_conn.ptnr2_label_atom_id 
_struct_conn.pdbx_ptnr2_label_alt_id 
_struct_conn.pdbx_ptnr2_PDB_ins_code 
_struct_conn.ptnr1_auth_asym_id 
_struct_conn.ptnr1_auth_comp_id 
_struct_conn.ptnr1_auth_seq_id 
_struct_conn.ptnr2_auth_asym_id 
_struct_conn.ptnr2_auth_comp_id 
_struct_conn.ptnr2_auth_seq_id 
_struct_conn.ptnr2_symmetry 
_struct_conn.pdbx_ptnr3_label_atom_id 
_struct_conn.pdbx_ptnr3_label_seq_id 
_struct_conn.pdbx_ptnr3_label_comp_id 
_struct_conn.pdbx_ptnr3_label_asym_id 
_struct_conn.pdbx_ptnr3_label_alt_id 
_struct_conn.pdbx_ptnr3_PDB_ins_code 
_struct_conn.details 
_struct_conn.pdbx_dist_value 
_struct_conn.pdbx_value_order 
_struct_conn.pdbx_role 
disulf1  disulf ? ? A CYS 4  SG ? ? ? 1_555 A CYS 48 SG ? ? A CYS 10 A CYS 54 1_555 ? ? ? ? ? ? ? 2.027 ? ? 
disulf2  disulf ? ? A CYS 7  SG ? ? ? 1_555 A CYS 21 SG ? ? A CYS 13 A CYS 27 1_555 ? ? ? ? ? ? ? 2.037 ? ? 
disulf3  disulf ? ? A CYS 15 SG ? ? ? 1_555 A CYS 38 SG ? ? A CYS 21 A CYS 44 1_555 ? ? ? ? ? ? ? 2.032 ? ? 
disulf4  disulf ? ? A CYS 22 SG ? ? ? 1_555 A CYS 28 SG ? ? A CYS 28 A CYS 34 1_555 ? ? ? ? ? ? ? 2.024 ? ? 
disulf5  disulf ? ? A CYS 55 SG ? ? ? 1_555 A CYS 67 SG ? ? A CYS 61 A CYS 73 1_555 ? ? ? ? ? ? ? 2.026 ? ? 
disulf6  disulf ? ? A CYS 61 SG ? ? ? 1_555 A CYS 79 SG ? ? A CYS 67 A CYS 85 1_555 ? ? ? ? ? ? ? 2.029 ? ? 
disulf7  disulf ? ? A CYS 68 SG ? ? ? 1_555 A CYS 73 SG ? ? A CYS 74 A CYS 79 1_555 ? ? ? ? ? ? ? 2.032 ? ? 
disulf8  disulf ? ? B CYS 4  SG ? ? ? 1_555 B CYS 48 SG ? ? C CYS 10 C CYS 54 1_555 ? ? ? ? ? ? ? 2.023 ? ? 
disulf9  disulf ? ? B CYS 7  SG ? ? ? 1_555 B CYS 21 SG ? ? C CYS 13 C CYS 27 1_555 ? ? ? ? ? ? ? 2.038 ? ? 
disulf10 disulf ? ? B CYS 15 SG ? ? ? 1_555 B CYS 38 SG ? ? C CYS 21 C CYS 44 1_555 ? ? ? ? ? ? ? 2.033 ? ? 
disulf11 disulf ? ? B CYS 22 SG ? ? ? 1_555 B CYS 28 SG ? ? C CYS 28 C CYS 34 1_555 ? ? ? ? ? ? ? 2.025 ? ? 
disulf12 disulf ? ? B CYS 55 SG ? ? ? 1_555 B CYS 67 SG ? ? C CYS 61 C CYS 73 1_555 ? ? ? ? ? ? ? 2.036 ? ? 
disulf13 disulf ? ? B CYS 61 SG ? ? ? 1_555 B CYS 79 SG ? ? C CYS 67 C CYS 85 1_555 ? ? ? ? ? ? ? 2.035 ? ? 
disulf14 disulf ? ? B CYS 68 SG ? ? ? 1_555 B CYS 73 SG ? ? C CYS 74 C CYS 79 1_555 ? ? ? ? ? ? ? 2.026 ? ? 
# 
_struct_conn_type.id          disulf 
_struct_conn_type.criteria    ? 
_struct_conn_type.reference   ? 
# 
loop_
_pdbx_modification_feature.ordinal 
_pdbx_modification_feature.label_comp_id 
_pdbx_modification_feature.label_asym_id 
_pdbx_modification_feature.label_seq_id 
_pdbx_modification_feature.label_alt_id 
_pdbx_modification_feature.modified_residue_label_comp_id 
_pdbx_modification_feature.modified_residue_label_asym_id 
_pdbx_modification_feature.modified_residue_label_seq_id 
_pdbx_modification_feature.modified_residue_label_alt_id 
_pdbx_modification_feature.auth_comp_id 
_pdbx_modification_feature.auth_asym_id 
_pdbx_modification_feature.auth_seq_id 
_pdbx_modification_feature.PDB_ins_code 
_pdbx_modification_feature.symmetry 
_pdbx_modification_feature.modified_residue_auth_comp_id 
_pdbx_modification_feature.modified_residue_auth_asym_id 
_pdbx_modification_feature.modified_residue_auth_seq_id 
_pdbx_modification_feature.modified_residue_PDB_ins_code 
_pdbx_modification_feature.modified_residue_symmetry 
_pdbx_modification_feature.comp_id_linking_atom 
_pdbx_modification_feature.modified_residue_id_linking_atom 
_pdbx_modification_feature.modified_residue_id 
_pdbx_modification_feature.ref_pcm_id 
_pdbx_modification_feature.ref_comp_id 
_pdbx_modification_feature.type 
_pdbx_modification_feature.category 
1  CYS A 4  ? CYS A 48 ? CYS A 10 ? 1_555 CYS A 54 ? 1_555 SG SG . . . None 'Disulfide bridge' 
2  CYS A 7  ? CYS A 21 ? CYS A 13 ? 1_555 CYS A 27 ? 1_555 SG SG . . . None 'Disulfide bridge' 
3  CYS A 15 ? CYS A 38 ? CYS A 21 ? 1_555 CYS A 44 ? 1_555 SG SG . . . None 'Disulfide bridge' 
4  CYS A 22 ? CYS A 28 ? CYS A 28 ? 1_555 CYS A 34 ? 1_555 SG SG . . . None 'Disulfide bridge' 
5  CYS A 55 ? CYS A 67 ? CYS A 61 ? 1_555 CYS A 73 ? 1_555 SG SG . . . None 'Disulfide bridge' 
6  CYS A 61 ? CYS A 79 ? CYS A 67 ? 1_555 CYS A 85 ? 1_555 SG SG . . . None 'Disulfide bridge' 
7  CYS A 68 ? CYS A 73 ? CYS A 74 ? 1_555 CYS A 79 ? 1_555 SG SG . . . None 'Disulfide bridge' 
8  CYS B 4  ? CYS B 48 ? CYS C 10 ? 1_555 CYS C 54 ? 1_555 SG SG . . . None 'Disulfide bridge' 
9  CYS B 7  ? CYS B 21 ? CYS C 13 ? 1_555 CYS C 27 ? 1_555 SG SG . . . None 'Disulfide bridge' 
10 CYS B 15 ? CYS B 38 ? CYS C 21 ? 1_555 CYS C 44 ? 1_555 SG SG . . . None 'Disulfide bridge' 
11 CYS B 22 ? CYS B 28 ? CYS C 28 ? 1_555 CYS C 34 ? 1_555 SG SG . . . None 'Disulfide bridge' 
12 CYS B 55 ? CYS B 67 ? CYS C 61 ? 1_555 CYS C 73 ? 1_555 SG SG . . . None 'Disulfide bridge' 
13 CYS B 61 ? CYS B 79 ? CYS C 67 ? 1_555 CYS C 85 ? 1_555 SG SG . . . None 'Disulfide bridge' 
14 CYS B 68 ? CYS B 73 ? CYS C 74 ? 1_555 CYS C 79 ? 1_555 SG SG . . . None 'Disulfide bridge' 
# 
loop_
_struct_sheet.id 
_struct_sheet.type 
_struct_sheet.number_strands 
_struct_sheet.details 
A ? 2 ? 
B ? 8 ? 
C ? 8 ? 
D ? 2 ? 
# 
loop_
_struct_sheet_order.sheet_id 
_struct_sheet_order.range_id_1 
_struct_sheet_order.range_id_2 
_struct_sheet_order.offset 
_struct_sheet_order.sense 
A 1 2 ? parallel      
B 1 2 ? anti-parallel 
B 2 3 ? anti-parallel 
B 3 4 ? anti-parallel 
B 4 5 ? anti-parallel 
B 5 6 ? anti-parallel 
B 6 7 ? anti-parallel 
B 7 8 ? anti-parallel 
C 1 2 ? anti-parallel 
C 2 3 ? anti-parallel 
C 3 4 ? anti-parallel 
C 4 5 ? anti-parallel 
C 5 6 ? anti-parallel 
C 6 7 ? anti-parallel 
C 7 8 ? anti-parallel 
D 1 2 ? parallel      
# 
loop_
_struct_sheet_range.sheet_id 
_struct_sheet_range.id 
_struct_sheet_range.beg_label_comp_id 
_struct_sheet_range.beg_label_asym_id 
_struct_sheet_range.beg_label_seq_id 
_struct_sheet_range.pdbx_beg_PDB_ins_code 
_struct_sheet_range.end_label_comp_id 
_struct_sheet_range.end_label_asym_id 
_struct_sheet_range.end_label_seq_id 
_struct_sheet_range.pdbx_end_PDB_ins_code 
_struct_sheet_range.beg_auth_comp_id 
_struct_sheet_range.beg_auth_asym_id 
_struct_sheet_range.beg_auth_seq_id 
_struct_sheet_range.end_auth_comp_id 
_struct_sheet_range.end_auth_asym_id 
_struct_sheet_range.end_auth_seq_id 
A 1 ARG A 2  ? GLN A 3  ? ARG A 8  GLN A 9  
A 2 CYS A 48 ? GLN A 49 ? CYS A 54 GLN A 55 
B 1 PRO A 6  ? CYS A 7  ? PRO A 12 CYS A 13 
B 2 GLY A 13 ? GLY A 17 ? GLY A 19 GLY A 23 
B 3 ILE A 20 ? GLY A 23 ? ILE A 26 GLY A 29 
B 4 GLY A 27 ? VAL A 30 ? GLY A 33 VAL A 36 
B 5 GLY B 27 ? VAL B 30 ? GLY C 33 VAL C 36 
B 6 ILE B 20 ? GLY B 23 ? ILE C 26 GLY C 29 
B 7 GLY B 13 ? CYS B 15 ? GLY C 19 CYS C 21 
B 8 PRO B 6  ? CYS B 7  ? PRO C 12 CYS C 13 
C 1 PRO A 54 ? CYS A 55 ? PRO A 60 CYS A 61 
C 2 GLY A 59 ? ALA A 63 ? GLY A 65 ALA A 69 
C 3 ILE A 66 ? CYS A 68 ? ILE A 72 CYS A 74 
C 4 SER A 72 ? THR A 75 ? SER A 78 THR A 81 
C 5 SER B 72 ? THR B 75 ? SER C 78 THR C 81 
C 6 ILE B 66 ? CYS B 68 ? ILE C 72 CYS C 74 
C 7 GLY B 59 ? ALA B 63 ? GLY C 65 ALA C 69 
C 8 PRO B 54 ? CYS B 55 ? PRO C 60 CYS C 61 
D 1 ARG B 2  ? GLN B 3  ? ARG C 8  GLN C 9  
D 2 CYS B 48 ? GLN B 49 ? CYS C 54 GLN C 55 
# 
loop_
_pdbx_struct_sheet_hbond.sheet_id 
_pdbx_struct_sheet_hbond.range_id_1 
_pdbx_struct_sheet_hbond.range_id_2 
_pdbx_struct_sheet_hbond.range_1_label_atom_id 
_pdbx_struct_sheet_hbond.range_1_label_comp_id 
_pdbx_struct_sheet_hbond.range_1_label_asym_id 
_pdbx_struct_sheet_hbond.range_1_label_seq_id 
_pdbx_struct_sheet_hbond.range_1_PDB_ins_code 
_pdbx_struct_sheet_hbond.range_1_auth_atom_id 
_pdbx_struct_sheet_hbond.range_1_auth_comp_id 
_pdbx_struct_sheet_hbond.range_1_auth_asym_id 
_pdbx_struct_sheet_hbond.range_1_auth_seq_id 
_pdbx_struct_sheet_hbond.range_2_label_atom_id 
_pdbx_struct_sheet_hbond.range_2_label_comp_id 
_pdbx_struct_sheet_hbond.range_2_label_asym_id 
_pdbx_struct_sheet_hbond.range_2_label_seq_id 
_pdbx_struct_sheet_hbond.range_2_PDB_ins_code 
_pdbx_struct_sheet_hbond.range_2_auth_atom_id 
_pdbx_struct_sheet_hbond.range_2_auth_comp_id 
_pdbx_struct_sheet_hbond.range_2_auth_asym_id 
_pdbx_struct_sheet_hbond.range_2_auth_seq_id 
A 1 2 O ARG A 2  ? O ARG A 8  N GLN A 49 ? N GLN A 55 
B 1 2 O CYS A 7  ? O CYS A 13 N GLY A 13 ? N GLY A 19 
B 2 3 N PHE A 16 ? N PHE A 22 O ILE A 20 ? O ILE A 26 
B 3 4 O GLY A 23 ? O GLY A 29 N GLY A 27 ? N GLY A 33 
B 4 5 O VAL A 30 ? O VAL A 36 N CYS B 28 ? N CYS C 34 
B 5 6 N PHE B 29 ? N PHE C 35 O CYS B 21 ? O CYS C 27 
B 6 7 O CYS B 22 ? O CYS C 28 N ARG B 14 ? N ARG C 20 
B 7 8 N GLY B 13 ? N GLY C 19 O CYS B 7  ? O CYS C 13 
C 1 2 N CYS A 55 ? N CYS A 61 O GLY A 59 ? O GLY A 65 
C 2 3 O ALA A 63 ? O ALA A 69 N ILE A 66 ? N ILE A 72 
C 3 4 N CYS A 67 ? N CYS A 73 O VAL A 74 ? O VAL A 80 
C 4 5 O CYS A 73 ? O CYS A 79 N CYS B 73 ? N CYS C 79 
C 5 6 O VAL B 74 ? O VAL C 80 N CYS B 67 ? N CYS C 73 
C 6 7 N CYS B 68 ? N CYS C 74 O ARG B 60 ? O ARG C 66 
C 7 8 N GLY B 59 ? N GLY C 65 O CYS B 55 ? O CYS C 61 
D 1 2 O ARG B 2  ? O ARG C 8  N GLN B 49 ? N GLN C 55 
# 
_pdbx_entry_details.entry_id                   1JK6 
_pdbx_entry_details.compound_details           ? 
_pdbx_entry_details.source_details             ? 
_pdbx_entry_details.nonpolymer_details         ? 
_pdbx_entry_details.sequence_details           ? 
_pdbx_entry_details.has_ligand_of_interest     ? 
_pdbx_entry_details.has_protein_modification   Y 
# 
_pdbx_validate_rmsd_angle.id                         1 
_pdbx_validate_rmsd_angle.PDB_model_num              1 
_pdbx_validate_rmsd_angle.auth_atom_id_1             CA 
_pdbx_validate_rmsd_angle.auth_asym_id_1             C 
_pdbx_validate_rmsd_angle.auth_comp_id_1             CYS 
_pdbx_validate_rmsd_angle.auth_seq_id_1              74 
_pdbx_validate_rmsd_angle.PDB_ins_code_1             ? 
_pdbx_validate_rmsd_angle.label_alt_id_1             ? 
_pdbx_validate_rmsd_angle.auth_atom_id_2             CB 
_pdbx_validate_rmsd_angle.auth_asym_id_2             C 
_pdbx_validate_rmsd_angle.auth_comp_id_2             CYS 
_pdbx_validate_rmsd_angle.auth_seq_id_2              74 
_pdbx_validate_rmsd_angle.PDB_ins_code_2             ? 
_pdbx_validate_rmsd_angle.label_alt_id_2             ? 
_pdbx_validate_rmsd_angle.auth_atom_id_3             SG 
_pdbx_validate_rmsd_angle.auth_asym_id_3             C 
_pdbx_validate_rmsd_angle.auth_comp_id_3             CYS 
_pdbx_validate_rmsd_angle.auth_seq_id_3              74 
_pdbx_validate_rmsd_angle.PDB_ins_code_3             ? 
_pdbx_validate_rmsd_angle.label_alt_id_3             ? 
_pdbx_validate_rmsd_angle.angle_value                122.43 
_pdbx_validate_rmsd_angle.angle_target_value         114.20 
_pdbx_validate_rmsd_angle.angle_deviation            8.23 
_pdbx_validate_rmsd_angle.angle_standard_deviation   1.10 
_pdbx_validate_rmsd_angle.linker_flag                N 
# 
loop_
_pdbx_validate_torsion.id 
_pdbx_validate_torsion.PDB_model_num 
_pdbx_validate_torsion.auth_comp_id 
_pdbx_validate_torsion.auth_asym_id 
_pdbx_validate_torsion.auth_seq_id 
_pdbx_validate_torsion.PDB_ins_code 
_pdbx_validate_torsion.label_alt_id 
_pdbx_validate_torsion.phi 
_pdbx_validate_torsion.psi 
1 1 ASN A 75 ? ? -114.06 -162.33 
2 1 ASN C 75 ? ? -106.52 -161.96 
# 
loop_
_pdbx_unobs_or_zero_occ_residues.id 
_pdbx_unobs_or_zero_occ_residues.PDB_model_num 
_pdbx_unobs_or_zero_occ_residues.polymer_flag 
_pdbx_unobs_or_zero_occ_residues.occupancy_flag 
_pdbx_unobs_or_zero_occ_residues.auth_asym_id 
_pdbx_unobs_or_zero_occ_residues.auth_comp_id 
_pdbx_unobs_or_zero_occ_residues.auth_seq_id 
_pdbx_unobs_or_zero_occ_residues.PDB_ins_code 
_pdbx_unobs_or_zero_occ_residues.label_asym_id 
_pdbx_unobs_or_zero_occ_residues.label_comp_id 
_pdbx_unobs_or_zero_occ_residues.label_seq_id 
1  1 Y 1 A GLU 87 ? A GLU 81 
2  1 Y 1 A GLY 88 ? A GLY 82 
3  1 Y 1 A VAL 89 ? A VAL 83 
4  1 Y 1 A GLY 90 ? A GLY 84 
5  1 Y 1 A PHE 91 ? A PHE 85 
6  1 Y 1 A PRO 92 ? A PRO 86 
7  1 Y 1 A ARG 93 ? A ARG 87 
8  1 Y 1 A ARG 94 ? A ARG 88 
9  1 Y 1 A VAL 95 ? A VAL 89 
10 1 Y 1 C GLU 87 ? B GLU 81 
11 1 Y 1 C GLY 88 ? B GLY 82 
12 1 Y 1 C VAL 89 ? B VAL 83 
13 1 Y 1 C GLY 90 ? B GLY 84 
14 1 Y 1 C PHE 91 ? B PHE 85 
15 1 Y 1 C PRO 92 ? B PRO 86 
16 1 Y 1 C ARG 93 ? B ARG 87 
17 1 Y 1 C ARG 94 ? B ARG 88 
18 1 Y 1 C VAL 95 ? B VAL 89 
# 
loop_
_chem_comp_atom.comp_id 
_chem_comp_atom.atom_id 
_chem_comp_atom.type_symbol 
_chem_comp_atom.pdbx_aromatic_flag 
_chem_comp_atom.pdbx_stereo_config 
_chem_comp_atom.pdbx_ordinal 
ALA N    N N N 1   
ALA CA   C N S 2   
ALA C    C N N 3   
ALA O    O N N 4   
ALA CB   C N N 5   
ALA OXT  O N N 6   
ALA H    H N N 7   
ALA H2   H N N 8   
ALA HA   H N N 9   
ALA HB1  H N N 10  
ALA HB2  H N N 11  
ALA HB3  H N N 12  
ALA HXT  H N N 13  
ARG N    N N N 14  
ARG CA   C N S 15  
ARG C    C N N 16  
ARG O    O N N 17  
ARG CB   C N N 18  
ARG CG   C N N 19  
ARG CD   C N N 20  
ARG NE   N N N 21  
ARG CZ   C N N 22  
ARG NH1  N N N 23  
ARG NH2  N N N 24  
ARG OXT  O N N 25  
ARG H    H N N 26  
ARG H2   H N N 27  
ARG HA   H N N 28  
ARG HB2  H N N 29  
ARG HB3  H N N 30  
ARG HG2  H N N 31  
ARG HG3  H N N 32  
ARG HD2  H N N 33  
ARG HD3  H N N 34  
ARG HE   H N N 35  
ARG HH11 H N N 36  
ARG HH12 H N N 37  
ARG HH21 H N N 38  
ARG HH22 H N N 39  
ARG HXT  H N N 40  
ASN N    N N N 41  
ASN CA   C N S 42  
ASN C    C N N 43  
ASN O    O N N 44  
ASN CB   C N N 45  
ASN CG   C N N 46  
ASN OD1  O N N 47  
ASN ND2  N N N 48  
ASN OXT  O N N 49  
ASN H    H N N 50  
ASN H2   H N N 51  
ASN HA   H N N 52  
ASN HB2  H N N 53  
ASN HB3  H N N 54  
ASN HD21 H N N 55  
ASN HD22 H N N 56  
ASN HXT  H N N 57  
ASP N    N N N 58  
ASP CA   C N S 59  
ASP C    C N N 60  
ASP O    O N N 61  
ASP CB   C N N 62  
ASP CG   C N N 63  
ASP OD1  O N N 64  
ASP OD2  O N N 65  
ASP OXT  O N N 66  
ASP H    H N N 67  
ASP H2   H N N 68  
ASP HA   H N N 69  
ASP HB2  H N N 70  
ASP HB3  H N N 71  
ASP HD2  H N N 72  
ASP HXT  H N N 73  
CYS N    N N N 74  
CYS CA   C N R 75  
CYS C    C N N 76  
CYS O    O N N 77  
CYS CB   C N N 78  
CYS SG   S N N 79  
CYS OXT  O N N 80  
CYS H    H N N 81  
CYS H2   H N N 82  
CYS HA   H N N 83  
CYS HB2  H N N 84  
CYS HB3  H N N 85  
CYS HG   H N N 86  
CYS HXT  H N N 87  
GLN N    N N N 88  
GLN CA   C N S 89  
GLN C    C N N 90  
GLN O    O N N 91  
GLN CB   C N N 92  
GLN CG   C N N 93  
GLN CD   C N N 94  
GLN OE1  O N N 95  
GLN NE2  N N N 96  
GLN OXT  O N N 97  
GLN H    H N N 98  
GLN H2   H N N 99  
GLN HA   H N N 100 
GLN HB2  H N N 101 
GLN HB3  H N N 102 
GLN HG2  H N N 103 
GLN HG3  H N N 104 
GLN HE21 H N N 105 
GLN HE22 H N N 106 
GLN HXT  H N N 107 
GLU N    N N N 108 
GLU CA   C N S 109 
GLU C    C N N 110 
GLU O    O N N 111 
GLU CB   C N N 112 
GLU CG   C N N 113 
GLU CD   C N N 114 
GLU OE1  O N N 115 
GLU OE2  O N N 116 
GLU OXT  O N N 117 
GLU H    H N N 118 
GLU H2   H N N 119 
GLU HA   H N N 120 
GLU HB2  H N N 121 
GLU HB3  H N N 122 
GLU HG2  H N N 123 
GLU HG3  H N N 124 
GLU HE2  H N N 125 
GLU HXT  H N N 126 
GLY N    N N N 127 
GLY CA   C N N 128 
GLY C    C N N 129 
GLY O    O N N 130 
GLY OXT  O N N 131 
GLY H    H N N 132 
GLY H2   H N N 133 
GLY HA2  H N N 134 
GLY HA3  H N N 135 
GLY HXT  H N N 136 
HOH O    O N N 137 
HOH H1   H N N 138 
HOH H2   H N N 139 
ILE N    N N N 140 
ILE CA   C N S 141 
ILE C    C N N 142 
ILE O    O N N 143 
ILE CB   C N S 144 
ILE CG1  C N N 145 
ILE CG2  C N N 146 
ILE CD1  C N N 147 
ILE OXT  O N N 148 
ILE H    H N N 149 
ILE H2   H N N 150 
ILE HA   H N N 151 
ILE HB   H N N 152 
ILE HG12 H N N 153 
ILE HG13 H N N 154 
ILE HG21 H N N 155 
ILE HG22 H N N 156 
ILE HG23 H N N 157 
ILE HD11 H N N 158 
ILE HD12 H N N 159 
ILE HD13 H N N 160 
ILE HXT  H N N 161 
LEU N    N N N 162 
LEU CA   C N S 163 
LEU C    C N N 164 
LEU O    O N N 165 
LEU CB   C N N 166 
LEU CG   C N N 167 
LEU CD1  C N N 168 
LEU CD2  C N N 169 
LEU OXT  O N N 170 
LEU H    H N N 171 
LEU H2   H N N 172 
LEU HA   H N N 173 
LEU HB2  H N N 174 
LEU HB3  H N N 175 
LEU HG   H N N 176 
LEU HD11 H N N 177 
LEU HD12 H N N 178 
LEU HD13 H N N 179 
LEU HD21 H N N 180 
LEU HD22 H N N 181 
LEU HD23 H N N 182 
LEU HXT  H N N 183 
LYS N    N N N 184 
LYS CA   C N S 185 
LYS C    C N N 186 
LYS O    O N N 187 
LYS CB   C N N 188 
LYS CG   C N N 189 
LYS CD   C N N 190 
LYS CE   C N N 191 
LYS NZ   N N N 192 
LYS OXT  O N N 193 
LYS H    H N N 194 
LYS H2   H N N 195 
LYS HA   H N N 196 
LYS HB2  H N N 197 
LYS HB3  H N N 198 
LYS HG2  H N N 199 
LYS HG3  H N N 200 
LYS HD2  H N N 201 
LYS HD3  H N N 202 
LYS HE2  H N N 203 
LYS HE3  H N N 204 
LYS HZ1  H N N 205 
LYS HZ2  H N N 206 
LYS HZ3  H N N 207 
LYS HXT  H N N 208 
PHE N    N N N 209 
PHE CA   C N S 210 
PHE C    C N N 211 
PHE O    O N N 212 
PHE CB   C N N 213 
PHE CG   C Y N 214 
PHE CD1  C Y N 215 
PHE CD2  C Y N 216 
PHE CE1  C Y N 217 
PHE CE2  C Y N 218 
PHE CZ   C Y N 219 
PHE OXT  O N N 220 
PHE H    H N N 221 
PHE H2   H N N 222 
PHE HA   H N N 223 
PHE HB2  H N N 224 
PHE HB3  H N N 225 
PHE HD1  H N N 226 
PHE HD2  H N N 227 
PHE HE1  H N N 228 
PHE HE2  H N N 229 
PHE HZ   H N N 230 
PHE HXT  H N N 231 
PRO N    N N N 232 
PRO CA   C N S 233 
PRO C    C N N 234 
PRO O    O N N 235 
PRO CB   C N N 236 
PRO CG   C N N 237 
PRO CD   C N N 238 
PRO OXT  O N N 239 
PRO H    H N N 240 
PRO HA   H N N 241 
PRO HB2  H N N 242 
PRO HB3  H N N 243 
PRO HG2  H N N 244 
PRO HG3  H N N 245 
PRO HD2  H N N 246 
PRO HD3  H N N 247 
PRO HXT  H N N 248 
SER N    N N N 249 
SER CA   C N S 250 
SER C    C N N 251 
SER O    O N N 252 
SER CB   C N N 253 
SER OG   O N N 254 
SER OXT  O N N 255 
SER H    H N N 256 
SER H2   H N N 257 
SER HA   H N N 258 
SER HB2  H N N 259 
SER HB3  H N N 260 
SER HG   H N N 261 
SER HXT  H N N 262 
THR N    N N N 263 
THR CA   C N S 264 
THR C    C N N 265 
THR O    O N N 266 
THR CB   C N R 267 
THR OG1  O N N 268 
THR CG2  C N N 269 
THR OXT  O N N 270 
THR H    H N N 271 
THR H2   H N N 272 
THR HA   H N N 273 
THR HB   H N N 274 
THR HG1  H N N 275 
THR HG21 H N N 276 
THR HG22 H N N 277 
THR HG23 H N N 278 
THR HXT  H N N 279 
TYR N    N N N 280 
TYR CA   C N S 281 
TYR C    C N N 282 
TYR O    O N N 283 
TYR CB   C N N 284 
TYR CG   C Y N 285 
TYR CD1  C Y N 286 
TYR CD2  C Y N 287 
TYR CE1  C Y N 288 
TYR CE2  C Y N 289 
TYR CZ   C Y N 290 
TYR OH   O N N 291 
TYR OXT  O N N 292 
TYR H    H N N 293 
TYR H2   H N N 294 
TYR HA   H N N 295 
TYR HB2  H N N 296 
TYR HB3  H N N 297 
TYR HD1  H N N 298 
TYR HD2  H N N 299 
TYR HE1  H N N 300 
TYR HE2  H N N 301 
TYR HH   H N N 302 
TYR HXT  H N N 303 
VAL N    N N N 304 
VAL CA   C N S 305 
VAL C    C N N 306 
VAL O    O N N 307 
VAL CB   C N N 308 
VAL CG1  C N N 309 
VAL CG2  C N N 310 
VAL OXT  O N N 311 
VAL H    H N N 312 
VAL H2   H N N 313 
VAL HA   H N N 314 
VAL HB   H N N 315 
VAL HG11 H N N 316 
VAL HG12 H N N 317 
VAL HG13 H N N 318 
VAL HG21 H N N 319 
VAL HG22 H N N 320 
VAL HG23 H N N 321 
VAL HXT  H N N 322 
# 
loop_
_chem_comp_bond.comp_id 
_chem_comp_bond.atom_id_1 
_chem_comp_bond.atom_id_2 
_chem_comp_bond.value_order 
_chem_comp_bond.pdbx_aromatic_flag 
_chem_comp_bond.pdbx_stereo_config 
_chem_comp_bond.pdbx_ordinal 
ALA N   CA   sing N N 1   
ALA N   H    sing N N 2   
ALA N   H2   sing N N 3   
ALA CA  C    sing N N 4   
ALA CA  CB   sing N N 5   
ALA CA  HA   sing N N 6   
ALA C   O    doub N N 7   
ALA C   OXT  sing N N 8   
ALA CB  HB1  sing N N 9   
ALA CB  HB2  sing N N 10  
ALA CB  HB3  sing N N 11  
ALA OXT HXT  sing N N 12  
ARG N   CA   sing N N 13  
ARG N   H    sing N N 14  
ARG N   H2   sing N N 15  
ARG CA  C    sing N N 16  
ARG CA  CB   sing N N 17  
ARG CA  HA   sing N N 18  
ARG C   O    doub N N 19  
ARG C   OXT  sing N N 20  
ARG CB  CG   sing N N 21  
ARG CB  HB2  sing N N 22  
ARG CB  HB3  sing N N 23  
ARG CG  CD   sing N N 24  
ARG CG  HG2  sing N N 25  
ARG CG  HG3  sing N N 26  
ARG CD  NE   sing N N 27  
ARG CD  HD2  sing N N 28  
ARG CD  HD3  sing N N 29  
ARG NE  CZ   sing N N 30  
ARG NE  HE   sing N N 31  
ARG CZ  NH1  sing N N 32  
ARG CZ  NH2  doub N N 33  
ARG NH1 HH11 sing N N 34  
ARG NH1 HH12 sing N N 35  
ARG NH2 HH21 sing N N 36  
ARG NH2 HH22 sing N N 37  
ARG OXT HXT  sing N N 38  
ASN N   CA   sing N N 39  
ASN N   H    sing N N 40  
ASN N   H2   sing N N 41  
ASN CA  C    sing N N 42  
ASN CA  CB   sing N N 43  
ASN CA  HA   sing N N 44  
ASN C   O    doub N N 45  
ASN C   OXT  sing N N 46  
ASN CB  CG   sing N N 47  
ASN CB  HB2  sing N N 48  
ASN CB  HB3  sing N N 49  
ASN CG  OD1  doub N N 50  
ASN CG  ND2  sing N N 51  
ASN ND2 HD21 sing N N 52  
ASN ND2 HD22 sing N N 53  
ASN OXT HXT  sing N N 54  
ASP N   CA   sing N N 55  
ASP N   H    sing N N 56  
ASP N   H2   sing N N 57  
ASP CA  C    sing N N 58  
ASP CA  CB   sing N N 59  
ASP CA  HA   sing N N 60  
ASP C   O    doub N N 61  
ASP C   OXT  sing N N 62  
ASP CB  CG   sing N N 63  
ASP CB  HB2  sing N N 64  
ASP CB  HB3  sing N N 65  
ASP CG  OD1  doub N N 66  
ASP CG  OD2  sing N N 67  
ASP OD2 HD2  sing N N 68  
ASP OXT HXT  sing N N 69  
CYS N   CA   sing N N 70  
CYS N   H    sing N N 71  
CYS N   H2   sing N N 72  
CYS CA  C    sing N N 73  
CYS CA  CB   sing N N 74  
CYS CA  HA   sing N N 75  
CYS C   O    doub N N 76  
CYS C   OXT  sing N N 77  
CYS CB  SG   sing N N 78  
CYS CB  HB2  sing N N 79  
CYS CB  HB3  sing N N 80  
CYS SG  HG   sing N N 81  
CYS OXT HXT  sing N N 82  
GLN N   CA   sing N N 83  
GLN N   H    sing N N 84  
GLN N   H2   sing N N 85  
GLN CA  C    sing N N 86  
GLN CA  CB   sing N N 87  
GLN CA  HA   sing N N 88  
GLN C   O    doub N N 89  
GLN C   OXT  sing N N 90  
GLN CB  CG   sing N N 91  
GLN CB  HB2  sing N N 92  
GLN CB  HB3  sing N N 93  
GLN CG  CD   sing N N 94  
GLN CG  HG2  sing N N 95  
GLN CG  HG3  sing N N 96  
GLN CD  OE1  doub N N 97  
GLN CD  NE2  sing N N 98  
GLN NE2 HE21 sing N N 99  
GLN NE2 HE22 sing N N 100 
GLN OXT HXT  sing N N 101 
GLU N   CA   sing N N 102 
GLU N   H    sing N N 103 
GLU N   H2   sing N N 104 
GLU CA  C    sing N N 105 
GLU CA  CB   sing N N 106 
GLU CA  HA   sing N N 107 
GLU C   O    doub N N 108 
GLU C   OXT  sing N N 109 
GLU CB  CG   sing N N 110 
GLU CB  HB2  sing N N 111 
GLU CB  HB3  sing N N 112 
GLU CG  CD   sing N N 113 
GLU CG  HG2  sing N N 114 
GLU CG  HG3  sing N N 115 
GLU CD  OE1  doub N N 116 
GLU CD  OE2  sing N N 117 
GLU OE2 HE2  sing N N 118 
GLU OXT HXT  sing N N 119 
GLY N   CA   sing N N 120 
GLY N   H    sing N N 121 
GLY N   H2   sing N N 122 
GLY CA  C    sing N N 123 
GLY CA  HA2  sing N N 124 
GLY CA  HA3  sing N N 125 
GLY C   O    doub N N 126 
GLY C   OXT  sing N N 127 
GLY OXT HXT  sing N N 128 
HOH O   H1   sing N N 129 
HOH O   H2   sing N N 130 
ILE N   CA   sing N N 131 
ILE N   H    sing N N 132 
ILE N   H2   sing N N 133 
ILE CA  C    sing N N 134 
ILE CA  CB   sing N N 135 
ILE CA  HA   sing N N 136 
ILE C   O    doub N N 137 
ILE C   OXT  sing N N 138 
ILE CB  CG1  sing N N 139 
ILE CB  CG2  sing N N 140 
ILE CB  HB   sing N N 141 
ILE CG1 CD1  sing N N 142 
ILE CG1 HG12 sing N N 143 
ILE CG1 HG13 sing N N 144 
ILE CG2 HG21 sing N N 145 
ILE CG2 HG22 sing N N 146 
ILE CG2 HG23 sing N N 147 
ILE CD1 HD11 sing N N 148 
ILE CD1 HD12 sing N N 149 
ILE CD1 HD13 sing N N 150 
ILE OXT HXT  sing N N 151 
LEU N   CA   sing N N 152 
LEU N   H    sing N N 153 
LEU N   H2   sing N N 154 
LEU CA  C    sing N N 155 
LEU CA  CB   sing N N 156 
LEU CA  HA   sing N N 157 
LEU C   O    doub N N 158 
LEU C   OXT  sing N N 159 
LEU CB  CG   sing N N 160 
LEU CB  HB2  sing N N 161 
LEU CB  HB3  sing N N 162 
LEU CG  CD1  sing N N 163 
LEU CG  CD2  sing N N 164 
LEU CG  HG   sing N N 165 
LEU CD1 HD11 sing N N 166 
LEU CD1 HD12 sing N N 167 
LEU CD1 HD13 sing N N 168 
LEU CD2 HD21 sing N N 169 
LEU CD2 HD22 sing N N 170 
LEU CD2 HD23 sing N N 171 
LEU OXT HXT  sing N N 172 
LYS N   CA   sing N N 173 
LYS N   H    sing N N 174 
LYS N   H2   sing N N 175 
LYS CA  C    sing N N 176 
LYS CA  CB   sing N N 177 
LYS CA  HA   sing N N 178 
LYS C   O    doub N N 179 
LYS C   OXT  sing N N 180 
LYS CB  CG   sing N N 181 
LYS CB  HB2  sing N N 182 
LYS CB  HB3  sing N N 183 
LYS CG  CD   sing N N 184 
LYS CG  HG2  sing N N 185 
LYS CG  HG3  sing N N 186 
LYS CD  CE   sing N N 187 
LYS CD  HD2  sing N N 188 
LYS CD  HD3  sing N N 189 
LYS CE  NZ   sing N N 190 
LYS CE  HE2  sing N N 191 
LYS CE  HE3  sing N N 192 
LYS NZ  HZ1  sing N N 193 
LYS NZ  HZ2  sing N N 194 
LYS NZ  HZ3  sing N N 195 
LYS OXT HXT  sing N N 196 
PHE N   CA   sing N N 197 
PHE N   H    sing N N 198 
PHE N   H2   sing N N 199 
PHE CA  C    sing N N 200 
PHE CA  CB   sing N N 201 
PHE CA  HA   sing N N 202 
PHE C   O    doub N N 203 
PHE C   OXT  sing N N 204 
PHE CB  CG   sing N N 205 
PHE CB  HB2  sing N N 206 
PHE CB  HB3  sing N N 207 
PHE CG  CD1  doub Y N 208 
PHE CG  CD2  sing Y N 209 
PHE CD1 CE1  sing Y N 210 
PHE CD1 HD1  sing N N 211 
PHE CD2 CE2  doub Y N 212 
PHE CD2 HD2  sing N N 213 
PHE CE1 CZ   doub Y N 214 
PHE CE1 HE1  sing N N 215 
PHE CE2 CZ   sing Y N 216 
PHE CE2 HE2  sing N N 217 
PHE CZ  HZ   sing N N 218 
PHE OXT HXT  sing N N 219 
PRO N   CA   sing N N 220 
PRO N   CD   sing N N 221 
PRO N   H    sing N N 222 
PRO CA  C    sing N N 223 
PRO CA  CB   sing N N 224 
PRO CA  HA   sing N N 225 
PRO C   O    doub N N 226 
PRO C   OXT  sing N N 227 
PRO CB  CG   sing N N 228 
PRO CB  HB2  sing N N 229 
PRO CB  HB3  sing N N 230 
PRO CG  CD   sing N N 231 
PRO CG  HG2  sing N N 232 
PRO CG  HG3  sing N N 233 
PRO CD  HD2  sing N N 234 
PRO CD  HD3  sing N N 235 
PRO OXT HXT  sing N N 236 
SER N   CA   sing N N 237 
SER N   H    sing N N 238 
SER N   H2   sing N N 239 
SER CA  C    sing N N 240 
SER CA  CB   sing N N 241 
SER CA  HA   sing N N 242 
SER C   O    doub N N 243 
SER C   OXT  sing N N 244 
SER CB  OG   sing N N 245 
SER CB  HB2  sing N N 246 
SER CB  HB3  sing N N 247 
SER OG  HG   sing N N 248 
SER OXT HXT  sing N N 249 
THR N   CA   sing N N 250 
THR N   H    sing N N 251 
THR N   H2   sing N N 252 
THR CA  C    sing N N 253 
THR CA  CB   sing N N 254 
THR CA  HA   sing N N 255 
THR C   O    doub N N 256 
THR C   OXT  sing N N 257 
THR CB  OG1  sing N N 258 
THR CB  CG2  sing N N 259 
THR CB  HB   sing N N 260 
THR OG1 HG1  sing N N 261 
THR CG2 HG21 sing N N 262 
THR CG2 HG22 sing N N 263 
THR CG2 HG23 sing N N 264 
THR OXT HXT  sing N N 265 
TYR N   CA   sing N N 266 
TYR N   H    sing N N 267 
TYR N   H2   sing N N 268 
TYR CA  C    sing N N 269 
TYR CA  CB   sing N N 270 
TYR CA  HA   sing N N 271 
TYR C   O    doub N N 272 
TYR C   OXT  sing N N 273 
TYR CB  CG   sing N N 274 
TYR CB  HB2  sing N N 275 
TYR CB  HB3  sing N N 276 
TYR CG  CD1  doub Y N 277 
TYR CG  CD2  sing Y N 278 
TYR CD1 CE1  sing Y N 279 
TYR CD1 HD1  sing N N 280 
TYR CD2 CE2  doub Y N 281 
TYR CD2 HD2  sing N N 282 
TYR CE1 CZ   doub Y N 283 
TYR CE1 HE1  sing N N 284 
TYR CE2 CZ   sing Y N 285 
TYR CE2 HE2  sing N N 286 
TYR CZ  OH   sing N N 287 
TYR OH  HH   sing N N 288 
TYR OXT HXT  sing N N 289 
VAL N   CA   sing N N 290 
VAL N   H    sing N N 291 
VAL N   H2   sing N N 292 
VAL CA  C    sing N N 293 
VAL CA  CB   sing N N 294 
VAL CA  HA   sing N N 295 
VAL C   O    doub N N 296 
VAL C   OXT  sing N N 297 
VAL CB  CG1  sing N N 298 
VAL CB  CG2  sing N N 299 
VAL CB  HB   sing N N 300 
VAL CG1 HG11 sing N N 301 
VAL CG1 HG12 sing N N 302 
VAL CG1 HG13 sing N N 303 
VAL CG2 HG21 sing N N 304 
VAL CG2 HG22 sing N N 305 
VAL CG2 HG23 sing N N 306 
VAL OXT HXT  sing N N 307 
# 
_pdbx_initial_refinement_model.id               1 
_pdbx_initial_refinement_model.entity_id_list   ? 
_pdbx_initial_refinement_model.type             'experimental model' 
_pdbx_initial_refinement_model.source_name      PDB 
_pdbx_initial_refinement_model.accession_code   2BN2 
_pdbx_initial_refinement_model.details          'PDB ENTRY 2BN2' 
# 
_atom_sites.entry_id                    1JK6 
_atom_sites.fract_transf_matrix[1][1]   0.01093951 
_atom_sites.fract_transf_matrix[1][2]   -0.01917291 
_atom_sites.fract_transf_matrix[1][3]   0.00835999 
_atom_sites.fract_transf_matrix[2][1]   -0.01180192 
_atom_sites.fract_transf_matrix[2][2]   -0.01540404 
_atom_sites.fract_transf_matrix[2][3]   0.01343797 
_atom_sites.fract_transf_matrix[3][1]   -0.00340148 
_atom_sites.fract_transf_matrix[3][2]   -0.00648446 
_atom_sites.fract_transf_matrix[3][3]   -0.01042053 
_atom_sites.fract_transf_vector[1]      0.454267 
_atom_sites.fract_transf_vector[2]      1.000002 
_atom_sites.fract_transf_vector[3]      0.167431 
# 
loop_
_atom_type.symbol 
C 
N 
O 
S 
# 
loop_
_atom_site.group_PDB 
_atom_site.id 
_atom_site.type_symbol 
_atom_site.label_atom_id 
_atom_site.label_alt_id 
_atom_site.label_comp_id 
_atom_site.label_asym_id 
_atom_site.label_entity_id 
_atom_site.label_seq_id 
_atom_site.pdbx_PDB_ins_code 
_atom_site.Cartn_x 
_atom_site.Cartn_y 
_atom_site.Cartn_z 
_atom_site.occupancy 
_atom_site.B_iso_or_equiv 
_atom_site.pdbx_formal_charge 
_atom_site.auth_seq_id 
_atom_site.auth_comp_id 
_atom_site.auth_asym_id 
_atom_site.auth_atom_id 
_atom_site.pdbx_PDB_model_num 
ATOM   1    N N   . LEU A 1 1  ? 10.587  22.486  8.564   1.00 33.50 ? 7   LEU A N   1 
ATOM   2    C CA  . LEU A 1 1  ? 9.974   21.255  9.155   1.00 33.44 ? 7   LEU A CA  1 
ATOM   3    C C   . LEU A 1 1  ? 10.977  20.111  9.163   1.00 34.11 ? 7   LEU A C   1 
ATOM   4    O O   . LEU A 1 1  ? 11.917  20.096  8.381   1.00 34.33 ? 7   LEU A O   1 
ATOM   5    C CB  . LEU A 1 1  ? 8.739   20.836  8.356   1.00 29.60 ? 7   LEU A CB  1 
ATOM   6    C CG  . LEU A 1 1  ? 7.455   21.663  8.465   1.00 26.34 ? 7   LEU A CG  1 
ATOM   7    C CD1 . LEU A 1 1  ? 6.419   21.038  7.554   1.00 25.44 ? 7   LEU A CD1 1 
ATOM   8    C CD2 . LEU A 1 1  ? 6.937   21.688  9.904   1.00 22.07 ? 7   LEU A CD2 1 
ATOM   9    N N   . ARG A 1 2  ? 10.782  19.154  10.058  1.00 36.26 ? 8   ARG A N   1 
ATOM   10   C CA  . ARG A 1 2  ? 11.684  18.010  10.126  1.00 37.10 ? 8   ARG A CA  1 
ATOM   11   C C   . ARG A 1 2  ? 11.441  17.144  8.891   1.00 38.80 ? 8   ARG A C   1 
ATOM   12   O O   . ARG A 1 2  ? 10.355  17.176  8.307   1.00 37.65 ? 8   ARG A O   1 
ATOM   13   C CB  . ARG A 1 2  ? 11.395  17.184  11.382  1.00 35.58 ? 8   ARG A CB  1 
ATOM   14   C CG  . ARG A 1 2  ? 10.089  16.398  11.304  1.00 34.81 ? 8   ARG A CG  1 
ATOM   15   C CD  . ARG A 1 2  ? 9.739   15.711  12.613  1.00 33.65 ? 8   ARG A CD  1 
ATOM   16   N NE  . ARG A 1 2  ? 8.373   15.198  12.589  1.00 31.73 ? 8   ARG A NE  1 
ATOM   17   C CZ  . ARG A 1 2  ? 7.986   14.110  11.931  1.00 32.36 ? 8   ARG A CZ  1 
ATOM   18   N NH1 . ARG A 1 2  ? 8.861   13.395  11.238  1.00 30.80 ? 8   ARG A NH1 1 
ATOM   19   N NH2 . ARG A 1 2  ? 6.712   13.746  11.949  1.00 32.07 ? 8   ARG A NH2 1 
ATOM   20   N N   . GLN A 1 3  ? 12.451  16.388  8.481   1.00 40.55 ? 9   GLN A N   1 
ATOM   21   C CA  . GLN A 1 3  ? 12.288  15.494  7.345   1.00 42.62 ? 9   GLN A CA  1 
ATOM   22   C C   . GLN A 1 3  ? 11.518  14.281  7.848   1.00 41.18 ? 9   GLN A C   1 
ATOM   23   O O   . GLN A 1 3  ? 11.554  13.968  9.037   1.00 40.31 ? 9   GLN A O   1 
ATOM   24   C CB  . GLN A 1 3  ? 13.643  15.050  6.802   1.00 46.67 ? 9   GLN A CB  1 
ATOM   25   C CG  . GLN A 1 3  ? 14.349  16.112  5.997   1.00 51.04 ? 9   GLN A CG  1 
ATOM   26   C CD  . GLN A 1 3  ? 14.830  15.597  4.657   1.00 53.26 ? 9   GLN A CD  1 
ATOM   27   O OE1 . GLN A 1 3  ? 15.369  16.350  3.845   1.00 54.37 ? 9   GLN A OE1 1 
ATOM   28   N NE2 . GLN A 1 3  ? 14.639  14.304  4.418   1.00 54.36 ? 9   GLN A NE2 1 
ATOM   29   N N   . CYS A 1 4  ? 10.813  13.603  6.955   1.00 41.32 ? 10  CYS A N   1 
ATOM   30   C CA  . CYS A 1 4  ? 10.051  12.434  7.363   1.00 40.50 ? 10  CYS A CA  1 
ATOM   31   C C   . CYS A 1 4  ? 11.002  11.295  7.682   1.00 37.72 ? 10  CYS A C   1 
ATOM   32   O O   . CYS A 1 4  ? 12.084  11.206  7.114   1.00 37.59 ? 10  CYS A O   1 
ATOM   33   C CB  . CYS A 1 4  ? 9.070   12.034  6.266   1.00 41.55 ? 10  CYS A CB  1 
ATOM   34   S SG  . CYS A 1 4  ? 7.912   13.372  5.835   1.00 40.18 ? 10  CYS A SG  1 
ATOM   35   N N   . LEU A 1 5  ? 10.604  10.439  8.613   1.00 37.86 ? 11  LEU A N   1 
ATOM   36   C CA  . LEU A 1 5  ? 11.436  9.311   9.025   1.00 35.24 ? 11  LEU A CA  1 
ATOM   37   C C   . LEU A 1 5  ? 11.777  8.353   7.891   1.00 34.03 ? 11  LEU A C   1 
ATOM   38   O O   . LEU A 1 5  ? 10.929  8.037   7.052   1.00 31.33 ? 11  LEU A O   1 
ATOM   39   C CB  . LEU A 1 5  ? 10.743  8.534   10.146  1.00 36.15 ? 11  LEU A CB  1 
ATOM   40   C CG  . LEU A 1 5  ? 10.408  9.330   11.406  1.00 38.01 ? 11  LEU A CG  1 
ATOM   41   C CD1 . LEU A 1 5  ? 9.664   8.422   12.382  1.00 38.62 ? 11  LEU A CD1 1 
ATOM   42   C CD2 . LEU A 1 5  ? 11.691  9.875   12.039  1.00 34.46 ? 11  LEU A CD2 1 
ATOM   43   N N   . PRO A 1 6  ? 13.037  7.891   7.845   1.00 32.53 ? 12  PRO A N   1 
ATOM   44   C CA  . PRO A 1 6  ? 13.503  6.955   6.815   1.00 33.13 ? 12  PRO A CA  1 
ATOM   45   C C   . PRO A 1 6  ? 13.018  5.535   7.170   1.00 33.00 ? 12  PRO A C   1 
ATOM   46   O O   . PRO A 1 6  ? 12.895  5.196   8.343   1.00 33.39 ? 12  PRO A O   1 
ATOM   47   C CB  . PRO A 1 6  ? 15.019  7.104   6.880   1.00 32.52 ? 12  PRO A CB  1 
ATOM   48   C CG  . PRO A 1 6  ? 15.258  7.383   8.346   1.00 32.97 ? 12  PRO A CG  1 
ATOM   49   C CD  . PRO A 1 6  ? 14.157  8.362   8.681   1.00 31.52 ? 12  PRO A CD  1 
ATOM   50   N N   . CYS A 1 7  ? 12.737  4.715   6.160   1.00 33.44 ? 13  CYS A N   1 
ATOM   51   C CA  . CYS A 1 7  ? 12.234  3.362   6.390   1.00 31.72 ? 13  CYS A CA  1 
ATOM   52   C C   . CYS A 1 7  ? 12.509  2.472   5.184   1.00 33.67 ? 13  CYS A C   1 
ATOM   53   O O   . CYS A 1 7  ? 13.010  2.942   4.160   1.00 32.30 ? 13  CYS A O   1 
ATOM   54   C CB  . CYS A 1 7  ? 10.724  3.415   6.632   1.00 31.47 ? 13  CYS A CB  1 
ATOM   55   S SG  . CYS A 1 7  ? 9.850   4.237   5.262   1.00 28.49 ? 13  CYS A SG  1 
ATOM   56   N N   . GLY A 1 8  ? 12.181  1.186   5.317   1.00 34.47 ? 14  GLY A N   1 
ATOM   57   C CA  . GLY A 1 8  ? 12.375  0.244   4.230   1.00 36.54 ? 14  GLY A CA  1 
ATOM   58   C C   . GLY A 1 8  ? 13.802  -0.209  3.974   1.00 38.97 ? 14  GLY A C   1 
ATOM   59   O O   . GLY A 1 8  ? 14.709  0.102   4.747   1.00 38.72 ? 14  GLY A O   1 
ATOM   60   N N   . PRO A 1 9  ? 14.030  -0.955  2.884   1.00 39.47 ? 15  PRO A N   1 
ATOM   61   C CA  . PRO A 1 9  ? 15.360  -1.454  2.528   1.00 41.23 ? 15  PRO A CA  1 
ATOM   62   C C   . PRO A 1 9  ? 16.380  -0.355  2.243   1.00 42.01 ? 15  PRO A C   1 
ATOM   63   O O   . PRO A 1 9  ? 16.167  0.505   1.390   1.00 41.72 ? 15  PRO A O   1 
ATOM   64   C CB  . PRO A 1 9  ? 15.085  -2.333  1.308   1.00 40.63 ? 15  PRO A CB  1 
ATOM   65   C CG  . PRO A 1 9  ? 13.888  -1.694  0.691   1.00 39.52 ? 15  PRO A CG  1 
ATOM   66   C CD  . PRO A 1 9  ? 13.031  -1.389  1.892   1.00 39.99 ? 15  PRO A CD  1 
ATOM   67   N N   . GLY A 1 10 ? 17.491  -0.398  2.972   1.00 43.70 ? 16  GLY A N   1 
ATOM   68   C CA  . GLY A 1 10 ? 18.536  0.595   2.797   1.00 43.70 ? 16  GLY A CA  1 
ATOM   69   C C   . GLY A 1 10 ? 18.074  1.988   3.172   1.00 43.67 ? 16  GLY A C   1 
ATOM   70   O O   . GLY A 1 10 ? 18.707  2.973   2.802   1.00 43.83 ? 16  GLY A O   1 
ATOM   71   N N   . GLY A 1 11 ? 16.963  2.067   3.902   1.00 43.35 ? 17  GLY A N   1 
ATOM   72   C CA  . GLY A 1 11 ? 16.425  3.351   4.312   1.00 41.68 ? 17  GLY A CA  1 
ATOM   73   C C   . GLY A 1 11 ? 16.129  4.253   3.130   1.00 41.54 ? 17  GLY A C   1 
ATOM   74   O O   . GLY A 1 11 ? 16.095  5.475   3.273   1.00 41.60 ? 17  GLY A O   1 
ATOM   75   N N   . LYS A 1 12 ? 15.915  3.653   1.963   1.00 41.06 ? 18  LYS A N   1 
ATOM   76   C CA  . LYS A 1 12 ? 15.627  4.409   0.750   1.00 40.55 ? 18  LYS A CA  1 
ATOM   77   C C   . LYS A 1 12 ? 14.202  4.944   0.727   1.00 37.98 ? 18  LYS A C   1 
ATOM   78   O O   . LYS A 1 12 ? 13.845  5.739   -0.139  1.00 38.81 ? 18  LYS A O   1 
ATOM   79   C CB  . LYS A 1 12 ? 15.862  3.541   -0.491  1.00 45.21 ? 18  LYS A CB  1 
ATOM   80   C CG  . LYS A 1 12 ? 17.327  3.229   -0.780  1.00 48.26 ? 18  LYS A CG  1 
ATOM   81   C CD  . LYS A 1 12 ? 17.481  2.272   -1.970  1.00 50.52 ? 18  LYS A CD  1 
ATOM   82   C CE  . LYS A 1 12 ? 16.905  0.890   -1.655  1.00 53.09 ? 18  LYS A CE  1 
ATOM   83   N NZ  . LYS A 1 12 ? 17.131  -0.094  -2.754  1.00 53.86 ? 18  LYS A NZ  1 
ATOM   84   N N   . GLY A 1 13 ? 13.386  4.507   1.677   1.00 35.07 ? 19  GLY A N   1 
ATOM   85   C CA  . GLY A 1 13 ? 12.017  4.977   1.724   1.00 33.06 ? 19  GLY A CA  1 
ATOM   86   C C   . GLY A 1 13 ? 11.800  5.938   2.873   1.00 33.10 ? 19  GLY A C   1 
ATOM   87   O O   . GLY A 1 13 ? 12.690  6.158   3.692   1.00 32.96 ? 19  GLY A O   1 
ATOM   88   N N   . ARG A 1 14 ? 10.613  6.524   2.923   1.00 32.23 ? 20  ARG A N   1 
ATOM   89   C CA  . ARG A 1 14 ? 10.267  7.438   3.988   1.00 31.83 ? 20  ARG A CA  1 
ATOM   90   C C   . ARG A 1 14 ? 8.827   7.226   4.409   1.00 29.26 ? 20  ARG A C   1 
ATOM   91   O O   . ARG A 1 14 ? 8.003   6.772   3.617   1.00 29.96 ? 20  ARG A O   1 
ATOM   92   C CB  . ARG A 1 14 ? 10.522  8.885   3.560   1.00 36.24 ? 20  ARG A CB  1 
ATOM   93   C CG  . ARG A 1 14 ? 11.973  9.296   3.816   1.00 41.73 ? 20  ARG A CG  1 
ATOM   94   C CD  . ARG A 1 14 ? 12.259  10.719  3.411   1.00 48.09 ? 20  ARG A CD  1 
ATOM   95   N NE  . ARG A 1 14 ? 12.183  10.901  1.964   1.00 53.15 ? 20  ARG A NE  1 
ATOM   96   C CZ  . ARG A 1 14 ? 12.504  12.032  1.339   1.00 54.37 ? 20  ARG A CZ  1 
ATOM   97   N NH1 . ARG A 1 14 ? 12.921  13.083  2.041   1.00 54.34 ? 20  ARG A NH1 1 
ATOM   98   N NH2 . ARG A 1 14 ? 12.413  12.112  0.014   1.00 54.34 ? 20  ARG A NH2 1 
ATOM   99   N N   . CYS A 1 15 ? 8.548   7.538   5.671   1.00 27.63 ? 21  CYS A N   1 
ATOM   100  C CA  . CYS A 1 15 ? 7.224   7.366   6.252   1.00 27.69 ? 21  CYS A CA  1 
ATOM   101  C C   . CYS A 1 15 ? 6.221   8.470   5.950   1.00 28.43 ? 21  CYS A C   1 
ATOM   102  O O   . CYS A 1 15 ? 6.414   9.620   6.340   1.00 30.23 ? 21  CYS A O   1 
ATOM   103  C CB  . CYS A 1 15 ? 7.328   7.241   7.770   1.00 26.53 ? 21  CYS A CB  1 
ATOM   104  S SG  . CYS A 1 15 ? 8.372   5.897   8.404   1.00 28.26 ? 21  CYS A SG  1 
ATOM   105  N N   . PHE A 1 16 ? 5.136   8.113   5.281   1.00 29.00 ? 22  PHE A N   1 
ATOM   106  C CA  . PHE A 1 16 ? 4.106   9.088   4.971   1.00 29.51 ? 22  PHE A CA  1 
ATOM   107  C C   . PHE A 1 16 ? 3.003   8.976   6.005   1.00 30.04 ? 22  PHE A C   1 
ATOM   108  O O   . PHE A 1 16 ? 2.174   9.867   6.144   1.00 33.27 ? 22  PHE A O   1 
ATOM   109  C CB  . PHE A 1 16 ? 3.576   8.864   3.553   1.00 29.09 ? 22  PHE A CB  1 
ATOM   110  C CG  . PHE A 1 16 ? 4.569   9.240   2.497   1.00 31.65 ? 22  PHE A CG  1 
ATOM   111  C CD1 . PHE A 1 16 ? 5.647   8.413   2.213   1.00 30.61 ? 22  PHE A CD1 1 
ATOM   112  C CD2 . PHE A 1 16 ? 4.497   10.484  1.873   1.00 33.15 ? 22  PHE A CD2 1 
ATOM   113  C CE1 . PHE A 1 16 ? 6.647   8.816   1.337   1.00 32.44 ? 22  PHE A CE1 1 
ATOM   114  C CE2 . PHE A 1 16 ? 5.496   10.897  0.994   1.00 34.89 ? 22  PHE A CE2 1 
ATOM   115  C CZ  . PHE A 1 16 ? 6.574   10.063  0.726   1.00 33.81 ? 22  PHE A CZ  1 
ATOM   116  N N   . GLY A 1 17 ? 3.020   7.874   6.745   1.00 30.81 ? 23  GLY A N   1 
ATOM   117  C CA  . GLY A 1 17 ? 2.034   7.658   7.781   1.00 28.64 ? 23  GLY A CA  1 
ATOM   118  C C   . GLY A 1 17 ? 2.601   6.720   8.831   1.00 28.40 ? 23  GLY A C   1 
ATOM   119  O O   . GLY A 1 17 ? 3.747   6.290   8.723   1.00 25.56 ? 23  GLY A O   1 
ATOM   120  N N   . PRO A 1 18 ? 1.831   6.407   9.878   1.00 29.38 ? 24  PRO A N   1 
ATOM   121  C CA  . PRO A 1 18 ? 2.356   5.497   10.896  1.00 29.03 ? 24  PRO A CA  1 
ATOM   122  C C   . PRO A 1 18 ? 2.562   4.097   10.328  1.00 29.70 ? 24  PRO A C   1 
ATOM   123  O O   . PRO A 1 18 ? 3.422   3.351   10.794  1.00 30.90 ? 24  PRO A O   1 
ATOM   124  C CB  . PRO A 1 18 ? 1.287   5.541   11.991  1.00 29.50 ? 24  PRO A CB  1 
ATOM   125  C CG  . PRO A 1 18 ? 0.040   5.953   11.255  1.00 30.64 ? 24  PRO A CG  1 
ATOM   126  C CD  . PRO A 1 18 ? 0.550   6.996   10.300  1.00 28.22 ? 24  PRO A CD  1 
ATOM   127  N N   . SER A 1 19 ? 1.788   3.758   9.299   1.00 28.14 ? 25  SER A N   1 
ATOM   128  C CA  . SER A 1 19 ? 1.892   2.444   8.676   1.00 27.65 ? 25  SER A CA  1 
ATOM   129  C C   . SER A 1 19 ? 2.199   2.479   7.190   1.00 26.68 ? 25  SER A C   1 
ATOM   130  O O   . SER A 1 19 ? 1.973   1.489   6.489   1.00 24.55 ? 25  SER A O   1 
ATOM   131  C CB  . SER A 1 19 ? 0.600   1.652   8.894   1.00 29.60 ? 25  SER A CB  1 
ATOM   132  O OG  . SER A 1 19 ? 0.520   1.199   10.228  1.00 33.42 ? 25  SER A OG  1 
ATOM   133  N N   . ILE A 1 20 ? 2.710   3.608   6.704   1.00 25.03 ? 26  ILE A N   1 
ATOM   134  C CA  . ILE A 1 20 ? 3.016   3.716   5.286   1.00 24.68 ? 26  ILE A CA  1 
ATOM   135  C C   . ILE A 1 20 ? 4.439   4.169   4.996   1.00 24.26 ? 26  ILE A C   1 
ATOM   136  O O   . ILE A 1 20 ? 4.884   5.235   5.422   1.00 24.89 ? 26  ILE A O   1 
ATOM   137  C CB  . ILE A 1 20 ? 1.985   4.623   4.587   1.00 24.77 ? 26  ILE A CB  1 
ATOM   138  C CG1 . ILE A 1 20 ? 0.598   3.987   4.728   1.00 22.52 ? 26  ILE A CG1 1 
ATOM   139  C CG2 . ILE A 1 20 ? 2.323   4.773   3.104   1.00 24.97 ? 26  ILE A CG2 1 
ATOM   140  C CD1 . ILE A 1 20 ? -0.550  4.822   4.165   1.00 27.29 ? 26  ILE A CD1 1 
ATOM   141  N N   . CYS A 1 21 ? 5.159   3.308   4.292   1.00 25.35 ? 27  CYS A N   1 
ATOM   142  C CA  . CYS A 1 21 ? 6.544   3.554   3.932   1.00 23.64 ? 27  CYS A CA  1 
ATOM   143  C C   . CYS A 1 21 ? 6.680   3.454   2.418   1.00 25.76 ? 27  CYS A C   1 
ATOM   144  O O   . CYS A 1 21 ? 6.357   2.423   1.823   1.00 26.19 ? 27  CYS A O   1 
ATOM   145  C CB  . CYS A 1 21 ? 7.465   2.524   4.602   1.00 22.94 ? 27  CYS A CB  1 
ATOM   146  S SG  . CYS A 1 21 ? 9.197   2.724   4.065   1.00 26.41 ? 27  CYS A SG  1 
ATOM   147  N N   . CYS A 1 22 ? 7.153   4.524   1.790   1.00 24.89 ? 28  CYS A N   1 
ATOM   148  C CA  . CYS A 1 22 ? 7.304   4.510   0.349   1.00 25.59 ? 28  CYS A CA  1 
ATOM   149  C C   . CYS A 1 22 ? 8.626   5.076   -0.106  1.00 27.26 ? 28  CYS A C   1 
ATOM   150  O O   . CYS A 1 22 ? 9.245   5.895   0.573   1.00 29.99 ? 28  CYS A O   1 
ATOM   151  C CB  . CYS A 1 22 ? 6.218   5.327   -0.337  1.00 26.45 ? 28  CYS A CB  1 
ATOM   152  S SG  . CYS A 1 22 ? 4.485   5.057   0.115   1.00 25.71 ? 28  CYS A SG  1 
ATOM   153  N N   . GLY A 1 23 ? 9.021   4.637   -1.292  1.00 28.70 ? 29  GLY A N   1 
ATOM   154  C CA  . GLY A 1 23 ? 10.249  5.069   -1.922  1.00 29.50 ? 29  GLY A CA  1 
ATOM   155  C C   . GLY A 1 23 ? 9.899   5.262   -3.384  1.00 32.48 ? 29  GLY A C   1 
ATOM   156  O O   . GLY A 1 23 ? 9.123   4.488   -3.953  1.00 30.97 ? 29  GLY A O   1 
ATOM   157  N N   . ASP A 1 24 ? 10.452  6.304   -3.988  1.00 34.20 ? 30  ASP A N   1 
ATOM   158  C CA  . ASP A 1 24 ? 10.181  6.603   -5.384  1.00 36.57 ? 30  ASP A CA  1 
ATOM   159  C C   . ASP A 1 24 ? 10.246  5.383   -6.295  1.00 35.38 ? 30  ASP A C   1 
ATOM   160  O O   . ASP A 1 24 ? 9.340   5.154   -7.089  1.00 34.52 ? 30  ASP A O   1 
ATOM   161  C CB  . ASP A 1 24 ? 11.161  7.667   -5.888  1.00 41.77 ? 30  ASP A CB  1 
ATOM   162  C CG  . ASP A 1 24 ? 10.863  8.097   -7.303  1.00 46.29 ? 30  ASP A CG  1 
ATOM   163  O OD1 . ASP A 1 24 ? 9.767   8.653   -7.530  1.00 47.80 ? 30  ASP A OD1 1 
ATOM   164  O OD2 . ASP A 1 24 ? 11.716  7.873   -8.191  1.00 48.82 ? 30  ASP A OD2 1 
ATOM   165  N N   . GLU A 1 25 ? 11.310  4.598   -6.167  1.00 35.57 ? 31  GLU A N   1 
ATOM   166  C CA  . GLU A 1 25 ? 11.508  3.415   -7.001  1.00 37.21 ? 31  GLU A CA  1 
ATOM   167  C C   . GLU A 1 25 ? 11.074  2.109   -6.345  1.00 36.10 ? 31  GLU A C   1 
ATOM   168  O O   . GLU A 1 25 ? 10.875  1.103   -7.021  1.00 35.93 ? 31  GLU A O   1 
ATOM   169  C CB  . GLU A 1 25 ? 12.982  3.292   -7.404  1.00 40.53 ? 31  GLU A CB  1 
ATOM   170  C CG  . GLU A 1 25 ? 13.935  3.092   -6.223  1.00 45.87 ? 31  GLU A CG  1 
ATOM   171  C CD  . GLU A 1 25 ? 14.085  4.341   -5.361  1.00 48.20 ? 31  GLU A CD  1 
ATOM   172  O OE1 . GLU A 1 25 ? 14.627  5.349   -5.872  1.00 46.70 ? 31  GLU A OE1 1 
ATOM   173  O OE2 . GLU A 1 25 ? 13.662  4.318   -4.181  1.00 47.14 ? 31  GLU A OE2 1 
ATOM   174  N N   . LEU A 1 26 ? 10.936  2.124   -5.028  1.00 34.80 ? 32  LEU A N   1 
ATOM   175  C CA  . LEU A 1 26 ? 10.543  0.932   -4.297  1.00 33.31 ? 32  LEU A CA  1 
ATOM   176  C C   . LEU A 1 26 ? 9.043   0.660   -4.279  1.00 29.77 ? 32  LEU A C   1 
ATOM   177  O O   . LEU A 1 26 ? 8.623   -0.485  -4.143  1.00 28.83 ? 32  LEU A O   1 
ATOM   178  C CB  . LEU A 1 26 ? 11.042  1.023   -2.855  1.00 37.51 ? 32  LEU A CB  1 
ATOM   179  C CG  . LEU A 1 26 ? 12.557  0.918   -2.657  1.00 39.20 ? 32  LEU A CG  1 
ATOM   180  C CD1 . LEU A 1 26 ? 12.879  1.053   -1.182  1.00 39.01 ? 32  LEU A CD1 1 
ATOM   181  C CD2 . LEU A 1 26 ? 13.057  -0.422  -3.189  1.00 39.46 ? 32  LEU A CD2 1 
ATOM   182  N N   . GLY A 1 27 ? 8.241   1.701   -4.435  1.00 24.94 ? 33  GLY A N   1 
ATOM   183  C CA  . GLY A 1 27 ? 6.802   1.523   -4.362  1.00 23.19 ? 33  GLY A CA  1 
ATOM   184  C C   . GLY A 1 27 ? 6.419   1.801   -2.915  1.00 22.78 ? 33  GLY A C   1 
ATOM   185  O O   . GLY A 1 27 ? 7.184   2.444   -2.193  1.00 21.44 ? 33  GLY A O   1 
ATOM   186  N N   . CYS A 1 28 ? 5.263   1.310   -2.473  1.00 23.18 ? 34  CYS A N   1 
ATOM   187  C CA  . CYS A 1 28 ? 4.807   1.554   -1.104  1.00 23.62 ? 34  CYS A CA  1 
ATOM   188  C C   . CYS A 1 28 ? 4.474   0.319   -0.280  1.00 24.33 ? 34  CYS A C   1 
ATOM   189  O O   . CYS A 1 28 ? 3.825   -0.607  -0.759  1.00 25.46 ? 34  CYS A O   1 
ATOM   190  C CB  . CYS A 1 28 ? 3.555   2.418   -1.107  1.00 21.39 ? 34  CYS A CB  1 
ATOM   191  S SG  . CYS A 1 28 ? 3.698   4.183   -1.532  1.00 24.51 ? 34  CYS A SG  1 
ATOM   192  N N   . PHE A 1 29 ? 4.892   0.343   0.982   1.00 25.68 ? 35  PHE A N   1 
ATOM   193  C CA  . PHE A 1 29 ? 4.616   -0.742  1.907   1.00 24.32 ? 35  PHE A CA  1 
ATOM   194  C C   . PHE A 1 29 ? 3.571   -0.247  2.910   1.00 22.50 ? 35  PHE A C   1 
ATOM   195  O O   . PHE A 1 29 ? 3.814   0.700   3.662   1.00 26.12 ? 35  PHE A O   1 
ATOM   196  C CB  . PHE A 1 29 ? 5.903   -1.167  2.626   1.00 25.05 ? 35  PHE A CB  1 
ATOM   197  C CG  . PHE A 1 29 ? 7.027   -1.533  1.693   1.00 26.60 ? 35  PHE A CG  1 
ATOM   198  C CD1 . PHE A 1 29 ? 7.844   -0.549  1.146   1.00 29.48 ? 35  PHE A CD1 1 
ATOM   199  C CD2 . PHE A 1 29 ? 7.249   -2.857  1.334   1.00 27.16 ? 35  PHE A CD2 1 
ATOM   200  C CE1 . PHE A 1 29 ? 8.868   -0.875  0.251   1.00 28.84 ? 35  PHE A CE1 1 
ATOM   201  C CE2 . PHE A 1 29 ? 8.268   -3.201  0.441   1.00 28.30 ? 35  PHE A CE2 1 
ATOM   202  C CZ  . PHE A 1 29 ? 9.079   -2.211  -0.101  1.00 30.01 ? 35  PHE A CZ  1 
ATOM   203  N N   . VAL A 1 30 ? 2.404   -0.879  2.899   1.00 20.87 ? 36  VAL A N   1 
ATOM   204  C CA  . VAL A 1 30 ? 1.304   -0.525  3.794   1.00 19.70 ? 36  VAL A CA  1 
ATOM   205  C C   . VAL A 1 30 ? 1.080   -1.664  4.800   1.00 20.29 ? 36  VAL A C   1 
ATOM   206  O O   . VAL A 1 30 ? 0.604   -2.741  4.442   1.00 19.45 ? 36  VAL A O   1 
ATOM   207  C CB  . VAL A 1 30 ? -0.019  -0.269  2.988   1.00 21.27 ? 36  VAL A CB  1 
ATOM   208  C CG1 . VAL A 1 30 ? -1.118  0.261   3.910   1.00 15.54 ? 36  VAL A CG1 1 
ATOM   209  C CG2 . VAL A 1 30 ? 0.233   0.743   1.866   1.00 18.10 ? 36  VAL A CG2 1 
ATOM   210  N N   . GLY A 1 31 ? 1.463   -1.420  6.054   1.00 20.51 ? 37  GLY A N   1 
ATOM   211  C CA  . GLY A 1 31 ? 1.294   -2.398  7.106   1.00 19.31 ? 37  GLY A CA  1 
ATOM   212  C C   . GLY A 1 31 ? 2.249   -3.577  7.052   1.00 22.30 ? 37  GLY A C   1 
ATOM   213  O O   . GLY A 1 31 ? 2.002   -4.595  7.696   1.00 22.09 ? 37  GLY A O   1 
ATOM   214  N N   . THR A 1 32 ? 3.338   -3.453  6.289   1.00 21.61 ? 38  THR A N   1 
ATOM   215  C CA  . THR A 1 32 ? 4.298   -4.547  6.193   1.00 22.44 ? 38  THR A CA  1 
ATOM   216  C C   . THR A 1 32 ? 5.409   -4.329  7.210   1.00 24.59 ? 38  THR A C   1 
ATOM   217  O O   . THR A 1 32 ? 5.452   -3.304  7.887   1.00 25.93 ? 38  THR A O   1 
ATOM   218  C CB  . THR A 1 32 ? 4.932   -4.639  4.785   1.00 21.48 ? 38  THR A CB  1 
ATOM   219  O OG1 . THR A 1 32 ? 5.773   -3.499  4.564   1.00 24.79 ? 38  THR A OG1 1 
ATOM   220  C CG2 . THR A 1 32 ? 3.846   -4.681  3.712   1.00 19.12 ? 38  THR A CG2 1 
ATOM   221  N N   . ALA A 1 33 ? 6.314   -5.289  7.324   1.00 26.60 ? 39  ALA A N   1 
ATOM   222  C CA  . ALA A 1 33 ? 7.409   -5.141  8.271   1.00 29.66 ? 39  ALA A CA  1 
ATOM   223  C C   . ALA A 1 33 ? 8.221   -3.887  7.930   1.00 31.02 ? 39  ALA A C   1 
ATOM   224  O O   . ALA A 1 33 ? 8.694   -3.184  8.821   1.00 32.81 ? 39  ALA A O   1 
ATOM   225  C CB  . ALA A 1 33 ? 8.296   -6.376  8.240   1.00 27.78 ? 39  ALA A CB  1 
ATOM   226  N N   . GLU A 1 34 ? 8.359   -3.600  6.637   1.00 30.65 ? 40  GLU A N   1 
ATOM   227  C CA  . GLU A 1 34 ? 9.121   -2.432  6.196   1.00 32.01 ? 40  GLU A CA  1 
ATOM   228  C C   . GLU A 1 34 ? 8.603   -1.119  6.773   1.00 31.94 ? 40  GLU A C   1 
ATOM   229  O O   . GLU A 1 34 ? 9.349   -0.143  6.864   1.00 33.16 ? 40  GLU A O   1 
ATOM   230  C CB  . GLU A 1 34 ? 9.130   -2.335  4.662   1.00 29.88 ? 40  GLU A CB  1 
ATOM   231  C CG  . GLU A 1 34 ? 9.834   -3.496  3.966   1.00 30.57 ? 40  GLU A CG  1 
ATOM   232  C CD  . GLU A 1 34 ? 8.935   -4.709  3.758   1.00 30.14 ? 40  GLU A CD  1 
ATOM   233  O OE1 . GLU A 1 34 ? 7.895   -4.823  4.430   1.00 31.57 ? 40  GLU A OE1 1 
ATOM   234  O OE2 . GLU A 1 34 ? 9.274   -5.560  2.921   1.00 30.82 ? 40  GLU A OE2 1 
ATOM   235  N N   . ALA A 1 35 ? 7.336   -1.102  7.168   1.00 31.67 ? 41  ALA A N   1 
ATOM   236  C CA  . ALA A 1 35 ? 6.719   0.106   7.703   1.00 33.16 ? 41  ALA A CA  1 
ATOM   237  C C   . ALA A 1 35 ? 6.594   0.122   9.228   1.00 34.49 ? 41  ALA A C   1 
ATOM   238  O O   . ALA A 1 35 ? 5.997   1.035   9.794   1.00 36.61 ? 41  ALA A O   1 
ATOM   239  C CB  . ALA A 1 35 ? 5.336   0.295   7.062   1.00 30.11 ? 41  ALA A CB  1 
ATOM   240  N N   . LEU A 1 36 ? 7.151   -0.884  9.891   1.00 35.86 ? 42  LEU A N   1 
ATOM   241  C CA  . LEU A 1 36 ? 7.071   -0.967  11.346  1.00 36.72 ? 42  LEU A CA  1 
ATOM   242  C C   . LEU A 1 36 ? 7.684   0.266   12.022  1.00 36.55 ? 42  LEU A C   1 
ATOM   243  O O   . LEU A 1 36 ? 7.115   0.811   12.969  1.00 36.36 ? 42  LEU A O   1 
ATOM   244  C CB  . LEU A 1 36 ? 7.768   -2.244  11.831  1.00 37.33 ? 42  LEU A CB  1 
ATOM   245  C CG  . LEU A 1 36 ? 7.378   -2.736  13.226  1.00 39.13 ? 42  LEU A CG  1 
ATOM   246  C CD1 . LEU A 1 36 ? 5.859   -2.803  13.352  1.00 37.19 ? 42  LEU A CD1 1 
ATOM   247  C CD2 . LEU A 1 36 ? 8.001   -4.104  13.468  1.00 39.27 ? 42  LEU A CD2 1 
ATOM   248  N N   . ARG A 1 37 ? 8.841   0.694   11.526  1.00 36.54 ? 43  ARG A N   1 
ATOM   249  C CA  . ARG A 1 37 ? 9.537   1.867   12.047  1.00 38.08 ? 43  ARG A CA  1 
ATOM   250  C C   . ARG A 1 37 ? 8.663   3.115   12.026  1.00 36.94 ? 43  ARG A C   1 
ATOM   251  O O   . ARG A 1 37 ? 8.786   3.986   12.880  1.00 38.88 ? 43  ARG A O   1 
ATOM   252  C CB  . ARG A 1 37 ? 10.775  2.168   11.205  1.00 41.08 ? 43  ARG A CB  1 
ATOM   253  C CG  . ARG A 1 37 ? 12.081  1.647   11.755  1.00 46.31 ? 43  ARG A CG  1 
ATOM   254  C CD  . ARG A 1 37 ? 13.211  2.556   11.298  1.00 50.80 ? 43  ARG A CD  1 
ATOM   255  N NE  . ARG A 1 37 ? 12.945  3.941   11.689  1.00 54.17 ? 43  ARG A NE  1 
ATOM   256  C CZ  . ARG A 1 37 ? 13.689  4.982   11.330  1.00 54.34 ? 43  ARG A CZ  1 
ATOM   257  N NH1 . ARG A 1 37 ? 14.761  4.804   10.565  1.00 54.33 ? 43  ARG A NH1 1 
ATOM   258  N NH2 . ARG A 1 37 ? 13.358  6.201   11.735  1.00 52.83 ? 43  ARG A NH2 1 
ATOM   259  N N   . CYS A 1 38 ? 7.787   3.197   11.035  1.00 35.21 ? 44  CYS A N   1 
ATOM   260  C CA  . CYS A 1 38 ? 6.922   4.356   10.866  1.00 34.09 ? 44  CYS A CA  1 
ATOM   261  C C   . CYS A 1 38 ? 5.963   4.648   12.016  1.00 35.02 ? 44  CYS A C   1 
ATOM   262  O O   . CYS A 1 38 ? 5.421   5.755   12.114  1.00 34.11 ? 44  CYS A O   1 
ATOM   263  C CB  . CYS A 1 38 ? 6.153   4.216   9.553   1.00 31.28 ? 44  CYS A CB  1 
ATOM   264  S SG  . CYS A 1 38 ? 7.254   4.228   8.098   1.00 32.23 ? 44  CYS A SG  1 
ATOM   265  N N   . GLN A 1 39 ? 5.757   3.667   12.888  1.00 34.05 ? 45  GLN A N   1 
ATOM   266  C CA  . GLN A 1 39 ? 4.860   3.852   14.025  1.00 35.92 ? 45  GLN A CA  1 
ATOM   267  C C   . GLN A 1 39 ? 5.265   5.058   14.863  1.00 35.94 ? 45  GLN A C   1 
ATOM   268  O O   . GLN A 1 39 ? 4.422   5.733   15.450  1.00 35.52 ? 45  GLN A O   1 
ATOM   269  C CB  . GLN A 1 39 ? 4.845   2.598   14.898  1.00 36.54 ? 45  GLN A CB  1 
ATOM   270  C CG  . GLN A 1 39 ? 3.925   1.520   14.378  1.00 40.58 ? 45  GLN A CG  1 
ATOM   271  C CD  . GLN A 1 39 ? 2.492   2.011   14.236  1.00 40.17 ? 45  GLN A CD  1 
ATOM   272  O OE1 . GLN A 1 39 ? 1.933   2.614   15.155  1.00 43.03 ? 45  GLN A OE1 1 
ATOM   273  N NE2 . GLN A 1 39 ? 1.890   1.751   13.083  1.00 42.80 ? 45  GLN A NE2 1 
ATOM   274  N N   . GLU A 1 40 ? 6.564   5.322   14.910  1.00 36.79 ? 46  GLU A N   1 
ATOM   275  C CA  . GLU A 1 40 ? 7.086   6.450   15.661  1.00 39.21 ? 46  GLU A CA  1 
ATOM   276  C C   . GLU A 1 40 ? 6.416   7.765   15.245  1.00 38.91 ? 46  GLU A C   1 
ATOM   277  O O   . GLU A 1 40 ? 6.350   8.713   16.025  1.00 38.58 ? 46  GLU A O   1 
ATOM   278  C CB  . GLU A 1 40 ? 8.592   6.528   15.460  1.00 40.68 ? 46  GLU A CB  1 
ATOM   279  C CG  . GLU A 1 40 ? 9.279   7.632   16.215  1.00 42.84 ? 46  GLU A CG  1 
ATOM   280  C CD  . GLU A 1 40 ? 10.773  7.425   16.244  1.00 45.94 ? 46  GLU A CD  1 
ATOM   281  O OE1 . GLU A 1 40 ? 11.286  6.739   15.335  1.00 46.04 ? 46  GLU A OE1 1 
ATOM   282  O OE2 . GLU A 1 40 ? 11.434  7.947   17.166  1.00 51.14 ? 46  GLU A OE2 1 
ATOM   283  N N   . GLU A 1 41 ? 5.913   7.816   14.016  1.00 39.28 ? 47  GLU A N   1 
ATOM   284  C CA  . GLU A 1 41 ? 5.243   9.021   13.536  1.00 39.41 ? 47  GLU A CA  1 
ATOM   285  C C   . GLU A 1 41 ? 4.098   9.410   14.461  1.00 39.64 ? 47  GLU A C   1 
ATOM   286  O O   . GLU A 1 41 ? 3.835   10.594  14.673  1.00 41.70 ? 47  GLU A O   1 
ATOM   287  C CB  . GLU A 1 41 ? 4.710   8.814   12.117  1.00 37.88 ? 47  GLU A CB  1 
ATOM   288  C CG  . GLU A 1 41 ? 5.687   9.218   11.023  1.00 38.88 ? 47  GLU A CG  1 
ATOM   289  C CD  . GLU A 1 41 ? 6.027   10.707  11.073  1.00 40.11 ? 47  GLU A CD  1 
ATOM   290  O OE1 . GLU A 1 41 ? 5.106   11.521  11.293  1.00 39.75 ? 47  GLU A OE1 1 
ATOM   291  O OE2 . GLU A 1 41 ? 7.209   11.060  10.890  1.00 38.57 ? 47  GLU A OE2 1 
ATOM   292  N N   . ASN A 1 42 ? 3.419   8.413   15.017  1.00 39.91 ? 48  ASN A N   1 
ATOM   293  C CA  . ASN A 1 42 ? 2.309   8.671   15.927  1.00 40.39 ? 48  ASN A CA  1 
ATOM   294  C C   . ASN A 1 42 ? 2.733   9.459   17.161  1.00 40.46 ? 48  ASN A C   1 
ATOM   295  O O   . ASN A 1 42 ? 1.894   10.038  17.841  1.00 40.81 ? 48  ASN A O   1 
ATOM   296  C CB  . ASN A 1 42 ? 1.660   7.353   16.362  1.00 40.36 ? 48  ASN A CB  1 
ATOM   297  C CG  . ASN A 1 42 ? 0.603   6.877   15.389  1.00 42.73 ? 48  ASN A CG  1 
ATOM   298  O OD1 . ASN A 1 42 ? 0.300   5.687   15.325  1.00 43.75 ? 48  ASN A OD1 1 
ATOM   299  N ND2 . ASN A 1 42 ? 0.022   7.808   14.635  1.00 40.60 ? 48  ASN A ND2 1 
ATOM   300  N N   . TYR A 1 43 ? 4.030   9.487   17.450  1.00 41.16 ? 49  TYR A N   1 
ATOM   301  C CA  . TYR A 1 43 ? 4.521   10.217  18.613  1.00 42.87 ? 49  TYR A CA  1 
ATOM   302  C C   . TYR A 1 43 ? 5.309   11.462  18.214  1.00 45.08 ? 49  TYR A C   1 
ATOM   303  O O   . TYR A 1 43 ? 6.240   11.879  18.902  1.00 47.32 ? 49  TYR A O   1 
ATOM   304  C CB  . TYR A 1 43 ? 5.367   9.294   19.496  1.00 40.12 ? 49  TYR A CB  1 
ATOM   305  C CG  . TYR A 1 43 ? 4.613   8.046   19.907  1.00 40.11 ? 49  TYR A CG  1 
ATOM   306  C CD1 . TYR A 1 43 ? 4.507   6.958   19.041  1.00 39.73 ? 49  TYR A CD1 1 
ATOM   307  C CD2 . TYR A 1 43 ? 3.938   7.984   21.125  1.00 38.54 ? 49  TYR A CD2 1 
ATOM   308  C CE1 . TYR A 1 43 ? 3.742   5.843   19.370  1.00 38.51 ? 49  TYR A CE1 1 
ATOM   309  C CE2 . TYR A 1 43 ? 3.169   6.871   21.468  1.00 38.93 ? 49  TYR A CE2 1 
ATOM   310  C CZ  . TYR A 1 43 ? 3.075   5.805   20.584  1.00 40.95 ? 49  TYR A CZ  1 
ATOM   311  O OH  . TYR A 1 43 ? 2.305   4.708   20.904  1.00 40.48 ? 49  TYR A OH  1 
ATOM   312  N N   . LEU A 1 44 ? 4.915   12.040  17.085  1.00 46.32 ? 50  LEU A N   1 
ATOM   313  C CA  . LEU A 1 44 ? 5.519   13.256  16.551  1.00 46.96 ? 50  LEU A CA  1 
ATOM   314  C C   . LEU A 1 44 ? 4.365   14.050  15.952  1.00 48.84 ? 50  LEU A C   1 
ATOM   315  O O   . LEU A 1 44 ? 3.973   13.829  14.807  1.00 49.96 ? 50  LEU A O   1 
ATOM   316  C CB  . LEU A 1 44 ? 6.548   12.918  15.470  1.00 44.94 ? 50  LEU A CB  1 
ATOM   317  C CG  . LEU A 1 44 ? 7.742   12.074  15.922  1.00 44.67 ? 50  LEU A CG  1 
ATOM   318  C CD1 . LEU A 1 44 ? 8.639   11.771  14.741  1.00 45.07 ? 50  LEU A CD1 1 
ATOM   319  C CD2 . LEU A 1 44 ? 8.512   12.816  16.992  1.00 44.21 ? 50  LEU A CD2 1 
ATOM   320  N N   . PRO A 1 45 ? 3.792   14.977  16.737  1.00 51.55 ? 51  PRO A N   1 
ATOM   321  C CA  . PRO A 1 45 ? 2.666   15.828  16.328  1.00 52.37 ? 51  PRO A CA  1 
ATOM   322  C C   . PRO A 1 45 ? 2.966   16.715  15.119  1.00 52.90 ? 51  PRO A C   1 
ATOM   323  O O   . PRO A 1 45 ? 2.125   16.896  14.236  1.00 53.34 ? 51  PRO A O   1 
ATOM   324  C CB  . PRO A 1 45 ? 2.381   16.643  17.590  1.00 52.44 ? 51  PRO A CB  1 
ATOM   325  C CG  . PRO A 1 45 ? 3.745   16.792  18.198  1.00 52.09 ? 51  PRO A CG  1 
ATOM   326  C CD  . PRO A 1 45 ? 4.310   15.393  18.055  1.00 52.37 ? 51  PRO A CD  1 
ATOM   327  N N   . SER A 1 46 ? 4.172   17.264  15.095  1.00 51.65 ? 52  SER A N   1 
ATOM   328  C CA  . SER A 1 46 ? 4.606   18.136  14.017  1.00 51.86 ? 52  SER A CA  1 
ATOM   329  C C   . SER A 1 46 ? 4.674   17.403  12.681  1.00 50.86 ? 52  SER A C   1 
ATOM   330  O O   . SER A 1 46 ? 5.072   16.234  12.625  1.00 50.93 ? 52  SER A O   1 
ATOM   331  C CB  . SER A 1 46 ? 5.980   18.713  14.359  1.00 51.94 ? 52  SER A CB  1 
ATOM   332  O OG  . SER A 1 46 ? 6.814   17.698  14.900  1.00 54.37 ? 52  SER A OG  1 
ATOM   333  N N   . PRO A 1 47 ? 4.269   18.080  11.589  1.00 49.05 ? 53  PRO A N   1 
ATOM   334  C CA  . PRO A 1 47 ? 4.278   17.525  10.231  1.00 45.81 ? 53  PRO A CA  1 
ATOM   335  C C   . PRO A 1 47 ? 5.708   17.430  9.724   1.00 43.92 ? 53  PRO A C   1 
ATOM   336  O O   . PRO A 1 47 ? 6.581   18.158  10.188  1.00 44.52 ? 53  PRO A O   1 
ATOM   337  C CB  . PRO A 1 47 ? 3.466   18.545  9.434   1.00 45.90 ? 53  PRO A CB  1 
ATOM   338  C CG  . PRO A 1 47 ? 2.574   19.155  10.459  1.00 47.09 ? 53  PRO A CG  1 
ATOM   339  C CD  . PRO A 1 47 ? 3.508   19.339  11.619  1.00 47.79 ? 53  PRO A CD  1 
ATOM   340  N N   . CYS A 1 48 ? 5.949   16.540  8.770   1.00 41.96 ? 54  CYS A N   1 
ATOM   341  C CA  . CYS A 1 48 ? 7.287   16.379  8.217   1.00 41.02 ? 54  CYS A CA  1 
ATOM   342  C C   . CYS A 1 48 ? 7.293   16.747  6.733   1.00 40.50 ? 54  CYS A C   1 
ATOM   343  O O   . CYS A 1 48 ? 6.246   16.760  6.086   1.00 38.91 ? 54  CYS A O   1 
ATOM   344  C CB  . CYS A 1 48 ? 7.774   14.934  8.411   1.00 41.05 ? 54  CYS A CB  1 
ATOM   345  S SG  . CYS A 1 48 ? 6.818   13.656  7.517   1.00 42.39 ? 54  CYS A SG  1 
ATOM   346  N N   . GLN A 1 49 ? 8.472   17.055  6.205   1.00 40.35 ? 55  GLN A N   1 
ATOM   347  C CA  . GLN A 1 49 ? 8.614   17.419  4.801   1.00 43.64 ? 55  GLN A CA  1 
ATOM   348  C C   . GLN A 1 49 ? 9.149   16.240  3.995   1.00 45.06 ? 55  GLN A C   1 
ATOM   349  O O   . GLN A 1 49 ? 10.155  15.629  4.358   1.00 46.41 ? 55  GLN A O   1 
ATOM   350  C CB  . GLN A 1 49 ? 9.555   18.626  4.657   1.00 42.52 ? 55  GLN A CB  1 
ATOM   351  N N   . SER A 1 50 ? 8.471   15.924  2.897   1.00 47.48 ? 56  SER A N   1 
ATOM   352  C CA  . SER A 1 50 ? 8.878   14.818  2.037   1.00 48.99 ? 56  SER A CA  1 
ATOM   353  C C   . SER A 1 50 ? 9.443   15.339  0.720   1.00 50.58 ? 56  SER A C   1 
ATOM   354  O O   . SER A 1 50 ? 10.124  14.610  -0.006  1.00 51.61 ? 56  SER A O   1 
ATOM   355  C CB  . SER A 1 50 ? 7.682   13.911  1.752   1.00 48.63 ? 56  SER A CB  1 
ATOM   356  O OG  . SER A 1 50 ? 6.632   14.642  1.141   1.00 47.82 ? 56  SER A OG  1 
ATOM   357  N N   . GLY A 1 51 ? 9.154   16.604  0.420   1.00 50.11 ? 57  GLY A N   1 
ATOM   358  C CA  . GLY A 1 51 ? 9.631   17.200  -0.814  1.00 49.56 ? 57  GLY A CA  1 
ATOM   359  C C   . GLY A 1 51 ? 9.070   16.502  -2.041  1.00 49.46 ? 57  GLY A C   1 
ATOM   360  O O   . GLY A 1 51 ? 9.762   16.353  -3.048  1.00 49.41 ? 57  GLY A O   1 
ATOM   361  N N   . GLN A 1 52 ? 7.814   16.068  -1.955  1.00 48.01 ? 58  GLN A N   1 
ATOM   362  C CA  . GLN A 1 52 ? 7.161   15.378  -3.061  1.00 46.41 ? 58  GLN A CA  1 
ATOM   363  C C   . GLN A 1 52 ? 5.953   16.166  -3.544  1.00 44.99 ? 58  GLN A C   1 
ATOM   364  O O   . GLN A 1 52 ? 5.378   16.951  -2.792  1.00 44.74 ? 58  GLN A O   1 
ATOM   365  C CB  . GLN A 1 52 ? 6.713   13.977  -2.631  1.00 47.99 ? 58  GLN A CB  1 
ATOM   366  C CG  . GLN A 1 52 ? 7.842   13.066  -2.171  1.00 49.22 ? 58  GLN A CG  1 
ATOM   367  C CD  . GLN A 1 52 ? 8.941   12.921  -3.207  1.00 52.38 ? 58  GLN A CD  1 
ATOM   368  O OE1 . GLN A 1 52 ? 8.703   12.482  -4.333  1.00 53.34 ? 58  GLN A OE1 1 
ATOM   369  N NE2 . GLN A 1 52 ? 10.159  13.287  -2.827  1.00 54.33 ? 58  GLN A NE2 1 
ATOM   370  N N   . LYS A 1 53 ? 5.566   15.940  -4.796  1.00 43.37 ? 59  LYS A N   1 
ATOM   371  C CA  . LYS A 1 53 ? 4.436   16.643  -5.388  1.00 43.08 ? 59  LYS A CA  1 
ATOM   372  C C   . LYS A 1 53 ? 3.107   16.306  -4.738  1.00 43.62 ? 59  LYS A C   1 
ATOM   373  O O   . LYS A 1 53 ? 2.839   15.154  -4.401  1.00 42.61 ? 59  LYS A O   1 
ATOM   374  C CB  . LYS A 1 53 ? 4.316   16.336  -6.887  1.00 42.46 ? 59  LYS A CB  1 
ATOM   375  C CG  . LYS A 1 53 ? 3.175   17.112  -7.547  1.00 41.09 ? 59  LYS A CG  1 
ATOM   376  C CD  . LYS A 1 53 ? 2.511   16.364  -8.701  1.00 40.98 ? 59  LYS A CD  1 
ATOM   377  C CE  . LYS A 1 53 ? 3.379   16.339  -9.949  1.00 42.79 ? 59  LYS A CE  1 
ATOM   378  N NZ  . LYS A 1 53 ? 2.675   15.697  -11.101 1.00 43.09 ? 59  LYS A NZ  1 
ATOM   379  N N   . PRO A 1 54 ? 2.253   17.320  -4.550  1.00 44.91 ? 60  PRO A N   1 
ATOM   380  C CA  . PRO A 1 54 ? 0.946   17.071  -3.943  1.00 45.29 ? 60  PRO A CA  1 
ATOM   381  C C   . PRO A 1 54 ? 0.123   16.250  -4.932  1.00 46.09 ? 60  PRO A C   1 
ATOM   382  O O   . PRO A 1 54 ? 0.525   16.082  -6.085  1.00 47.00 ? 60  PRO A O   1 
ATOM   383  C CB  . PRO A 1 54 ? 0.380   18.477  -3.757  1.00 45.21 ? 60  PRO A CB  1 
ATOM   384  C CG  . PRO A 1 54 ? 1.616   19.312  -3.553  1.00 45.67 ? 60  PRO A CG  1 
ATOM   385  C CD  . PRO A 1 54 ? 2.538   18.764  -4.613  1.00 45.69 ? 60  PRO A CD  1 
ATOM   386  N N   . CYS A 1 55 ? -1.016  15.737  -4.483  1.00 46.57 ? 61  CYS A N   1 
ATOM   387  C CA  . CYS A 1 55 ? -1.900  14.950  -5.335  1.00 47.08 ? 61  CYS A CA  1 
ATOM   388  C C   . CYS A 1 55 ? -3.176  14.663  -4.561  1.00 49.40 ? 61  CYS A C   1 
ATOM   389  O O   . CYS A 1 55 ? -3.209  14.813  -3.339  1.00 48.60 ? 61  CYS A O   1 
ATOM   390  C CB  . CYS A 1 55 ? -1.223  13.642  -5.767  1.00 45.87 ? 61  CYS A CB  1 
ATOM   391  S SG  . CYS A 1 55 ? -0.509  12.676  -4.400  1.00 44.80 ? 61  CYS A SG  1 
ATOM   392  N N   . GLY A 1 56 ? -4.225  14.258  -5.270  1.00 51.78 ? 62  GLY A N   1 
ATOM   393  C CA  . GLY A 1 56 ? -5.489  13.985  -4.612  1.00 53.77 ? 62  GLY A CA  1 
ATOM   394  C C   . GLY A 1 56 ? -5.832  15.128  -3.673  1.00 54.35 ? 62  GLY A C   1 
ATOM   395  O O   . GLY A 1 56 ? -5.780  16.298  -4.060  1.00 54.35 ? 62  GLY A O   1 
ATOM   396  N N   . SER A 1 57 ? -6.174  14.794  -2.433  1.00 54.36 ? 63  SER A N   1 
ATOM   397  C CA  . SER A 1 57 ? -6.505  15.805  -1.437  1.00 54.37 ? 63  SER A CA  1 
ATOM   398  C C   . SER A 1 57 ? -5.791  15.474  -0.135  1.00 54.37 ? 63  SER A C   1 
ATOM   399  O O   . SER A 1 57 ? -6.221  14.601  0.621   1.00 54.36 ? 63  SER A O   1 
ATOM   400  C CB  . SER A 1 57 ? -8.020  15.863  -1.213  1.00 54.35 ? 63  SER A CB  1 
ATOM   401  O OG  . SER A 1 57 ? -8.550  14.572  -0.976  1.00 54.34 ? 63  SER A OG  1 
ATOM   402  N N   . GLY A 1 58 ? -4.692  16.176  0.121   1.00 54.40 ? 64  GLY A N   1 
ATOM   403  C CA  . GLY A 1 58 ? -3.926  15.928  1.327   1.00 53.20 ? 64  GLY A CA  1 
ATOM   404  C C   . GLY A 1 58 ? -2.900  14.857  1.026   1.00 52.03 ? 64  GLY A C   1 
ATOM   405  O O   . GLY A 1 58 ? -1.978  14.609  1.806   1.00 52.20 ? 64  GLY A O   1 
ATOM   406  N N   . GLY A 1 59 ? -3.066  14.223  -0.128  1.00 50.11 ? 65  GLY A N   1 
ATOM   407  C CA  . GLY A 1 59 ? -2.146  13.179  -0.529  1.00 48.14 ? 65  GLY A CA  1 
ATOM   408  C C   . GLY A 1 59 ? -0.873  13.748  -1.117  1.00 46.51 ? 65  GLY A C   1 
ATOM   409  O O   . GLY A 1 59 ? -0.826  14.908  -1.528  1.00 46.04 ? 65  GLY A O   1 
ATOM   410  N N   . ARG A 1 60 ? 0.164   12.918  -1.153  1.00 45.06 ? 66  ARG A N   1 
ATOM   411  C CA  . ARG A 1 60 ? 1.456   13.307  -1.692  1.00 42.56 ? 66  ARG A CA  1 
ATOM   412  C C   . ARG A 1 60 ? 1.932   12.167  -2.579  1.00 40.61 ? 66  ARG A C   1 
ATOM   413  O O   . ARG A 1 60 ? 1.685   11.001  -2.273  1.00 42.40 ? 66  ARG A O   1 
ATOM   414  C CB  . ARG A 1 60 ? 2.450   13.523  -0.553  1.00 43.93 ? 66  ARG A CB  1 
ATOM   415  C CG  . ARG A 1 60 ? 3.534   14.533  -0.858  1.00 49.04 ? 66  ARG A CG  1 
ATOM   416  C CD  . ARG A 1 60 ? 2.940   15.925  -0.977  1.00 51.72 ? 66  ARG A CD  1 
ATOM   417  N NE  . ARG A 1 60 ? 2.225   16.307  0.238   1.00 54.35 ? 66  ARG A NE  1 
ATOM   418  C CZ  . ARG A 1 60 ? 1.583   17.461  0.400   1.00 54.33 ? 66  ARG A CZ  1 
ATOM   419  N NH1 . ARG A 1 60 ? 1.563   18.355  -0.581  1.00 54.36 ? 66  ARG A NH1 1 
ATOM   420  N NH2 . ARG A 1 60 ? 0.970   17.727  1.548   1.00 54.33 ? 66  ARG A NH2 1 
ATOM   421  N N   . CYS A 1 61 ? 2.598   12.489  -3.683  1.00 37.95 ? 67  CYS A N   1 
ATOM   422  C CA  . CYS A 1 61 ? 3.097   11.450  -4.571  1.00 36.11 ? 67  CYS A CA  1 
ATOM   423  C C   . CYS A 1 61 ? 4.263   10.768  -3.865  1.00 35.38 ? 67  CYS A C   1 
ATOM   424  O O   . CYS A 1 61 ? 5.426   11.106  -4.093  1.00 32.24 ? 67  CYS A O   1 
ATOM   425  C CB  . CYS A 1 61 ? 3.562   12.045  -5.904  1.00 36.89 ? 67  CYS A CB  1 
ATOM   426  S SG  . CYS A 1 61 ? 2.237   12.604  -7.033  1.00 36.06 ? 67  CYS A SG  1 
ATOM   427  N N   . ALA A 1 62 ? 3.929   9.803   -3.008  1.00 34.70 ? 68  ALA A N   1 
ATOM   428  C CA  . ALA A 1 62 ? 4.905   9.063   -2.212  1.00 31.42 ? 68  ALA A CA  1 
ATOM   429  C C   . ALA A 1 62 ? 5.833   8.211   -3.058  1.00 30.27 ? 68  ALA A C   1 
ATOM   430  O O   . ALA A 1 62 ? 6.974   7.970   -2.682  1.00 29.63 ? 68  ALA A O   1 
ATOM   431  C CB  . ALA A 1 62 ? 4.188   8.190   -1.195  1.00 29.34 ? 68  ALA A CB  1 
ATOM   432  N N   . ALA A 1 63 ? 5.339   7.735   -4.192  1.00 30.88 ? 69  ALA A N   1 
ATOM   433  C CA  . ALA A 1 63 ? 6.155   6.912   -5.070  1.00 30.82 ? 69  ALA A CA  1 
ATOM   434  C C   . ALA A 1 63 ? 5.715   7.158   -6.492  1.00 30.65 ? 69  ALA A C   1 
ATOM   435  O O   . ALA A 1 63 ? 4.626   7.684   -6.725  1.00 30.24 ? 69  ALA A O   1 
ATOM   436  C CB  . ALA A 1 63 ? 5.996   5.431   -4.717  1.00 30.15 ? 69  ALA A CB  1 
ATOM   437  N N   . ALA A 1 64 ? 6.564   6.789   -7.444  1.00 32.55 ? 70  ALA A N   1 
ATOM   438  C CA  . ALA A 1 64 ? 6.225   6.960   -8.850  1.00 31.44 ? 70  ALA A CA  1 
ATOM   439  C C   . ALA A 1 64 ? 4.891   6.266   -9.095  1.00 31.38 ? 70  ALA A C   1 
ATOM   440  O O   . ALA A 1 64 ? 4.760   5.065   -8.879  1.00 31.36 ? 70  ALA A O   1 
ATOM   441  C CB  . ALA A 1 64 ? 7.310   6.343   -9.740  1.00 30.31 ? 70  ALA A CB  1 
ATOM   442  N N   . GLY A 1 65 ? 3.901   7.036   -9.525  1.00 33.11 ? 71  GLY A N   1 
ATOM   443  C CA  . GLY A 1 65 ? 2.595   6.476   -9.810  1.00 32.62 ? 71  GLY A CA  1 
ATOM   444  C C   . GLY A 1 65 ? 1.731   6.153   -8.608  1.00 32.02 ? 71  GLY A C   1 
ATOM   445  O O   . GLY A 1 65 ? 0.771   5.404   -8.733  1.00 33.66 ? 71  GLY A O   1 
ATOM   446  N N   . ILE A 1 66 ? 2.044   6.713   -7.447  1.00 30.93 ? 72  ILE A N   1 
ATOM   447  C CA  . ILE A 1 66 ? 1.251   6.421   -6.257  1.00 28.96 ? 72  ILE A CA  1 
ATOM   448  C C   . ILE A 1 66 ? 1.078   7.631   -5.368  1.00 28.61 ? 72  ILE A C   1 
ATOM   449  O O   . ILE A 1 66 ? 2.055   8.254   -4.963  1.00 25.13 ? 72  ILE A O   1 
ATOM   450  C CB  . ILE A 1 66 ? 1.890   5.296   -5.401  1.00 29.44 ? 72  ILE A CB  1 
ATOM   451  C CG1 . ILE A 1 66 ? 1.995   4.007   -6.215  1.00 28.44 ? 72  ILE A CG1 1 
ATOM   452  C CG2 . ILE A 1 66 ? 1.052   5.058   -4.140  1.00 27.63 ? 72  ILE A CG2 1 
ATOM   453  C CD1 . ILE A 1 66 ? 2.725   2.890   -5.484  1.00 28.48 ? 72  ILE A CD1 1 
ATOM   454  N N   . CYS A 1 67 ? -0.177  7.948   -5.065  1.00 28.97 ? 73  CYS A N   1 
ATOM   455  C CA  . CYS A 1 67 ? -0.509  9.071   -4.204  1.00 32.29 ? 73  CYS A CA  1 
ATOM   456  C C   . CYS A 1 67 ? -0.986  8.549   -2.847  1.00 31.88 ? 73  CYS A C   1 
ATOM   457  O O   . CYS A 1 67 ? -1.877  7.709   -2.785  1.00 29.68 ? 73  CYS A O   1 
ATOM   458  C CB  . CYS A 1 67 ? -1.622  9.915   -4.847  1.00 37.56 ? 73  CYS A CB  1 
ATOM   459  S SG  . CYS A 1 67 ? -2.002  11.408  -3.884  1.00 41.74 ? 73  CYS A SG  1 
ATOM   460  N N   . CYS A 1 68 ? -0.399  9.043   -1.762  1.00 33.00 ? 74  CYS A N   1 
ATOM   461  C CA  . CYS A 1 68 ? -0.799  8.589   -0.431  1.00 33.87 ? 74  CYS A CA  1 
ATOM   462  C C   . CYS A 1 68 ? -0.990  9.712   0.567   1.00 34.92 ? 74  CYS A C   1 
ATOM   463  O O   . CYS A 1 68 ? -0.329  10.746  0.491   1.00 36.77 ? 74  CYS A O   1 
ATOM   464  C CB  . CYS A 1 68 ? 0.251   7.674   0.204   1.00 31.85 ? 74  CYS A CB  1 
ATOM   465  S SG  . CYS A 1 68 ? 0.990   6.317   -0.740  1.00 33.05 ? 74  CYS A SG  1 
ATOM   466  N N   . ASN A 1 69 ? -1.888  9.485   1.518   1.00 36.18 ? 75  ASN A N   1 
ATOM   467  C CA  . ASN A 1 69 ? -2.107  10.426  2.599   1.00 38.78 ? 75  ASN A CA  1 
ATOM   468  C C   . ASN A 1 69 ? -1.641  9.660   3.832   1.00 40.41 ? 75  ASN A C   1 
ATOM   469  O O   . ASN A 1 69 ? -0.927  8.668   3.707   1.00 41.92 ? 75  ASN A O   1 
ATOM   470  C CB  . ASN A 1 69 ? -3.585  10.829  2.731   1.00 39.22 ? 75  ASN A CB  1 
ATOM   471  C CG  . ASN A 1 69 ? -4.526  9.656   2.643   1.00 40.66 ? 75  ASN A CG  1 
ATOM   472  O OD1 . ASN A 1 69 ? -4.399  8.683   3.381   1.00 42.25 ? 75  ASN A OD1 1 
ATOM   473  N ND2 . ASN A 1 69 ? -5.490  9.746   1.735   1.00 43.29 ? 75  ASN A ND2 1 
ATOM   474  N N   . ASP A 1 70 ? -2.039  10.104  5.014   1.00 40.71 ? 76  ASP A N   1 
ATOM   475  C CA  . ASP A 1 70 ? -1.624  9.438   6.239   1.00 41.10 ? 76  ASP A CA  1 
ATOM   476  C C   . ASP A 1 70 ? -2.159  8.027   6.448   1.00 38.69 ? 76  ASP A C   1 
ATOM   477  O O   . ASP A 1 70 ? -1.567  7.245   7.183   1.00 38.53 ? 76  ASP A O   1 
ATOM   478  C CB  . ASP A 1 70 ? -2.008  10.288  7.452   1.00 44.71 ? 76  ASP A CB  1 
ATOM   479  C CG  . ASP A 1 70 ? -0.949  11.304  7.803   1.00 50.85 ? 76  ASP A CG  1 
ATOM   480  O OD1 . ASP A 1 70 ? 0.196   10.893  8.103   1.00 54.41 ? 76  ASP A OD1 1 
ATOM   481  O OD2 . ASP A 1 70 ? -1.256  12.514  7.777   1.00 54.35 ? 76  ASP A OD2 1 
ATOM   482  N N   . GLU A 1 71 ? -3.259  7.689   5.794   1.00 37.18 ? 77  GLU A N   1 
ATOM   483  C CA  . GLU A 1 71 ? -3.855  6.382   6.007   1.00 37.34 ? 77  GLU A CA  1 
ATOM   484  C C   . GLU A 1 71 ? -4.175  5.583   4.750   1.00 36.33 ? 77  GLU A C   1 
ATOM   485  O O   . GLU A 1 71 ? -4.754  4.502   4.840   1.00 35.48 ? 77  GLU A O   1 
ATOM   486  C CB  . GLU A 1 71 ? -5.135  6.557   6.829   1.00 40.80 ? 77  GLU A CB  1 
ATOM   487  C CG  . GLU A 1 71 ? -6.211  7.359   6.092   1.00 46.48 ? 77  GLU A CG  1 
ATOM   488  C CD  . GLU A 1 71 ? -7.468  7.595   6.922   1.00 51.82 ? 77  GLU A CD  1 
ATOM   489  O OE1 . GLU A 1 71 ? -8.481  8.051   6.342   1.00 53.97 ? 77  GLU A OE1 1 
ATOM   490  O OE2 . GLU A 1 71 ? -7.446  7.333   8.145   1.00 51.79 ? 77  GLU A OE2 1 
ATOM   491  N N   . SER A 1 72 ? -3.813  6.098   3.581   1.00 33.27 ? 78  SER A N   1 
ATOM   492  C CA  . SER A 1 72 ? -4.107  5.374   2.354   1.00 30.64 ? 78  SER A CA  1 
ATOM   493  C C   . SER A 1 72 ? -3.188  5.735   1.194   1.00 31.33 ? 78  SER A C   1 
ATOM   494  O O   . SER A 1 72 ? -2.522  6.769   1.206   1.00 30.01 ? 78  SER A O   1 
ATOM   495  C CB  . SER A 1 72 ? -5.558  5.622   1.933   1.00 31.69 ? 78  SER A CB  1 
ATOM   496  O OG  . SER A 1 72 ? -5.751  6.967   1.518   1.00 28.13 ? 78  SER A OG  1 
ATOM   497  N N   . CYS A 1 73 ? -3.173  4.859   0.195   1.00 30.35 ? 79  CYS A N   1 
ATOM   498  C CA  . CYS A 1 73 ? -2.393  5.043   -1.018  1.00 31.90 ? 79  CYS A CA  1 
ATOM   499  C C   . CYS A 1 73 ? -3.283  4.633   -2.185  1.00 34.37 ? 79  CYS A C   1 
ATOM   500  O O   . CYS A 1 73 ? -4.129  3.744   -2.048  1.00 35.04 ? 79  CYS A O   1 
ATOM   501  C CB  . CYS A 1 73 ? -1.151  4.159   -1.026  1.00 30.85 ? 79  CYS A CB  1 
ATOM   502  S SG  . CYS A 1 73 ? 0.209   4.630   0.081   1.00 28.64 ? 79  CYS A SG  1 
ATOM   503  N N   . VAL A 1 74 ? -3.081  5.276   -3.328  1.00 35.04 ? 80  VAL A N   1 
ATOM   504  C CA  . VAL A 1 74 ? -3.863  4.992   -4.523  1.00 35.36 ? 80  VAL A CA  1 
ATOM   505  C C   . VAL A 1 74 ? -2.974  5.122   -5.749  1.00 35.49 ? 80  VAL A C   1 
ATOM   506  O O   . VAL A 1 74 ? -2.149  6.032   -5.828  1.00 35.38 ? 80  VAL A O   1 
ATOM   507  C CB  . VAL A 1 74 ? -5.029  6.000   -4.680  1.00 36.90 ? 80  VAL A CB  1 
ATOM   508  C CG1 . VAL A 1 74 ? -5.835  5.678   -5.926  1.00 37.21 ? 80  VAL A CG1 1 
ATOM   509  C CG2 . VAL A 1 74 ? -5.912  5.972   -3.456  1.00 39.66 ? 80  VAL A CG2 1 
ATOM   510  N N   . THR A 1 75 ? -3.135  4.210   -6.701  1.00 36.29 ? 81  THR A N   1 
ATOM   511  C CA  . THR A 1 75 ? -2.361  4.272   -7.933  1.00 36.13 ? 81  THR A CA  1 
ATOM   512  C C   . THR A 1 75 ? -2.805  5.559   -8.632  1.00 38.52 ? 81  THR A C   1 
ATOM   513  O O   . THR A 1 75 ? -3.995  5.771   -8.850  1.00 39.22 ? 81  THR A O   1 
ATOM   514  C CB  . THR A 1 75 ? -2.656  3.066   -8.820  1.00 33.29 ? 81  THR A CB  1 
ATOM   515  O OG1 . THR A 1 75 ? -4.059  2.998   -9.076  1.00 33.57 ? 81  THR A OG1 1 
ATOM   516  C CG2 . THR A 1 75 ? -2.210  1.787   -8.135  1.00 31.52 ? 81  THR A CG2 1 
ATOM   517  N N   . GLU A 1 76 ? -1.851  6.423   -8.966  1.00 40.15 ? 82  GLU A N   1 
ATOM   518  C CA  . GLU A 1 76 ? -2.168  7.699   -9.604  1.00 42.50 ? 82  GLU A CA  1 
ATOM   519  C C   . GLU A 1 76 ? -1.149  8.061   -10.684 1.00 44.43 ? 82  GLU A C   1 
ATOM   520  O O   . GLU A 1 76 ? -0.015  8.431   -10.380 1.00 45.06 ? 82  GLU A O   1 
ATOM   521  C CB  . GLU A 1 76 ? -2.220  8.799   -8.537  1.00 42.69 ? 82  GLU A CB  1 
ATOM   522  C CG  . GLU A 1 76 ? -2.219  10.216  -9.091  1.00 47.04 ? 82  GLU A CG  1 
ATOM   523  C CD  . GLU A 1 76 ? -3.376  10.472  -10.033 1.00 48.51 ? 82  GLU A CD  1 
ATOM   524  O OE1 . GLU A 1 76 ? -4.510  10.675  -9.548  1.00 48.98 ? 82  GLU A OE1 1 
ATOM   525  O OE2 . GLU A 1 76 ? -3.151  10.457  -11.261 1.00 48.47 ? 82  GLU A OE2 1 
ATOM   526  N N   . PRO A 1 77 ? -1.551  7.976   -11.965 1.00 45.85 ? 83  PRO A N   1 
ATOM   527  C CA  . PRO A 1 77 ? -0.679  8.289   -13.107 1.00 45.94 ? 83  PRO A CA  1 
ATOM   528  C C   . PRO A 1 77 ? -0.112  9.707   -13.049 1.00 45.45 ? 83  PRO A C   1 
ATOM   529  O O   . PRO A 1 77 ? 0.984   9.970   -13.533 1.00 43.64 ? 83  PRO A O   1 
ATOM   530  C CB  . PRO A 1 77 ? -1.598  8.069   -14.308 1.00 46.95 ? 83  PRO A CB  1 
ATOM   531  C CG  . PRO A 1 77 ? -2.947  8.434   -13.764 1.00 46.74 ? 83  PRO A CG  1 
ATOM   532  C CD  . PRO A 1 77 ? -2.933  7.741   -12.418 1.00 46.40 ? 83  PRO A CD  1 
ATOM   533  N N   . GLU A 1 78 ? -0.873  10.613  -12.451 1.00 45.48 ? 84  GLU A N   1 
ATOM   534  C CA  . GLU A 1 78 ? -0.455  11.997  -12.302 1.00 47.17 ? 84  GLU A CA  1 
ATOM   535  C C   . GLU A 1 78 ? 0.832   12.085  -11.477 1.00 47.06 ? 84  GLU A C   1 
ATOM   536  O O   . GLU A 1 78 ? 1.520   13.111  -11.485 1.00 46.76 ? 84  GLU A O   1 
ATOM   537  C CB  . GLU A 1 78 ? -1.575  12.786  -11.626 1.00 49.50 ? 84  GLU A CB  1 
ATOM   538  C CG  . GLU A 1 78 ? -1.181  14.143  -11.082 1.00 52.39 ? 84  GLU A CG  1 
ATOM   539  C CD  . GLU A 1 78 ? -2.352  14.843  -10.413 1.00 54.37 ? 84  GLU A CD  1 
ATOM   540  O OE1 . GLU A 1 78 ? -2.980  14.228  -9.517  1.00 54.34 ? 84  GLU A OE1 1 
ATOM   541  O OE2 . GLU A 1 78 ? -2.645  16.004  -10.783 1.00 54.27 ? 84  GLU A OE2 1 
ATOM   542  N N   . CYS A 1 79 ? 1.151   11.003  -10.772 1.00 45.91 ? 85  CYS A N   1 
ATOM   543  C CA  . CYS A 1 79 ? 2.350   10.942  -9.942  1.00 44.50 ? 85  CYS A CA  1 
ATOM   544  C C   . CYS A 1 79 ? 3.554   10.368  -10.670 1.00 45.57 ? 85  CYS A C   1 
ATOM   545  O O   . CYS A 1 79 ? 4.591   10.125  -10.059 1.00 43.88 ? 85  CYS A O   1 
ATOM   546  C CB  . CYS A 1 79 ? 2.099   10.096  -8.698  1.00 42.20 ? 85  CYS A CB  1 
ATOM   547  S SG  . CYS A 1 79 ? 1.161   10.920  -7.381  1.00 40.26 ? 85  CYS A SG  1 
ATOM   548  N N   . ARG A 1 80 ? 3.411   10.139  -11.970 1.00 48.46 ? 86  ARG A N   1 
ATOM   549  C CA  . ARG A 1 80 ? 4.500   9.595   -12.768 1.00 50.48 ? 86  ARG A CA  1 
ATOM   550  C C   . ARG A 1 80 ? 5.216   10.718  -13.503 1.00 52.19 ? 86  ARG A C   1 
ATOM   551  O O   . ARG A 1 80 ? 6.466   10.712  -13.510 1.00 54.41 ? 86  ARG A O   1 
ATOM   552  C CB  . ARG A 1 80 ? 3.965   8.580   -13.777 1.00 49.77 ? 86  ARG A CB  1 
ATOM   553  C CG  . ARG A 1 80 ? 2.922   7.657   -13.193 1.00 51.21 ? 86  ARG A CG  1 
ATOM   554  C CD  . ARG A 1 80 ? 3.069   6.238   -13.703 1.00 50.00 ? 86  ARG A CD  1 
ATOM   555  N NE  . ARG A 1 80 ? 4.298   5.623   -13.210 1.00 48.80 ? 86  ARG A NE  1 
ATOM   556  C CZ  . ARG A 1 80 ? 4.375   4.372   -12.770 1.00 47.09 ? 86  ARG A CZ  1 
ATOM   557  N NH1 . ARG A 1 80 ? 3.293   3.606   -12.761 1.00 45.71 ? 86  ARG A NH1 1 
ATOM   558  N NH2 . ARG A 1 80 ? 5.530   3.892   -12.330 1.00 44.32 ? 86  ARG A NH2 1 
ATOM   559  N N   . LEU B 1 1  ? -15.949 -18.866 -8.955  1.00 34.54 ? 7   LEU C N   1 
ATOM   560  C CA  . LEU B 1 1  ? -14.947 -17.921 -9.523  1.00 33.66 ? 7   LEU C CA  1 
ATOM   561  C C   . LEU B 1 1  ? -13.532 -18.396 -9.236  1.00 34.23 ? 7   LEU C C   1 
ATOM   562  O O   . LEU B 1 1  ? -13.298 -19.122 -8.275  1.00 34.57 ? 7   LEU C O   1 
ATOM   563  C CB  . LEU B 1 1  ? -15.134 -16.520 -8.935  1.00 30.63 ? 7   LEU C CB  1 
ATOM   564  C CG  . LEU B 1 1  ? -16.382 -15.735 -9.333  1.00 29.25 ? 7   LEU C CG  1 
ATOM   565  C CD1 . LEU B 1 1  ? -16.277 -14.324 -8.762  1.00 30.34 ? 7   LEU C CD1 1 
ATOM   566  C CD2 . LEU B 1 1  ? -16.504 -15.674 -10.853 1.00 28.66 ? 7   LEU C CD2 1 
ATOM   567  N N   . ARG B 1 2  ? -12.597 -17.985 -10.083 1.00 35.50 ? 8   ARG C N   1 
ATOM   568  C CA  . ARG B 1 2  ? -11.194 -18.359 -9.924  1.00 36.33 ? 8   ARG C CA  1 
ATOM   569  C C   . ARG B 1 2  ? -10.590 -17.685 -8.688  1.00 38.74 ? 8   ARG C C   1 
ATOM   570  O O   . ARG B 1 2  ? -11.038 -16.618 -8.263  1.00 37.98 ? 8   ARG C O   1 
ATOM   571  C CB  . ARG B 1 2  ? -10.393 -17.920 -11.154 1.00 34.20 ? 8   ARG C CB  1 
ATOM   572  C CG  . ARG B 1 2  ? -10.195 -16.407 -11.240 1.00 30.58 ? 8   ARG C CG  1 
ATOM   573  C CD  . ARG B 1 2  ? -9.426  -15.979 -12.498 1.00 30.77 ? 8   ARG C CD  1 
ATOM   574  N NE  . ARG B 1 2  ? -9.371  -14.521 -12.606 1.00 28.20 ? 8   ARG C NE  1 
ATOM   575  C CZ  . ARG B 1 2  ? -8.506  -13.743 -11.962 1.00 29.71 ? 8   ARG C CZ  1 
ATOM   576  N NH1 . ARG B 1 2  ? -7.590  -14.270 -11.158 1.00 27.48 ? 8   ARG C NH1 1 
ATOM   577  N NH2 . ARG B 1 2  ? -8.576  -12.425 -12.103 1.00 27.94 ? 8   ARG C NH2 1 
ATOM   578  N N   . GLN B 1 3  ? -9.573  -18.316 -8.111  1.00 41.25 ? 9   GLN C N   1 
ATOM   579  C CA  . GLN B 1 3  ? -8.888  -17.744 -6.960  1.00 42.75 ? 9   GLN C CA  1 
ATOM   580  C C   . GLN B 1 3  ? -8.005  -16.609 -7.474  1.00 41.68 ? 9   GLN C C   1 
ATOM   581  O O   . GLN B 1 3  ? -7.592  -16.610 -8.633  1.00 40.11 ? 9   GLN C O   1 
ATOM   582  C CB  . GLN B 1 3  ? -8.014  -18.803 -6.282  1.00 46.96 ? 9   GLN C CB  1 
ATOM   583  C CG  . GLN B 1 3  ? -8.776  -19.774 -5.403  1.00 50.58 ? 9   GLN C CG  1 
ATOM   584  C CD  . GLN B 1 3  ? -9.294  -19.118 -4.139  1.00 54.40 ? 9   GLN C CD  1 
ATOM   585  O OE1 . GLN B 1 3  ? -8.519  -18.775 -3.243  1.00 54.37 ? 9   GLN C OE1 1 
ATOM   586  N NE2 . GLN B 1 3  ? -10.612 -18.928 -4.063  1.00 54.38 ? 9   GLN C NE2 1 
ATOM   587  N N   . CYS B 1 4  ? -7.722  -15.634 -6.621  1.00 41.61 ? 10  CYS C N   1 
ATOM   588  C CA  . CYS B 1 4  ? -6.876  -14.523 -7.027  1.00 41.12 ? 10  CYS C CA  1 
ATOM   589  C C   . CYS B 1 4  ? -5.433  -15.006 -7.130  1.00 40.19 ? 10  CYS C C   1 
ATOM   590  O O   . CYS B 1 4  ? -5.034  -15.933 -6.426  1.00 40.83 ? 10  CYS C O   1 
ATOM   591  C CB  . CYS B 1 4  ? -6.993  -13.383 -6.021  1.00 41.26 ? 10  CYS C CB  1 
ATOM   592  S SG  . CYS B 1 4  ? -8.699  -12.771 -5.833  1.00 41.53 ? 10  CYS C SG  1 
ATOM   593  N N   . LEU B 1 5  ? -4.660  -14.387 -8.016  1.00 38.01 ? 11  LEU C N   1 
ATOM   594  C CA  . LEU B 1 5  ? -3.270  -14.776 -8.226  1.00 37.89 ? 11  LEU C CA  1 
ATOM   595  C C   . LEU B 1 5  ? -2.395  -14.652 -6.985  1.00 37.48 ? 11  LEU C C   1 
ATOM   596  O O   . LEU B 1 5  ? -2.480  -13.668 -6.246  1.00 36.86 ? 11  LEU C O   1 
ATOM   597  C CB  . LEU B 1 5  ? -2.644  -13.942 -9.354  1.00 37.30 ? 11  LEU C CB  1 
ATOM   598  C CG  . LEU B 1 5  ? -3.218  -14.127 -10.761 1.00 38.69 ? 11  LEU C CG  1 
ATOM   599  C CD1 . LEU B 1 5  ? -2.421  -13.290 -11.753 1.00 40.41 ? 11  LEU C CD1 1 
ATOM   600  C CD2 . LEU B 1 5  ? -3.155  -15.594 -11.151 1.00 38.51 ? 11  LEU C CD2 1 
ATOM   601  N N   . PRO B 1 6  ? -1.556  -15.668 -6.728  1.00 36.64 ? 12  PRO C N   1 
ATOM   602  C CA  . PRO B 1 6  ? -0.650  -15.664 -5.573  1.00 36.32 ? 12  PRO C CA  1 
ATOM   603  C C   . PRO B 1 6  ? 0.507   -14.706 -5.875  1.00 35.57 ? 12  PRO C C   1 
ATOM   604  O O   . PRO B 1 6  ? 0.870   -14.517 -7.032  1.00 35.55 ? 12  PRO C O   1 
ATOM   605  C CB  . PRO B 1 6  ? -0.201  -17.120 -5.478  1.00 34.37 ? 12  PRO C CB  1 
ATOM   606  C CG  . PRO B 1 6  ? -0.215  -17.570 -6.916  1.00 33.42 ? 12  PRO C CG  1 
ATOM   607  C CD  . PRO B 1 6  ? -1.516  -16.970 -7.422  1.00 36.04 ? 12  PRO C CD  1 
ATOM   608  N N   . CYS B 1 7  ? 1.077   -14.099 -4.841  1.00 35.86 ? 13  CYS C N   1 
ATOM   609  C CA  . CYS B 1 7  ? 2.167   -13.145 -5.033  1.00 36.38 ? 13  CYS C CA  1 
ATOM   610  C C   . CYS B 1 7  ? 2.926   -12.958 -3.734  1.00 37.36 ? 13  CYS C C   1 
ATOM   611  O O   . CYS B 1 7  ? 2.560   -13.524 -2.708  1.00 38.81 ? 13  CYS C O   1 
ATOM   612  C CB  . CYS B 1 7  ? 1.600   -11.788 -5.465  1.00 32.11 ? 13  CYS C CB  1 
ATOM   613  S SG  . CYS B 1 7  ? 0.392   -11.175 -4.244  1.00 29.95 ? 13  CYS C SG  1 
ATOM   614  N N   . GLY B 1 8  ? 3.982   -12.154 -3.790  1.00 38.14 ? 14  GLY C N   1 
ATOM   615  C CA  . GLY B 1 8  ? 4.769   -11.870 -2.607  1.00 39.46 ? 14  GLY C CA  1 
ATOM   616  C C   . GLY B 1 8  ? 5.598   -13.014 -2.065  1.00 40.85 ? 14  GLY C C   1 
ATOM   617  O O   . GLY B 1 8  ? 5.713   -14.067 -2.697  1.00 40.92 ? 14  GLY C O   1 
ATOM   618  N N   . PRO B 1 9  ? 6.194   -12.826 -0.877  1.00 41.92 ? 15  PRO C N   1 
ATOM   619  C CA  . PRO B 1 9  ? 7.038   -13.813 -0.197  1.00 43.73 ? 15  PRO C CA  1 
ATOM   620  C C   . PRO B 1 9  ? 6.396   -15.191 -0.081  1.00 45.09 ? 15  PRO C C   1 
ATOM   621  O O   . PRO B 1 9  ? 5.360   -15.355 0.564   1.00 45.03 ? 15  PRO C O   1 
ATOM   622  C CB  . PRO B 1 9  ? 7.274   -13.181 1.173   1.00 43.10 ? 15  PRO C CB  1 
ATOM   623  C CG  . PRO B 1 9  ? 7.227   -11.723 0.885   1.00 41.99 ? 15  PRO C CG  1 
ATOM   624  C CD  . PRO B 1 9  ? 6.064   -11.604 -0.062  1.00 41.56 ? 15  PRO C CD  1 
ATOM   625  N N   . GLY B 1 10 ? 7.025   -16.180 -0.710  1.00 46.21 ? 16  GLY C N   1 
ATOM   626  C CA  . GLY B 1 10 ? 6.520   -17.540 -0.651  1.00 46.60 ? 16  GLY C CA  1 
ATOM   627  C C   . GLY B 1 10 ? 5.106   -17.710 -1.165  1.00 46.54 ? 16  GLY C C   1 
ATOM   628  O O   . GLY B 1 10 ? 4.441   -18.693 -0.842  1.00 47.50 ? 16  GLY C O   1 
ATOM   629  N N   . GLY B 1 11 ? 4.647   -16.755 -1.969  1.00 45.66 ? 17  GLY C N   1 
ATOM   630  C CA  . GLY B 1 11 ? 3.306   -16.829 -2.516  1.00 43.98 ? 17  GLY C CA  1 
ATOM   631  C C   . GLY B 1 11 ? 2.247   -16.811 -1.433  1.00 43.60 ? 17  GLY C C   1 
ATOM   632  O O   . GLY B 1 11 ? 1.149   -17.322 -1.629  1.00 44.06 ? 17  GLY C O   1 
ATOM   633  N N   . LYS B 1 12 ? 2.572   -16.212 -0.291  1.00 42.94 ? 18  LYS C N   1 
ATOM   634  C CA  . LYS B 1 12 ? 1.641   -16.139 0.826   1.00 41.23 ? 18  LYS C CA  1 
ATOM   635  C C   . LYS B 1 12 ? 0.608   -15.031 0.643   1.00 39.03 ? 18  LYS C C   1 
ATOM   636  O O   . LYS B 1 12 ? -0.383  -14.971 1.369   1.00 39.13 ? 18  LYS C O   1 
ATOM   637  C CB  . LYS B 1 12 ? 2.410   -15.922 2.130   1.00 44.62 ? 18  LYS C CB  1 
ATOM   638  C CG  . LYS B 1 12 ? 3.390   -17.048 2.459   1.00 48.47 ? 18  LYS C CG  1 
ATOM   639  C CD  . LYS B 1 12 ? 4.236   -16.727 3.693   1.00 52.33 ? 18  LYS C CD  1 
ATOM   640  C CE  . LYS B 1 12 ? 5.122   -15.502 3.471   1.00 54.38 ? 18  LYS C CE  1 
ATOM   641  N NZ  . LYS B 1 12 ? 6.029   -15.231 4.627   1.00 54.36 ? 18  LYS C NZ  1 
ATOM   642  N N   . GLY B 1 13 ? 0.845   -14.156 -0.330  1.00 36.55 ? 19  GLY C N   1 
ATOM   643  C CA  . GLY B 1 13 ? -0.087  -13.074 -0.592  1.00 33.27 ? 19  GLY C CA  1 
ATOM   644  C C   . GLY B 1 13 ? -0.962  -13.338 -1.803  1.00 32.51 ? 19  GLY C C   1 
ATOM   645  O O   . GLY B 1 13 ? -0.767  -14.312 -2.523  1.00 32.08 ? 19  GLY C O   1 
ATOM   646  N N   . ARG B 1 14 ? -1.935  -12.468 -2.031  1.00 33.28 ? 20  ARG C N   1 
ATOM   647  C CA  . ARG B 1 14 ? -2.831  -12.607 -3.170  1.00 33.04 ? 20  ARG C CA  1 
ATOM   648  C C   . ARG B 1 14 ? -2.974  -11.259 -3.853  1.00 32.11 ? 20  ARG C C   1 
ATOM   649  O O   . ARG B 1 14 ? -2.873  -10.217 -3.202  1.00 32.32 ? 20  ARG C O   1 
ATOM   650  C CB  . ARG B 1 14 ? -4.201  -13.083 -2.708  1.00 35.64 ? 20  ARG C CB  1 
ATOM   651  C CG  . ARG B 1 14 ? -4.204  -14.465 -2.094  1.00 41.11 ? 20  ARG C CG  1 
ATOM   652  C CD  . ARG B 1 14 ? -3.940  -15.535 -3.134  1.00 42.78 ? 20  ARG C CD  1 
ATOM   653  N NE  . ARG B 1 14 ? -4.170  -16.860 -2.576  1.00 48.43 ? 20  ARG C NE  1 
ATOM   654  C CZ  . ARG B 1 14 ? -4.281  -17.967 -3.300  1.00 52.76 ? 20  ARG C CZ  1 
ATOM   655  N NH1 . ARG B 1 14 ? -4.180  -17.912 -4.623  1.00 54.40 ? 20  ARG C NH1 1 
ATOM   656  N NH2 . ARG B 1 14 ? -4.510  -19.131 -2.702  1.00 54.39 ? 20  ARG C NH2 1 
ATOM   657  N N   . CYS B 1 15 ? -3.220  -11.281 -5.158  1.00 30.31 ? 21  CYS C N   1 
ATOM   658  C CA  . CYS B 1 15 ? -3.382  -10.048 -5.917  1.00 31.55 ? 21  CYS C CA  1 
ATOM   659  C C   . CYS B 1 15 ? -4.792  -9.496  -5.823  1.00 31.72 ? 21  CYS C C   1 
ATOM   660  O O   . CYS B 1 15 ? -5.754  -10.143 -6.233  1.00 33.18 ? 21  CYS C O   1 
ATOM   661  C CB  . CYS B 1 15 ? -3.047  -10.273 -7.387  1.00 29.35 ? 21  CYS C CB  1 
ATOM   662  S SG  . CYS B 1 15 ? -1.320  -10.733 -7.719  1.00 28.89 ? 21  CYS C SG  1 
ATOM   663  N N   . PHE B 1 16 ? -4.907  -8.286  -5.291  1.00 32.95 ? 22  PHE C N   1 
ATOM   664  C CA  . PHE B 1 16 ? -6.196  -7.644  -5.157  1.00 32.80 ? 22  PHE C CA  1 
ATOM   665  C C   . PHE B 1 16 ? -6.386  -6.655  -6.286  1.00 32.37 ? 22  PHE C C   1 
ATOM   666  O O   . PHE B 1 16 ? -7.473  -6.125  -6.482  1.00 32.16 ? 22  PHE C O   1 
ATOM   667  C CB  . PHE B 1 16 ? -6.295  -6.963  -3.791  1.00 33.88 ? 22  PHE C CB  1 
ATOM   668  C CG  . PHE B 1 16 ? -6.376  -7.940  -2.660  1.00 35.13 ? 22  PHE C CG  1 
ATOM   669  C CD1 . PHE B 1 16 ? -5.253  -8.659  -2.267  1.00 35.88 ? 22  PHE C CD1 1 
ATOM   670  C CD2 . PHE B 1 16 ? -7.594  -8.226  -2.061  1.00 35.89 ? 22  PHE C CD2 1 
ATOM   671  C CE1 . PHE B 1 16 ? -5.342  -9.650  -1.300  1.00 34.70 ? 22  PHE C CE1 1 
ATOM   672  C CE2 . PHE B 1 16 ? -7.693  -9.219  -1.090  1.00 36.83 ? 22  PHE C CE2 1 
ATOM   673  C CZ  . PHE B 1 16 ? -6.565  -9.933  -0.711  1.00 35.24 ? 22  PHE C CZ  1 
ATOM   674  N N   . GLY B 1 17 ? -5.308  -6.437  -7.037  1.00 31.88 ? 23  GLY C N   1 
ATOM   675  C CA  . GLY B 1 17 ? -5.340  -5.530  -8.164  1.00 29.35 ? 23  GLY C CA  1 
ATOM   676  C C   . GLY B 1 17 ? -4.105  -5.744  -9.019  1.00 28.56 ? 23  GLY C C   1 
ATOM   677  O O   . GLY B 1 17 ? -3.280  -6.603  -8.700  1.00 26.21 ? 23  GLY C O   1 
ATOM   678  N N   . PRO B 1 18 ? -3.948  -4.992  -10.120 1.00 29.17 ? 24  PRO C N   1 
ATOM   679  C CA  . PRO B 1 18 ? -2.757  -5.175  -10.959 1.00 29.20 ? 24  PRO C CA  1 
ATOM   680  C C   . PRO B 1 18 ? -1.480  -4.838  -10.197 1.00 29.92 ? 24  PRO C C   1 
ATOM   681  O O   . PRO B 1 18 ? -0.430  -5.426  -10.443 1.00 29.88 ? 24  PRO C O   1 
ATOM   682  C CB  . PRO B 1 18 ? -3.004  -4.227  -12.133 1.00 27.76 ? 24  PRO C CB  1 
ATOM   683  C CG  . PRO B 1 18 ? -3.896  -3.174  -11.546 1.00 30.77 ? 24  PRO C CG  1 
ATOM   684  C CD  . PRO B 1 18 ? -4.853  -3.992  -10.709 1.00 28.69 ? 24  PRO C CD  1 
ATOM   685  N N   . SER B 1 19 ? -1.581  -3.908  -9.251  1.00 29.64 ? 25  SER C N   1 
ATOM   686  C CA  . SER B 1 19 ? -0.417  -3.501  -8.472  1.00 29.63 ? 25  SER C CA  1 
ATOM   687  C C   . SER B 1 19 ? -0.548  -3.728  -6.979  1.00 28.73 ? 25  SER C C   1 
ATOM   688  O O   . SER B 1 19 ? 0.279   -3.241  -6.210  1.00 30.06 ? 25  SER C O   1 
ATOM   689  C CB  . SER B 1 19 ? -0.109  -2.018  -8.720  1.00 29.71 ? 25  SER C CB  1 
ATOM   690  O OG  . SER B 1 19 ? 0.319   -1.823  -10.050 1.00 31.16 ? 25  SER C OG  1 
ATOM   691  N N   . ILE B 1 20 ? -1.582  -4.452  -6.562  1.00 27.70 ? 26  ILE C N   1 
ATOM   692  C CA  . ILE B 1 20 ? -1.773  -4.698  -5.140  1.00 27.00 ? 26  ILE C CA  1 
ATOM   693  C C   . ILE B 1 20 ? -1.608  -6.154  -4.742  1.00 25.98 ? 26  ILE C C   1 
ATOM   694  O O   . ILE B 1 20 ? -2.321  -7.036  -5.226  1.00 24.89 ? 26  ILE C O   1 
ATOM   695  C CB  . ILE B 1 20 ? -3.157  -4.238  -4.664  1.00 28.96 ? 26  ILE C CB  1 
ATOM   696  C CG1 . ILE B 1 20 ? -3.445  -2.819  -5.153  1.00 30.25 ? 26  ILE C CG1 1 
ATOM   697  C CG2 . ILE B 1 20 ? -3.214  -4.273  -3.139  1.00 28.30 ? 26  ILE C CG2 1 
ATOM   698  C CD1 . ILE B 1 20 ? -2.546  -1.787  -4.574  1.00 30.76 ? 26  ILE C CD1 1 
ATOM   699  N N   . CYS B 1 21 ? -0.647  -6.398  -3.855  1.00 25.66 ? 27  CYS C N   1 
ATOM   700  C CA  . CYS B 1 21 ? -0.389  -7.733  -3.349  1.00 23.85 ? 27  CYS C CA  1 
ATOM   701  C C   . CYS B 1 21 ? -0.456  -7.667  -1.813  1.00 27.58 ? 27  CYS C C   1 
ATOM   702  O O   . CYS B 1 21 ? 0.286   -6.907  -1.182  1.00 28.23 ? 27  CYS C O   1 
ATOM   703  C CB  . CYS B 1 21 ? 0.987   -8.229  -3.803  1.00 20.82 ? 27  CYS C CB  1 
ATOM   704  S SG  . CYS B 1 21 ? 1.400   -9.845  -3.074  1.00 26.55 ? 27  CYS C SG  1 
ATOM   705  N N   . CYS B 1 22 ? -1.347  -8.458  -1.217  1.00 25.80 ? 28  CYS C N   1 
ATOM   706  C CA  . CYS B 1 22 ? -1.510  -8.469  0.238   1.00 27.02 ? 28  CYS C CA  1 
ATOM   707  C C   . CYS B 1 22 ? -1.686  -9.865  0.835   1.00 29.09 ? 28  CYS C C   1 
ATOM   708  O O   . CYS B 1 22 ? -2.193  -10.785 0.185   1.00 30.56 ? 28  CYS C O   1 
ATOM   709  C CB  . CYS B 1 22 ? -2.742  -7.670  0.662   1.00 26.71 ? 28  CYS C CB  1 
ATOM   710  S SG  . CYS B 1 22 ? -3.017  -5.992  0.002   1.00 28.06 ? 28  CYS C SG  1 
ATOM   711  N N   . GLY B 1 23 ? -1.288  -9.980  2.099   1.00 31.62 ? 29  GLY C N   1 
ATOM   712  C CA  . GLY B 1 23 ? -1.411  -11.210 2.860   1.00 32.52 ? 29  GLY C CA  1 
ATOM   713  C C   . GLY B 1 23 ? -1.854  -10.798 4.256   1.00 34.16 ? 29  GLY C C   1 
ATOM   714  O O   . GLY B 1 23 ? -1.414  -9.759  4.750   1.00 33.47 ? 29  GLY C O   1 
ATOM   715  N N   . ASP B 1 24 ? -2.721  -11.585 4.893   1.00 34.53 ? 30  ASP C N   1 
ATOM   716  C CA  . ASP B 1 24 ? -3.214  -11.245 6.227   1.00 37.05 ? 30  ASP C CA  1 
ATOM   717  C C   . ASP B 1 24 ? -2.154  -10.825 7.237   1.00 35.62 ? 30  ASP C C   1 
ATOM   718  O O   . ASP B 1 24 ? -2.335  -9.850  7.963   1.00 34.58 ? 30  ASP C O   1 
ATOM   719  C CB  . ASP B 1 24 ? -4.031  -12.402 6.815   1.00 40.91 ? 30  ASP C CB  1 
ATOM   720  C CG  . ASP B 1 24 ? -5.490  -12.350 6.398   1.00 44.77 ? 30  ASP C CG  1 
ATOM   721  O OD1 . ASP B 1 24 ? -6.066  -11.239 6.404   1.00 46.71 ? 30  ASP C OD1 1 
ATOM   722  O OD2 . ASP B 1 24 ? -6.062  -13.414 6.074   1.00 46.54 ? 30  ASP C OD2 1 
ATOM   723  N N   . GLU B 1 25 ? -1.052  -11.558 7.275   1.00 36.64 ? 31  GLU C N   1 
ATOM   724  C CA  . GLU B 1 25 ? 0.032   -11.273 8.202   1.00 37.25 ? 31  GLU C CA  1 
ATOM   725  C C   . GLU B 1 25 ? 1.155   -10.464 7.559   1.00 36.23 ? 31  GLU C C   1 
ATOM   726  O O   . GLU B 1 25 ? 1.946   -9.831  8.248   1.00 37.64 ? 31  GLU C O   1 
ATOM   727  C CB  . GLU B 1 25 ? 0.598   -12.585 8.751   1.00 40.27 ? 31  GLU C CB  1 
ATOM   728  C CG  . GLU B 1 25 ? 1.205   -13.507 7.691   1.00 47.43 ? 31  GLU C CG  1 
ATOM   729  C CD  . GLU B 1 25 ? 0.189   -14.008 6.665   1.00 50.19 ? 31  GLU C CD  1 
ATOM   730  O OE1 . GLU B 1 25 ? -0.804  -14.656 7.064   1.00 49.73 ? 31  GLU C OE1 1 
ATOM   731  O OE2 . GLU B 1 25 ? 0.393   -13.761 5.453   1.00 48.44 ? 31  GLU C OE2 1 
ATOM   732  N N   . LEU B 1 26 ? 1.220   -10.491 6.234   1.00 34.13 ? 32  LEU C N   1 
ATOM   733  C CA  . LEU B 1 26 ? 2.253   -9.774  5.500   1.00 32.33 ? 32  LEU C CA  1 
ATOM   734  C C   . LEU B 1 26 ? 2.021   -8.270  5.358   1.00 28.87 ? 32  LEU C C   1 
ATOM   735  O O   . LEU B 1 26 ? 2.970   -7.492  5.332   1.00 28.80 ? 32  LEU C O   1 
ATOM   736  C CB  . LEU B 1 26 ? 2.402   -10.375 4.101   1.00 33.97 ? 32  LEU C CB  1 
ATOM   737  C CG  . LEU B 1 26 ? 3.087   -11.740 4.018   1.00 36.67 ? 32  LEU C CG  1 
ATOM   738  C CD1 . LEU B 1 26 ? 3.041   -12.251 2.588   1.00 35.89 ? 32  LEU C CD1 1 
ATOM   739  C CD2 . LEU B 1 26 ? 4.534   -11.610 4.499   1.00 37.33 ? 32  LEU C CD2 1 
ATOM   740  N N   . GLY B 1 27 ? 0.758   -7.873  5.275   1.00 25.74 ? 33  GLY C N   1 
ATOM   741  C CA  . GLY B 1 27 ? 0.428   -6.475  5.079   1.00 24.07 ? 33  GLY C CA  1 
ATOM   742  C C   . GLY B 1 27 ? 0.152   -6.317  3.591   1.00 23.60 ? 33  GLY C C   1 
ATOM   743  O O   . GLY B 1 27 ? -0.176  -7.296  2.917   1.00 23.41 ? 33  GLY C O   1 
ATOM   744  N N   . CYS B 1 28 ? 0.278   -5.105  3.064   1.00 21.63 ? 34  CYS C N   1 
ATOM   745  C CA  . CYS B 1 28 ? 0.039   -4.887  1.644   1.00 22.28 ? 34  CYS C CA  1 
ATOM   746  C C   . CYS B 1 28 ? 1.196   -4.230  0.911   1.00 20.45 ? 34  CYS C C   1 
ATOM   747  O O   . CYS B 1 28 ? 1.779   -3.266  1.401   1.00 22.68 ? 34  CYS C O   1 
ATOM   748  C CB  . CYS B 1 28 ? -1.190  -4.019  1.433   1.00 22.86 ? 34  CYS C CB  1 
ATOM   749  S SG  . CYS B 1 28 ? -2.812  -4.806  1.630   1.00 24.31 ? 34  CYS C SG  1 
ATOM   750  N N   . PHE B 1 29 ? 1.521   -4.751  -0.267  1.00 21.22 ? 35  PHE C N   1 
ATOM   751  C CA  . PHE B 1 29 ? 2.592   -4.176  -1.085  1.00 20.52 ? 35  PHE C CA  1 
ATOM   752  C C   . PHE B 1 29 ? 1.923   -3.483  -2.260  1.00 21.16 ? 35  PHE C C   1 
ATOM   753  O O   . PHE B 1 29 ? 1.227   -4.127  -3.046  1.00 25.27 ? 35  PHE C O   1 
ATOM   754  C CB  . PHE B 1 29 ? 3.533   -5.254  -1.612  1.00 21.20 ? 35  PHE C CB  1 
ATOM   755  C CG  . PHE B 1 29 ? 4.173   -6.086  -0.540  1.00 24.15 ? 35  PHE C CG  1 
ATOM   756  C CD1 . PHE B 1 29 ? 3.531   -7.218  -0.042  1.00 29.41 ? 35  PHE C CD1 1 
ATOM   757  C CD2 . PHE B 1 29 ? 5.419   -5.745  -0.029  1.00 24.73 ? 35  PHE C CD2 1 
ATOM   758  C CE1 . PHE B 1 29 ? 4.124   -8.003  0.958   1.00 29.76 ? 35  PHE C CE1 1 
ATOM   759  C CE2 . PHE B 1 29 ? 6.023   -6.516  0.967   1.00 27.93 ? 35  PHE C CE2 1 
ATOM   760  C CZ  . PHE B 1 29 ? 5.377   -7.649  1.462   1.00 29.64 ? 35  PHE C CZ  1 
ATOM   761  N N   . VAL B 1 30 ? 2.118   -2.172  -2.370  1.00 19.80 ? 36  VAL C N   1 
ATOM   762  C CA  . VAL B 1 30 ? 1.512   -1.399  -3.448  1.00 19.76 ? 36  VAL C CA  1 
ATOM   763  C C   . VAL B 1 30 ? 2.540   -0.774  -4.393  1.00 21.40 ? 36  VAL C C   1 
ATOM   764  O O   . VAL B 1 30 ? 3.209   0.202   -4.055  1.00 21.56 ? 36  VAL C O   1 
ATOM   765  C CB  . VAL B 1 30 ? 0.601   -0.278  -2.892  1.00 21.15 ? 36  VAL C CB  1 
ATOM   766  C CG1 . VAL B 1 30 ? -0.083  0.447   -4.043  1.00 18.38 ? 36  VAL C CG1 1 
ATOM   767  C CG2 . VAL B 1 30 ? -0.468  -0.877  -1.952  1.00 19.98 ? 36  VAL C CG2 1 
ATOM   768  N N   . GLY B 1 31 ? 2.647   -1.353  -5.584  1.00 22.16 ? 37  GLY C N   1 
ATOM   769  C CA  . GLY B 1 31 ? 3.574   -0.865  -6.581  1.00 22.21 ? 37  GLY C CA  1 
ATOM   770  C C   . GLY B 1 31 ? 5.003   -1.286  -6.309  1.00 24.82 ? 37  GLY C C   1 
ATOM   771  O O   . GLY B 1 31 ? 5.924   -0.684  -6.852  1.00 26.71 ? 37  GLY C O   1 
ATOM   772  N N   . THR B 1 32 ? 5.194   -2.311  -5.476  1.00 25.81 ? 38  THR C N   1 
ATOM   773  C CA  . THR B 1 32 ? 6.541   -2.792  -5.155  1.00 25.49 ? 38  THR C CA  1 
ATOM   774  C C   . THR B 1 32 ? 6.922   -3.964  -6.046  1.00 27.64 ? 38  THR C C   1 
ATOM   775  O O   . THR B 1 32 ? 6.163   -4.358  -6.926  1.00 29.02 ? 38  THR C O   1 
ATOM   776  C CB  . THR B 1 32 ? 6.662   -3.258  -3.685  1.00 23.83 ? 38  THR C CB  1 
ATOM   777  O OG1 . THR B 1 32 ? 5.819   -4.398  -3.471  1.00 27.24 ? 38  THR C OG1 1 
ATOM   778  C CG2 . THR B 1 32 ? 6.244   -2.150  -2.738  1.00 23.23 ? 38  THR C CG2 1 
ATOM   779  N N   . ALA B 1 33 ? 8.105   -4.523  -5.814  1.00 28.80 ? 39  ALA C N   1 
ATOM   780  C CA  . ALA B 1 33 ? 8.568   -5.645  -6.611  1.00 31.41 ? 39  ALA C CA  1 
ATOM   781  C C   . ALA B 1 33 ? 7.679   -6.858  -6.360  1.00 31.72 ? 39  ALA C C   1 
ATOM   782  O O   . ALA B 1 33 ? 7.441   -7.654  -7.269  1.00 32.11 ? 39  ALA C O   1 
ATOM   783  C CB  . ALA B 1 33 ? 10.024  -5.972  -6.269  1.00 30.90 ? 39  ALA C CB  1 
ATOM   784  N N   . GLU B 1 34 ? 7.180   -6.982  -5.131  1.00 30.68 ? 40  GLU C N   1 
ATOM   785  C CA  . GLU B 1 34 ? 6.319   -8.099  -4.756  1.00 30.54 ? 40  GLU C CA  1 
ATOM   786  C C   . GLU B 1 34 ? 5.000   -8.145  -5.538  1.00 31.33 ? 40  GLU C C   1 
ATOM   787  O O   . GLU B 1 34 ? 4.442   -9.223  -5.768  1.00 31.52 ? 40  GLU C O   1 
ATOM   788  C CB  . GLU B 1 34 ? 5.995   -8.050  -3.258  1.00 31.23 ? 40  GLU C CB  1 
ATOM   789  C CG  . GLU B 1 34 ? 7.178   -8.268  -2.323  1.00 30.98 ? 40  GLU C CG  1 
ATOM   790  C CD  . GLU B 1 34 ? 7.990   -7.008  -2.064  1.00 33.58 ? 40  GLU C CD  1 
ATOM   791  O OE1 . GLU B 1 34 ? 7.596   -5.909  -2.510  1.00 31.02 ? 40  GLU C OE1 1 
ATOM   792  O OE2 . GLU B 1 34 ? 9.030   -7.121  -1.391  1.00 36.24 ? 40  GLU C OE2 1 
ATOM   793  N N   . ALA B 1 35 ? 4.508   -6.980  -5.946  1.00 28.42 ? 41  ALA C N   1 
ATOM   794  C CA  . ALA B 1 35 ? 3.243   -6.904  -6.672  1.00 29.10 ? 41  ALA C CA  1 
ATOM   795  C C   . ALA B 1 35 ? 3.372   -6.964  -8.192  1.00 30.90 ? 41  ALA C C   1 
ATOM   796  O O   . ALA B 1 35 ? 2.371   -6.815  -8.904  1.00 30.83 ? 41  ALA C O   1 
ATOM   797  C CB  . ALA B 1 35 ? 2.506   -5.625  -6.275  1.00 25.45 ? 41  ALA C CB  1 
ATOM   798  N N   . LEU B 1 36 ? 4.593   -7.171  -8.688  1.00 30.98 ? 42  LEU C N   1 
ATOM   799  C CA  . LEU B 1 36 ? 4.838   -7.220  -10.128 1.00 32.10 ? 42  LEU C CA  1 
ATOM   800  C C   . LEU B 1 36 ? 3.996   -8.280  -10.839 1.00 32.26 ? 42  LEU C C   1 
ATOM   801  O O   . LEU B 1 36 ? 3.408   -8.011  -11.887 1.00 32.63 ? 42  LEU C O   1 
ATOM   802  C CB  . LEU B 1 36 ? 6.327   -7.468  -10.398 1.00 34.25 ? 42  LEU C CB  1 
ATOM   803  C CG  . LEU B 1 36 ? 6.801   -7.109  -11.807 1.00 36.47 ? 42  LEU C CG  1 
ATOM   804  C CD1 . LEU B 1 36 ? 6.433   -5.658  -12.104 1.00 33.36 ? 42  LEU C CD1 1 
ATOM   805  C CD2 . LEU B 1 36 ? 8.312   -7.327  -11.918 1.00 35.80 ? 42  LEU C CD2 1 
ATOM   806  N N   . ARG B 1 37 ? 3.958   -9.480  -10.267 1.00 33.30 ? 43  ARG C N   1 
ATOM   807  C CA  . ARG B 1 37 ? 3.173   -10.593 -10.801 1.00 34.25 ? 43  ARG C CA  1 
ATOM   808  C C   . ARG B 1 37 ? 1.733   -10.186 -11.088 1.00 34.58 ? 43  ARG C C   1 
ATOM   809  O O   . ARG B 1 37 ? 1.150   -10.560 -12.104 1.00 36.43 ? 43  ARG C O   1 
ATOM   810  C CB  . ARG B 1 37 ? 3.117   -11.734 -9.789  1.00 34.73 ? 43  ARG C CB  1 
ATOM   811  C CG  . ARG B 1 37 ? 4.187   -12.778 -9.911  1.00 41.82 ? 43  ARG C CG  1 
ATOM   812  C CD  . ARG B 1 37 ? 3.569   -14.131 -9.581  1.00 48.68 ? 43  ARG C CD  1 
ATOM   813  N NE  . ARG B 1 37 ? 2.499   -14.447 -10.531 1.00 54.01 ? 43  ARG C NE  1 
ATOM   814  C CZ  . ARG B 1 37 ? 1.532   -15.334 -10.318 1.00 54.13 ? 43  ARG C CZ  1 
ATOM   815  N NH1 . ARG B 1 37 ? 1.483   -16.009 -9.178  1.00 53.46 ? 43  ARG C NH1 1 
ATOM   816  N NH2 . ARG B 1 37 ? 0.613   -15.553 -11.250 1.00 54.22 ? 43  ARG C NH2 1 
ATOM   817  N N   . CYS B 1 38 ? 1.164   -9.425  -10.164 1.00 33.51 ? 44  CYS C N   1 
ATOM   818  C CA  . CYS B 1 38 ? -0.218  -8.991  -10.265 1.00 33.38 ? 44  CYS C CA  1 
ATOM   819  C C   . CYS B 1 38 ? -0.605  -8.271  -11.547 1.00 34.35 ? 44  CYS C C   1 
ATOM   820  O O   . CYS B 1 38 ? -1.793  -8.050  -11.797 1.00 33.39 ? 44  CYS C O   1 
ATOM   821  C CB  . CYS B 1 38 ? -0.563  -8.123  -9.064  1.00 31.71 ? 44  CYS C CB  1 
ATOM   822  S SG  . CYS B 1 38 ? -0.325  -8.977  -7.480  1.00 29.38 ? 44  CYS C SG  1 
ATOM   823  N N   . GLN B 1 39 ? 0.383   -7.908  -12.359 1.00 34.41 ? 45  GLN C N   1 
ATOM   824  C CA  . GLN B 1 39 ? 0.104   -7.231  -13.621 1.00 35.27 ? 45  GLN C CA  1 
ATOM   825  C C   . GLN B 1 39 ? -0.762  -8.118  -14.508 1.00 35.12 ? 45  GLN C C   1 
ATOM   826  O O   . GLN B 1 39 ? -1.521  -7.626  -15.343 1.00 34.20 ? 45  GLN C O   1 
ATOM   827  C CB  . GLN B 1 39 ? 1.405   -6.894  -14.353 1.00 38.82 ? 45  GLN C CB  1 
ATOM   828  C CG  . GLN B 1 39 ? 1.881   -5.467  -14.152 1.00 42.59 ? 45  GLN C CG  1 
ATOM   829  C CD  . GLN B 1 39 ? 0.831   -4.455  -14.564 1.00 45.65 ? 45  GLN C CD  1 
ATOM   830  O OE1 . GLN B 1 39 ? 0.232   -4.568  -15.637 1.00 48.31 ? 45  GLN C OE1 1 
ATOM   831  N NE2 . GLN B 1 39 ? 0.604   -3.457  -13.719 1.00 44.53 ? 45  GLN C NE2 1 
ATOM   832  N N   . GLU B 1 40 ? -0.652  -9.429  -14.314 1.00 34.71 ? 46  GLU C N   1 
ATOM   833  C CA  . GLU B 1 40 ? -1.433  -10.369 -15.099 1.00 37.45 ? 46  GLU C CA  1 
ATOM   834  C C   . GLU B 1 40 ? -2.934  -10.161 -14.920 1.00 37.65 ? 46  GLU C C   1 
ATOM   835  O O   . GLU B 1 40 ? -3.719  -10.459 -15.821 1.00 37.48 ? 46  GLU C O   1 
ATOM   836  C CB  . GLU B 1 40 ? -1.077  -11.806 -14.726 1.00 38.14 ? 46  GLU C CB  1 
ATOM   837  C CG  . GLU B 1 40 ? -1.594  -12.799 -15.734 1.00 42.30 ? 46  GLU C CG  1 
ATOM   838  C CD  . GLU B 1 40 ? -1.269  -14.216 -15.364 1.00 44.85 ? 46  GLU C CD  1 
ATOM   839  O OE1 . GLU B 1 40 ? -0.195  -14.440 -14.772 1.00 48.25 ? 46  GLU C OE1 1 
ATOM   840  O OE2 . GLU B 1 40 ? -2.082  -15.108 -15.678 1.00 48.41 ? 46  GLU C OE2 1 
ATOM   841  N N   . GLU B 1 41 ? -3.333  -9.653  -13.757 1.00 38.44 ? 47  GLU C N   1 
ATOM   842  C CA  . GLU B 1 41 ? -4.745  -9.408  -13.486 1.00 39.51 ? 47  GLU C CA  1 
ATOM   843  C C   . GLU B 1 41 ? -5.392  -8.579  -14.590 1.00 40.42 ? 47  GLU C C   1 
ATOM   844  O O   . GLU B 1 41 ? -6.569  -8.760  -14.904 1.00 40.47 ? 47  GLU C O   1 
ATOM   845  C CB  . GLU B 1 41 ? -4.914  -8.700  -12.141 1.00 40.04 ? 47  GLU C CB  1 
ATOM   846  C CG  . GLU B 1 41 ? -5.071  -9.651  -10.976 1.00 42.44 ? 47  GLU C CG  1 
ATOM   847  C CD  . GLU B 1 41 ? -6.274  -10.565 -11.149 1.00 44.50 ? 47  GLU C CD  1 
ATOM   848  O OE1 . GLU B 1 41 ? -7.361  -10.056 -11.507 1.00 42.94 ? 47  GLU C OE1 1 
ATOM   849  O OE2 . GLU B 1 41 ? -6.130  -11.786 -10.926 1.00 45.59 ? 47  GLU C OE2 1 
ATOM   850  N N   . ASN B 1 42 ? -4.619  -7.670  -15.180 1.00 41.12 ? 48  ASN C N   1 
ATOM   851  C CA  . ASN B 1 42 ? -5.121  -6.828  -16.259 1.00 40.84 ? 48  ASN C CA  1 
ATOM   852  C C   . ASN B 1 42 ? -5.476  -7.651  -17.488 1.00 40.50 ? 48  ASN C C   1 
ATOM   853  O O   . ASN B 1 42 ? -6.191  -7.180  -18.368 1.00 41.49 ? 48  ASN C O   1 
ATOM   854  C CB  . ASN B 1 42 ? -4.082  -5.775  -16.647 1.00 41.77 ? 48  ASN C CB  1 
ATOM   855  C CG  . ASN B 1 42 ? -4.143  -4.542  -15.771 1.00 44.61 ? 48  ASN C CG  1 
ATOM   856  O OD1 . ASN B 1 42 ? -3.252  -3.693  -15.817 1.00 47.49 ? 48  ASN C OD1 1 
ATOM   857  N ND2 . ASN B 1 42 ? -5.201  -4.428  -14.976 1.00 45.71 ? 48  ASN C ND2 1 
ATOM   858  N N   . TYR B 1 43 ? -4.986  -8.882  -17.547 1.00 40.30 ? 49  TYR C N   1 
ATOM   859  C CA  . TYR B 1 43 ? -5.266  -9.734  -18.694 1.00 41.90 ? 49  TYR C CA  1 
ATOM   860  C C   . TYR B 1 43 ? -6.169  -10.910 -18.336 1.00 43.16 ? 49  TYR C C   1 
ATOM   861  O O   . TYR B 1 43 ? -6.101  -11.974 -18.949 1.00 44.73 ? 49  TYR C O   1 
ATOM   862  C CB  . TYR B 1 43 ? -3.950  -10.219 -19.319 1.00 40.93 ? 49  TYR C CB  1 
ATOM   863  C CG  . TYR B 1 43 ? -3.023  -9.073  -19.676 1.00 41.74 ? 49  TYR C CG  1 
ATOM   864  C CD1 . TYR B 1 43 ? -2.229  -8.463  -18.701 1.00 41.86 ? 49  TYR C CD1 1 
ATOM   865  C CD2 . TYR B 1 43 ? -2.988  -8.551  -20.972 1.00 40.66 ? 49  TYR C CD2 1 
ATOM   866  C CE1 . TYR B 1 43 ? -1.428  -7.362  -18.999 1.00 41.83 ? 49  TYR C CE1 1 
ATOM   867  C CE2 . TYR B 1 43 ? -2.186  -7.444  -21.283 1.00 42.74 ? 49  TYR C CE2 1 
ATOM   868  C CZ  . TYR B 1 43 ? -1.410  -6.854  -20.288 1.00 43.80 ? 49  TYR C CZ  1 
ATOM   869  O OH  . TYR B 1 43 ? -0.626  -5.753  -20.571 1.00 42.83 ? 49  TYR C OH  1 
ATOM   870  N N   . LEU B 1 44 ? -7.016  -10.695 -17.334 1.00 43.27 ? 50  LEU C N   1 
ATOM   871  C CA  . LEU B 1 44 ? -7.974  -11.696 -16.875 1.00 42.67 ? 50  LEU C CA  1 
ATOM   872  C C   . LEU B 1 44 ? -9.242  -10.930 -16.518 1.00 43.68 ? 50  LEU C C   1 
ATOM   873  O O   . LEU B 1 44 ? -9.354  -10.373 -15.426 1.00 43.36 ? 50  LEU C O   1 
ATOM   874  C CB  . LEU B 1 44 ? -7.445  -12.424 -15.639 1.00 39.35 ? 50  LEU C CB  1 
ATOM   875  C CG  . LEU B 1 44 ? -6.121  -13.173 -15.791 1.00 39.04 ? 50  LEU C CG  1 
ATOM   876  C CD1 . LEU B 1 44 ? -5.624  -13.620 -14.432 1.00 37.07 ? 50  LEU C CD1 1 
ATOM   877  C CD2 . LEU B 1 44 ? -6.309  -14.366 -16.712 1.00 37.76 ? 50  LEU C CD2 1 
ATOM   878  N N   . PRO B 1 45 ? -10.208 -10.871 -17.449 1.00 46.79 ? 51  PRO C N   1 
ATOM   879  C CA  . PRO B 1 45 ? -11.473 -10.160 -17.222 1.00 48.73 ? 51  PRO C CA  1 
ATOM   880  C C   . PRO B 1 45 ? -12.305 -10.856 -16.150 1.00 49.21 ? 51  PRO C C   1 
ATOM   881  O O   . PRO B 1 45 ? -13.280 -10.309 -15.636 1.00 50.10 ? 51  PRO C O   1 
ATOM   882  C CB  . PRO B 1 45 ? -12.139 -10.202 -18.595 1.00 48.04 ? 51  PRO C CB  1 
ATOM   883  C CG  . PRO B 1 45 ? -11.686 -11.523 -19.133 1.00 48.64 ? 51  PRO C CG  1 
ATOM   884  C CD  . PRO B 1 45 ? -10.212 -11.537 -18.765 1.00 48.11 ? 51  PRO C CD  1 
ATOM   885  N N   . SER B 1 46 ? -11.889 -12.069 -15.816 1.00 50.12 ? 52  SER C N   1 
ATOM   886  C CA  . SER B 1 46 ? -12.574 -12.868 -14.823 1.00 50.78 ? 52  SER C CA  1 
ATOM   887  C C   . SER B 1 46 ? -12.281 -12.345 -13.419 1.00 50.84 ? 52  SER C C   1 
ATOM   888  O O   . SER B 1 46 ? -11.120 -12.286 -13.010 1.00 52.06 ? 52  SER C O   1 
ATOM   889  C CB  . SER B 1 46 ? -12.100 -14.321 -14.926 1.00 52.21 ? 52  SER C CB  1 
ATOM   890  O OG  . SER B 1 46 ? -11.655 -14.628 -16.241 1.00 52.78 ? 52  SER C OG  1 
ATOM   891  N N   . PRO B 1 47 ? -13.324 -11.925 -12.675 1.00 49.34 ? 53  PRO C N   1 
ATOM   892  C CA  . PRO B 1 47 ? -13.100 -11.427 -11.312 1.00 45.14 ? 53  PRO C CA  1 
ATOM   893  C C   . PRO B 1 47 ? -12.689 -12.627 -10.465 1.00 42.82 ? 53  PRO C C   1 
ATOM   894  O O   . PRO B 1 47 ? -13.076 -13.751 -10.773 1.00 42.39 ? 53  PRO C O   1 
ATOM   895  C CB  . PRO B 1 47 ? -14.464 -10.858 -10.913 1.00 44.96 ? 53  PRO C CB  1 
ATOM   896  C CG  . PRO B 1 47 ? -15.433 -11.634 -11.759 1.00 46.01 ? 53  PRO C CG  1 
ATOM   897  C CD  . PRO B 1 47 ? -14.722 -11.709 -13.090 1.00 47.40 ? 53  PRO C CD  1 
ATOM   898  N N   . CYS B 1 48 ? -11.904 -12.406 -9.416  1.00 41.14 ? 54  CYS C N   1 
ATOM   899  C CA  . CYS B 1 48 ? -11.453 -13.516 -8.583  1.00 41.11 ? 54  CYS C CA  1 
ATOM   900  C C   . CYS B 1 48 ? -12.061 -13.521 -7.179  1.00 40.96 ? 54  CYS C C   1 
ATOM   901  O O   . CYS B 1 48 ? -12.614 -12.520 -6.723  1.00 39.06 ? 54  CYS C O   1 
ATOM   902  C CB  . CYS B 1 48 ? -9.917  -13.518 -8.490  1.00 40.36 ? 54  CYS C CB  1 
ATOM   903  S SG  . CYS B 1 48 ? -9.180  -12.061 -7.666  1.00 43.92 ? 54  CYS C SG  1 
ATOM   904  N N   . GLN B 1 49 ? -11.945 -14.663 -6.508  1.00 41.20 ? 55  GLN C N   1 
ATOM   905  C CA  . GLN B 1 49 ? -12.468 -14.841 -5.160  1.00 44.14 ? 55  GLN C CA  1 
ATOM   906  C C   . GLN B 1 49 ? -11.329 -14.940 -4.146  1.00 45.34 ? 55  GLN C C   1 
ATOM   907  O O   . GLN B 1 49 ? -10.470 -15.817 -4.245  1.00 46.23 ? 55  GLN C O   1 
ATOM   908  C CB  . GLN B 1 49 ? -13.335 -16.107 -5.095  1.00 42.71 ? 55  GLN C CB  1 
ATOM   909  N N   . SER B 1 50 ? -11.336 -14.044 -3.167  1.00 46.70 ? 56  SER C N   1 
ATOM   910  C CA  . SER B 1 50 ? -10.309 -14.031 -2.132  1.00 47.97 ? 56  SER C CA  1 
ATOM   911  C C   . SER B 1 50 ? -10.834 -14.661 -0.845  1.00 48.53 ? 56  SER C C   1 
ATOM   912  O O   . SER B 1 50 ? -10.075 -15.261 -0.080  1.00 49.79 ? 56  SER C O   1 
ATOM   913  C CB  . SER B 1 50 ? -9.877  -12.594 -1.844  1.00 47.14 ? 56  SER C CB  1 
ATOM   914  O OG  . SER B 1 50 ? -10.968 -11.839 -1.347  1.00 47.56 ? 56  SER C OG  1 
ATOM   915  N N   . GLY B 1 51 ? -12.135 -14.511 -0.608  1.00 48.61 ? 57  GLY C N   1 
ATOM   916  C CA  . GLY B 1 51 ? -12.732 -15.058 0.596   1.00 48.72 ? 57  GLY C CA  1 
ATOM   917  C C   . GLY B 1 51 ? -12.539 -14.133 1.788   1.00 49.26 ? 57  GLY C C   1 
ATOM   918  O O   . GLY B 1 51 ? -12.749 -14.530 2.934   1.00 49.18 ? 57  GLY C O   1 
ATOM   919  N N   . GLN B 1 52 ? -12.144 -12.895 1.517   1.00 48.63 ? 58  GLN C N   1 
ATOM   920  C CA  . GLN B 1 52 ? -11.920 -11.917 2.570   1.00 48.27 ? 58  GLN C CA  1 
ATOM   921  C C   . GLN B 1 52 ? -13.169 -11.081 2.824   1.00 47.68 ? 58  GLN C C   1 
ATOM   922  O O   . GLN B 1 52 ? -14.009 -10.925 1.939   1.00 47.69 ? 58  GLN C O   1 
ATOM   923  C CB  . GLN B 1 52 ? -10.742 -11.021 2.198   1.00 49.58 ? 58  GLN C CB  1 
ATOM   924  C CG  . GLN B 1 52 ? -9.437  -11.780 2.059   1.00 51.21 ? 58  GLN C CG  1 
ATOM   925  C CD  . GLN B 1 52 ? -9.033  -12.471 3.346   1.00 53.96 ? 58  GLN C CD  1 
ATOM   926  O OE1 . GLN B 1 52 ? -8.705  -11.819 4.336   1.00 54.38 ? 58  GLN C OE1 1 
ATOM   927  N NE2 . GLN B 1 52 ? -9.061  -13.800 3.342   1.00 54.38 ? 58  GLN C NE2 1 
ATOM   928  N N   . LYS B 1 53 ? -13.282 -10.546 4.036   1.00 46.21 ? 59  LYS C N   1 
ATOM   929  C CA  . LYS B 1 53 ? -14.440 -9.746  4.427   1.00 45.84 ? 59  LYS C CA  1 
ATOM   930  C C   . LYS B 1 53 ? -14.584 -8.441  3.652   1.00 45.22 ? 59  LYS C C   1 
ATOM   931  O O   . LYS B 1 53 ? -13.624 -7.679  3.517   1.00 44.51 ? 59  LYS C O   1 
ATOM   932  C CB  . LYS B 1 53 ? -14.376 -9.427  5.926   1.00 46.31 ? 59  LYS C CB  1 
ATOM   933  C CG  . LYS B 1 53 ? -15.526 -8.553  6.420   1.00 48.07 ? 59  LYS C CG  1 
ATOM   934  C CD  . LYS B 1 53 ? -15.129 -7.726  7.643   1.00 50.73 ? 59  LYS C CD  1 
ATOM   935  C CE  . LYS B 1 53 ? -14.729 -8.605  8.820   1.00 52.88 ? 59  LYS C CE  1 
ATOM   936  N NZ  . LYS B 1 53 ? -14.166 -7.816  9.960   1.00 53.52 ? 59  LYS C NZ  1 
ATOM   937  N N   . PRO B 1 54 ? -15.794 -8.164  3.132   1.00 44.38 ? 60  PRO C N   1 
ATOM   938  C CA  . PRO B 1 54 ? -16.052 -6.937  2.374   1.00 43.22 ? 60  PRO C CA  1 
ATOM   939  C C   . PRO B 1 54 ? -15.825 -5.723  3.259   1.00 43.44 ? 60  PRO C C   1 
ATOM   940  O O   . PRO B 1 54 ? -15.963 -5.808  4.477   1.00 44.28 ? 60  PRO C O   1 
ATOM   941  C CB  . PRO B 1 54 ? -17.513 -7.090  1.958   1.00 43.47 ? 60  PRO C CB  1 
ATOM   942  C CG  . PRO B 1 54 ? -17.641 -8.584  1.779   1.00 44.58 ? 60  PRO C CG  1 
ATOM   943  C CD  . PRO B 1 54 ? -16.935 -9.091  3.022   1.00 45.00 ? 60  PRO C CD  1 
ATOM   944  N N   . CYS B 1 55 ? -15.481 -4.592  2.649   1.00 43.65 ? 61  CYS C N   1 
ATOM   945  C CA  . CYS B 1 55 ? -15.216 -3.377  3.406   1.00 42.59 ? 61  CYS C CA  1 
ATOM   946  C C   . CYS B 1 55 ? -15.240 -2.152  2.505   1.00 44.91 ? 61  CYS C C   1 
ATOM   947  O O   . CYS B 1 55 ? -15.273 -2.272  1.282   1.00 44.17 ? 61  CYS C O   1 
ATOM   948  C CB  . CYS B 1 55 ? -13.848 -3.481  4.075   1.00 41.08 ? 61  CYS C CB  1 
ATOM   949  S SG  . CYS B 1 55 ? -12.476 -3.678  2.888   1.00 39.24 ? 61  CYS C SG  1 
ATOM   950  N N   . GLY B 1 56 ? -15.214 -0.978  3.126   1.00 47.29 ? 62  GLY C N   1 
ATOM   951  C CA  . GLY B 1 56 ? -15.221 0.272   2.386   1.00 50.70 ? 62  GLY C CA  1 
ATOM   952  C C   . GLY B 1 56 ? -16.023 0.301   1.093   1.00 53.68 ? 62  GLY C C   1 
ATOM   953  O O   . GLY B 1 56 ? -17.058 -0.359  0.961   1.00 54.21 ? 62  GLY C O   1 
ATOM   954  N N   . SER B 1 57 ? -15.529 1.080   0.134   1.00 54.07 ? 63  SER C N   1 
ATOM   955  C CA  . SER B 1 57 ? -16.173 1.240   -1.166  1.00 54.38 ? 63  SER C CA  1 
ATOM   956  C C   . SER B 1 57 ? -15.896 0.060   -2.093  1.00 54.37 ? 63  SER C C   1 
ATOM   957  O O   . SER B 1 57 ? -15.010 0.126   -2.950  1.00 54.31 ? 63  SER C O   1 
ATOM   958  C CB  . SER B 1 57 ? -15.680 2.534   -1.827  1.00 54.33 ? 63  SER C CB  1 
ATOM   959  O OG  . SER B 1 57 ? -14.275 2.491   -2.050  1.00 54.34 ? 63  SER C OG  1 
ATOM   960  N N   . GLY B 1 58 ? -16.663 -1.014  -1.937  1.00 54.41 ? 64  GLY C N   1 
ATOM   961  C CA  . GLY B 1 58 ? -16.450 -2.179  -2.776  1.00 53.00 ? 64  GLY C CA  1 
ATOM   962  C C   . GLY B 1 58 ? -15.051 -2.729  -2.548  1.00 52.52 ? 64  GLY C C   1 
ATOM   963  O O   . GLY B 1 58 ? -14.397 -3.207  -3.476  1.00 54.15 ? 64  GLY C O   1 
ATOM   964  N N   . GLY B 1 59 ? -14.594 -2.661  -1.302  1.00 49.52 ? 65  GLY C N   1 
ATOM   965  C CA  . GLY B 1 59 ? -13.270 -3.148  -0.976  1.00 46.65 ? 65  GLY C CA  1 
ATOM   966  C C   . GLY B 1 59 ? -13.257 -4.535  -0.368  1.00 45.53 ? 65  GLY C C   1 
ATOM   967  O O   . GLY B 1 59 ? -14.274 -5.229  -0.325  1.00 46.52 ? 65  GLY C O   1 
ATOM   968  N N   . ARG B 1 60 ? -12.089 -4.937  0.113   1.00 43.45 ? 66  ARG C N   1 
ATOM   969  C CA  . ARG B 1 60 ? -11.919 -6.244  0.717   1.00 41.85 ? 66  ARG C CA  1 
ATOM   970  C C   . ARG B 1 60 ? -10.835 -6.145  1.785   1.00 39.91 ? 66  ARG C C   1 
ATOM   971  O O   . ARG B 1 60 ? -9.838  -5.449  1.597   1.00 39.78 ? 66  ARG C O   1 
ATOM   972  C CB  . ARG B 1 60 ? -11.494 -7.243  -0.356  1.00 44.30 ? 66  ARG C CB  1 
ATOM   973  C CG  . ARG B 1 60 ? -11.782 -8.693  -0.032  1.00 48.11 ? 66  ARG C CG  1 
ATOM   974  C CD  . ARG B 1 60 ? -13.275 -8.986  -0.099  1.00 51.31 ? 66  ARG C CD  1 
ATOM   975  N NE  . ARG B 1 60 ? -13.873 -8.518  -1.348  1.00 53.62 ? 66  ARG C NE  1 
ATOM   976  C CZ  . ARG B 1 60 ? -15.063 -8.906  -1.803  1.00 54.35 ? 66  ARG C CZ  1 
ATOM   977  N NH1 . ARG B 1 60 ? -15.795 -9.778  -1.117  1.00 54.33 ? 66  ARG C NH1 1 
ATOM   978  N NH2 . ARG B 1 60 ? -15.528 -8.417  -2.948  1.00 54.36 ? 66  ARG C NH2 1 
ATOM   979  N N   . CYS B 1 61 ? -11.033 -6.822  2.912   1.00 36.85 ? 67  CYS C N   1 
ATOM   980  C CA  . CYS B 1 61 ? -10.034 -6.793  3.965   1.00 34.40 ? 67  CYS C CA  1 
ATOM   981  C C   . CYS B 1 61 ? -8.878  -7.650  3.481   1.00 32.55 ? 67  CYS C C   1 
ATOM   982  O O   . CYS B 1 61 ? -8.745  -8.813  3.858   1.00 31.81 ? 67  CYS C O   1 
ATOM   983  C CB  . CYS B 1 61 ? -10.603 -7.335  5.272   1.00 35.42 ? 67  CYS C CB  1 
ATOM   984  S SG  . CYS B 1 61 ? -11.744 -6.193  6.117   1.00 35.80 ? 67  CYS C SG  1 
ATOM   985  N N   . ALA B 1 62 ? -8.064  -7.044  2.621   1.00 31.08 ? 68  ALA C N   1 
ATOM   986  C CA  . ALA B 1 62 ? -6.907  -7.682  1.991   1.00 29.67 ? 68  ALA C CA  1 
ATOM   987  C C   . ALA B 1 62 ? -5.866  -8.171  2.982   1.00 28.55 ? 68  ALA C C   1 
ATOM   988  O O   . ALA B 1 62 ? -5.133  -9.115  2.704   1.00 30.06 ? 68  ALA C O   1 
ATOM   989  C CB  . ALA B 1 62 ? -6.267  -6.707  1.006   1.00 27.20 ? 68  ALA C CB  1 
ATOM   990  N N   . ALA B 1 63 ? -5.802  -7.512  4.132   1.00 29.33 ? 69  ALA C N   1 
ATOM   991  C CA  . ALA B 1 63 ? -4.861  -7.860  5.185   1.00 28.22 ? 69  ALA C CA  1 
ATOM   992  C C   . ALA B 1 63 ? -5.462  -7.403  6.499   1.00 29.49 ? 69  ALA C C   1 
ATOM   993  O O   . ALA B 1 63 ? -6.444  -6.657  6.513   1.00 29.00 ? 69  ALA C O   1 
ATOM   994  C CB  . ALA B 1 63 ? -3.525  -7.168  4.954   1.00 25.10 ? 69  ALA C CB  1 
ATOM   995  N N   . ALA B 1 64 ? -4.877  -7.851  7.602   1.00 31.57 ? 70  ALA C N   1 
ATOM   996  C CA  . ALA B 1 64 ? -5.368  -7.461  8.918   1.00 32.69 ? 70  ALA C CA  1 
ATOM   997  C C   . ALA B 1 64 ? -5.190  -5.962  9.098   1.00 32.70 ? 70  ALA C C   1 
ATOM   998  O O   . ALA B 1 64 ? -4.070  -5.459  9.091   1.00 32.84 ? 70  ALA C O   1 
ATOM   999  C CB  . ALA B 1 64 ? -4.613  -8.216  10.015  1.00 31.96 ? 70  ALA C CB  1 
ATOM   1000 N N   . GLY B 1 65 ? -6.307  -5.256  9.242   1.00 33.39 ? 71  GLY C N   1 
ATOM   1001 C CA  . GLY B 1 65 ? -6.271  -3.821  9.436   1.00 32.36 ? 71  GLY C CA  1 
ATOM   1002 C C   . GLY B 1 65 ? -6.146  -3.010  8.165   1.00 30.41 ? 71  GLY C C   1 
ATOM   1003 O O   . GLY B 1 65 ? -5.833  -1.823  8.208   1.00 31.93 ? 71  GLY C O   1 
ATOM   1004 N N   . ILE B 1 66 ? -6.398  -3.636  7.025   1.00 30.18 ? 72  ILE C N   1 
ATOM   1005 C CA  . ILE B 1 66 ? -6.280  -2.917  5.768   1.00 27.96 ? 72  ILE C CA  1 
ATOM   1006 C C   . ILE B 1 66 ? -7.382  -3.277  4.791   1.00 27.63 ? 72  ILE C C   1 
ATOM   1007 O O   . ILE B 1 66 ? -7.625  -4.449  4.516   1.00 28.78 ? 72  ILE C O   1 
ATOM   1008 C CB  . ILE B 1 66 ? -4.896  -3.188  5.103   1.00 25.64 ? 72  ILE C CB  1 
ATOM   1009 C CG1 . ILE B 1 66 ? -3.766  -2.902  6.101   1.00 23.37 ? 72  ILE C CG1 1 
ATOM   1010 C CG2 . ILE B 1 66 ? -4.738  -2.334  3.872   1.00 23.93 ? 72  ILE C CG2 1 
ATOM   1011 C CD1 . ILE B 1 66 ? -2.358  -3.139  5.557   1.00 20.94 ? 72  ILE C CD1 1 
ATOM   1012 N N   . CYS B 1 67 ? -8.050  -2.251  4.276   1.00 28.77 ? 73  CYS C N   1 
ATOM   1013 C CA  . CYS B 1 67 ? -9.115  -2.433  3.303   1.00 31.21 ? 73  CYS C CA  1 
ATOM   1014 C C   . CYS B 1 67 ? -8.630  -1.950  1.921   1.00 31.69 ? 73  CYS C C   1 
ATOM   1015 O O   . CYS B 1 67 ? -8.220  -0.800  1.762   1.00 29.58 ? 73  CYS C O   1 
ATOM   1016 C CB  . CYS B 1 67 ? -10.360 -1.648  3.740   1.00 33.35 ? 73  CYS C CB  1 
ATOM   1017 S SG  . CYS B 1 67 ? -11.763 -1.795  2.588   1.00 38.00 ? 73  CYS C SG  1 
ATOM   1018 N N   . CYS B 1 68 ? -8.662  -2.829  0.924   1.00 32.29 ? 74  CYS C N   1 
ATOM   1019 C CA  . CYS B 1 68 ? -8.223  -2.443  -0.417  1.00 34.36 ? 74  CYS C CA  1 
ATOM   1020 C C   . CYS B 1 68 ? -9.212  -2.816  -1.506  1.00 35.62 ? 74  CYS C C   1 
ATOM   1021 O O   . CYS B 1 68 ? -9.846  -3.869  -1.442  1.00 37.66 ? 74  CYS C O   1 
ATOM   1022 C CB  . CYS B 1 68 ? -6.927  -3.142  -0.831  1.00 32.75 ? 74  CYS C CB  1 
ATOM   1023 S SG  . CYS B 1 68 ? -5.453  -3.168  0.231   1.00 33.62 ? 74  CYS C SG  1 
ATOM   1024 N N   . ASN B 1 69 ? -9.324  -1.955  -2.512  1.00 36.92 ? 75  ASN C N   1 
ATOM   1025 C CA  . ASN B 1 69 ? -10.143 -2.254  -3.677  1.00 39.37 ? 75  ASN C CA  1 
ATOM   1026 C C   . ASN B 1 69 ? -9.079  -2.545  -4.740  1.00 40.87 ? 75  ASN C C   1 
ATOM   1027 O O   . ASN B 1 69 ? -7.922  -2.795  -4.393  1.00 40.51 ? 75  ASN C O   1 
ATOM   1028 C CB  . ASN B 1 69 ? -11.037 -1.077  -4.089  1.00 38.90 ? 75  ASN C CB  1 
ATOM   1029 C CG  . ASN B 1 69 ? -10.299 0.234   -4.142  1.00 40.14 ? 75  ASN C CG  1 
ATOM   1030 O OD1 . ASN B 1 69 ? -9.216  0.333   -4.719  1.00 39.14 ? 75  ASN C OD1 1 
ATOM   1031 N ND2 . ASN B 1 69 ? -10.892 1.263   -3.545  1.00 41.41 ? 75  ASN C ND2 1 
ATOM   1032 N N   . ASP B 1 70 ? -9.433  -2.506  -6.019  1.00 41.66 ? 76  ASP C N   1 
ATOM   1033 C CA  . ASP B 1 70 ? -8.443  -2.817  -7.042  1.00 43.14 ? 76  ASP C CA  1 
ATOM   1034 C C   . ASP B 1 70 ? -7.381  -1.743  -7.314  1.00 41.68 ? 76  ASP C C   1 
ATOM   1035 O O   . ASP B 1 70 ? -6.404  -2.002  -8.013  1.00 43.31 ? 76  ASP C O   1 
ATOM   1036 C CB  . ASP B 1 70 ? -9.148  -3.205  -8.350  1.00 46.26 ? 76  ASP C CB  1 
ATOM   1037 C CG  . ASP B 1 70 ? -9.937  -2.063  -8.951  1.00 49.24 ? 76  ASP C CG  1 
ATOM   1038 O OD1 . ASP B 1 70 ? -10.756 -1.449  -8.233  1.00 51.25 ? 76  ASP C OD1 1 
ATOM   1039 O OD2 . ASP B 1 70 ? -9.743  -1.784  -10.153 1.00 51.83 ? 76  ASP C OD2 1 
ATOM   1040 N N   . GLU B 1 71 ? -7.538  -0.556  -6.745  1.00 40.43 ? 77  GLU C N   1 
ATOM   1041 C CA  . GLU B 1 71 ? -6.570  0.502   -7.002  1.00 39.98 ? 77  GLU C CA  1 
ATOM   1042 C C   . GLU B 1 71 ? -6.038  1.213   -5.761  1.00 38.63 ? 77  GLU C C   1 
ATOM   1043 O O   . GLU B 1 71 ? -5.116  2.019   -5.858  1.00 38.43 ? 77  GLU C O   1 
ATOM   1044 C CB  . GLU B 1 71 ? -7.191  1.544   -7.931  1.00 43.40 ? 77  GLU C CB  1 
ATOM   1045 C CG  . GLU B 1 71 ? -8.365  2.273   -7.299  1.00 49.45 ? 77  GLU C CG  1 
ATOM   1046 C CD  . GLU B 1 71 ? -8.978  3.319   -8.210  1.00 54.26 ? 77  GLU C CD  1 
ATOM   1047 O OE1 . GLU B 1 71 ? -9.926  4.005   -7.766  1.00 54.39 ? 77  GLU C OE1 1 
ATOM   1048 O OE2 . GLU B 1 71 ? -8.517  3.455   -9.367  1.00 54.39 ? 77  GLU C OE2 1 
ATOM   1049 N N   . SER B 1 72 ? -6.616  0.929   -4.601  1.00 36.81 ? 78  SER C N   1 
ATOM   1050 C CA  . SER B 1 72 ? -6.169  1.588   -3.380  1.00 35.07 ? 78  SER C CA  1 
ATOM   1051 C C   . SER B 1 72 ? -6.278  0.726   -2.132  1.00 34.51 ? 78  SER C C   1 
ATOM   1052 O O   . SER B 1 72 ? -6.914  -0.323  -2.135  1.00 34.03 ? 78  SER C O   1 
ATOM   1053 C CB  . SER B 1 72 ? -6.976  2.862   -3.160  1.00 35.47 ? 78  SER C CB  1 
ATOM   1054 O OG  . SER B 1 72 ? -8.342  2.547   -2.977  1.00 35.56 ? 78  SER C OG  1 
ATOM   1055 N N   . CYS B 1 73 ? -5.645  1.201   -1.067  1.00 33.35 ? 79  CYS C N   1 
ATOM   1056 C CA  . CYS B 1 73 ? -5.651  0.536   0.220   1.00 33.09 ? 79  CYS C CA  1 
ATOM   1057 C C   . CYS B 1 73 ? -5.684  1.588   1.308   1.00 34.13 ? 79  CYS C C   1 
ATOM   1058 O O   . CYS B 1 73 ? -4.971  2.592   1.237   1.00 33.43 ? 79  CYS C O   1 
ATOM   1059 C CB  . CYS B 1 73 ? -4.401  -0.307  0.424   1.00 30.14 ? 79  CYS C CB  1 
ATOM   1060 S SG  . CYS B 1 73 ? -4.219  -1.792  -0.601  1.00 30.59 ? 79  CYS C SG  1 
ATOM   1061 N N   . VAL B 1 74 ? -6.503  1.340   2.323   1.00 34.72 ? 80  VAL C N   1 
ATOM   1062 C CA  . VAL B 1 74 ? -6.634  2.253   3.447   1.00 35.24 ? 80  VAL C CA  1 
ATOM   1063 C C   . VAL B 1 74 ? -6.575  1.451   4.742   1.00 36.04 ? 80  VAL C C   1 
ATOM   1064 O O   . VAL B 1 74 ? -6.984  0.284   4.791   1.00 35.85 ? 80  VAL C O   1 
ATOM   1065 C CB  . VAL B 1 74 ? -7.987  2.996   3.418   1.00 36.30 ? 80  VAL C CB  1 
ATOM   1066 C CG1 . VAL B 1 74 ? -7.947  4.180   4.375   1.00 37.56 ? 80  VAL C CG1 1 
ATOM   1067 C CG2 . VAL B 1 74 ? -8.312  3.446   2.003   1.00 38.42 ? 80  VAL C CG2 1 
ATOM   1068 N N   . THR B 1 75 ? -6.053  2.069   5.791   1.00 37.29 ? 81  THR C N   1 
ATOM   1069 C CA  . THR B 1 75 ? -5.988  1.402   7.077   1.00 38.86 ? 81  THR C CA  1 
ATOM   1070 C C   . THR B 1 75 ? -7.408  1.434   7.640   1.00 40.81 ? 81  THR C C   1 
ATOM   1071 O O   . THR B 1 75 ? -8.007  2.499   7.769   1.00 42.11 ? 81  THR C O   1 
ATOM   1072 C CB  . THR B 1 75 ? -5.047  2.139   8.024   1.00 37.48 ? 81  THR C CB  1 
ATOM   1073 O OG1 . THR B 1 75 ? -5.435  3.516   8.095   1.00 39.58 ? 81  THR C OG1 1 
ATOM   1074 C CG2 . THR B 1 75 ? -3.616  2.035   7.524   1.00 34.41 ? 81  THR C CG2 1 
ATOM   1075 N N   . GLU B 1 76 ? -7.956  0.265   7.943   1.00 41.81 ? 82  GLU C N   1 
ATOM   1076 C CA  . GLU B 1 76 ? -9.304  0.196   8.480   1.00 43.89 ? 82  GLU C CA  1 
ATOM   1077 C C   . GLU B 1 76 ? -9.386  -0.749  9.671   1.00 44.09 ? 82  GLU C C   1 
ATOM   1078 O O   . GLU B 1 76 ? -9.160  -1.952  9.541   1.00 43.85 ? 82  GLU C O   1 
ATOM   1079 C CB  . GLU B 1 76 ? -10.283 -0.256  7.398   1.00 45.13 ? 82  GLU C CB  1 
ATOM   1080 C CG  . GLU B 1 76 ? -11.665 -0.572  7.940   1.00 48.50 ? 82  GLU C CG  1 
ATOM   1081 C CD  . GLU B 1 76 ? -12.398 0.644   8.450   1.00 48.71 ? 82  GLU C CD  1 
ATOM   1082 O OE1 . GLU B 1 76 ? -12.864 1.453   7.619   1.00 50.22 ? 82  GLU C OE1 1 
ATOM   1083 O OE2 . GLU B 1 76 ? -12.505 0.790   9.684   1.00 51.27 ? 82  GLU C OE2 1 
ATOM   1084 N N   . PRO B 1 77 ? -9.718  -0.206  10.854  1.00 45.50 ? 83  PRO C N   1 
ATOM   1085 C CA  . PRO B 1 77 ? -9.842  -0.965  12.105  1.00 44.79 ? 83  PRO C CA  1 
ATOM   1086 C C   . PRO B 1 77 ? -10.823 -2.134  11.984  1.00 44.00 ? 83  PRO C C   1 
ATOM   1087 O O   . PRO B 1 77 ? -10.619 -3.195  12.565  1.00 41.07 ? 83  PRO C O   1 
ATOM   1088 C CB  . PRO B 1 77 ? -10.326 0.092   13.097  1.00 46.27 ? 83  PRO C CB  1 
ATOM   1089 C CG  . PRO B 1 77 ? -9.703  1.352   12.573  1.00 45.25 ? 83  PRO C CG  1 
ATOM   1090 C CD  . PRO B 1 77 ? -9.946  1.230   11.091  1.00 45.31 ? 83  PRO C CD  1 
ATOM   1091 N N   . GLU B 1 78 ? -11.887 -1.920  11.220  1.00 44.90 ? 84  GLU C N   1 
ATOM   1092 C CA  . GLU B 1 78 ? -12.910 -2.934  11.016  1.00 46.41 ? 84  GLU C CA  1 
ATOM   1093 C C   . GLU B 1 78 ? -12.392 -4.182  10.298  1.00 46.66 ? 84  GLU C C   1 
ATOM   1094 O O   . GLU B 1 78 ? -13.078 -5.207  10.250  1.00 46.34 ? 84  GLU C O   1 
ATOM   1095 C CB  . GLU B 1 78 ? -14.084 -2.324  10.243  1.00 48.55 ? 84  GLU C CB  1 
ATOM   1096 C CG  . GLU B 1 78 ? -15.129 -3.330  9.785   1.00 52.71 ? 84  GLU C CG  1 
ATOM   1097 C CD  . GLU B 1 78 ? -15.062 -3.581  8.292   1.00 54.39 ? 84  GLU C CD  1 
ATOM   1098 O OE1 . GLU B 1 78 ? -15.551 -4.636  7.829   1.00 54.35 ? 84  GLU C OE1 1 
ATOM   1099 O OE2 . GLU B 1 78 ? -14.527 -2.707  7.576   1.00 54.27 ? 84  GLU C OE2 1 
ATOM   1100 N N   . CYS B 1 79 ? -11.183 -4.102  9.750   1.00 46.06 ? 85  CYS C N   1 
ATOM   1101 C CA  . CYS B 1 79 ? -10.599 -5.241  9.054   1.00 44.99 ? 85  CYS C CA  1 
ATOM   1102 C C   . CYS B 1 79 ? -9.778  -6.140  9.969   1.00 46.84 ? 85  CYS C C   1 
ATOM   1103 O O   . CYS B 1 79 ? -9.184  -7.117  9.518   1.00 46.48 ? 85  CYS C O   1 
ATOM   1104 C CB  . CYS B 1 79 ? -9.731  -4.775  7.884   1.00 41.90 ? 85  CYS C CB  1 
ATOM   1105 S SG  . CYS B 1 79 ? -10.659 -4.487  6.347   1.00 38.18 ? 85  CYS C SG  1 
ATOM   1106 N N   . ARG B 1 80 ? -9.745  -5.805  11.253  1.00 49.61 ? 86  ARG C N   1 
ATOM   1107 C CA  . ARG B 1 80 ? -9.008  -6.601  12.228  1.00 51.18 ? 86  ARG C CA  1 
ATOM   1108 C C   . ARG B 1 80 ? -9.933  -7.667  12.811  1.00 52.21 ? 86  ARG C C   1 
ATOM   1109 O O   . ARG B 1 80 ? -9.440  -8.760  13.160  1.00 53.38 ? 86  ARG C O   1 
ATOM   1110 C CB  . ARG B 1 80 ? -8.475  -5.718  13.357  1.00 50.13 ? 86  ARG C CB  1 
ATOM   1111 C CG  . ARG B 1 80 ? -7.715  -4.490  12.896  1.00 50.32 ? 86  ARG C CG  1 
ATOM   1112 C CD  . ARG B 1 80 ? -6.595  -4.166  13.871  1.00 50.54 ? 86  ARG C CD  1 
ATOM   1113 N NE  . ARG B 1 80 ? -5.427  -5.003  13.616  1.00 49.04 ? 86  ARG C NE  1 
ATOM   1114 C CZ  . ARG B 1 80 ? -4.390  -4.626  12.876  1.00 48.88 ? 86  ARG C CZ  1 
ATOM   1115 N NH1 . ARG B 1 80 ? -4.371  -3.421  12.327  1.00 49.26 ? 86  ARG C NH1 1 
ATOM   1116 N NH2 . ARG B 1 80 ? -3.383  -5.463  12.664  1.00 47.70 ? 86  ARG C NH2 1 
HETATM 1117 O O   . HOH C 2 .  ? 15.637  17.057  9.359   1.00 31.15 ? 96  HOH A O   1 
HETATM 1118 O O   . HOH C 2 .  ? 10.037  -2.946  -4.257  1.00 33.41 ? 97  HOH A O   1 
HETATM 1119 O O   . HOH C 2 .  ? 8.053   10.467  8.725   1.00 48.83 ? 98  HOH A O   1 
HETATM 1120 O O   . HOH C 2 .  ? 8.454   19.212  11.765  1.00 33.24 ? 99  HOH A O   1 
HETATM 1121 O O   . HOH C 2 .  ? 7.646   -7.718  4.111   1.00 26.09 ? 100 HOH A O   1 
HETATM 1122 O O   . HOH C 2 .  ? -0.833  4.784   7.944   1.00 38.32 ? 101 HOH A O   1 
HETATM 1123 O O   . HOH C 2 .  ? 2.994   12.270  12.814  1.00 48.83 ? 102 HOH A O   1 
HETATM 1124 O O   . HOH C 2 .  ? 3.594   0.451   11.411  1.00 38.71 ? 103 HOH A O   1 
HETATM 1125 O O   . HOH C 2 .  ? 11.584  -0.011  8.640   1.00 45.29 ? 104 HOH A O   1 
HETATM 1126 O O   . HOH C 2 .  ? 12.524  23.214  10.318  1.00 37.43 ? 105 HOH A O   1 
HETATM 1127 O O   . HOH C 2 .  ? 12.447  17.766  4.315   1.00 48.83 ? 106 HOH A O   1 
HETATM 1128 O O   . HOH C 2 .  ? 3.290   -2.063  9.606   1.00 32.82 ? 107 HOH A O   1 
HETATM 1129 O O   . HOH C 2 .  ? 7.381   11.194  -16.058 1.00 48.83 ? 108 HOH A O   1 
HETATM 1130 O O   . HOH C 2 .  ? 15.008  2.538   8.518   1.00 48.83 ? 109 HOH A O   1 
HETATM 1131 O O   . HOH C 2 .  ? -4.400  9.317   -1.088  1.00 36.88 ? 110 HOH A O   1 
HETATM 1132 O O   . HOH C 2 .  ? 13.842  9.464   -8.569  1.00 44.07 ? 111 HOH A O   1 
HETATM 1133 O O   . HOH C 2 .  ? 6.644   13.579  -6.636  1.00 42.39 ? 112 HOH A O   1 
HETATM 1134 O O   . HOH C 2 .  ? 6.436   17.611  1.077   1.00 48.83 ? 113 HOH A O   1 
HETATM 1135 O O   . HOH C 2 .  ? 11.473  13.071  11.895  1.00 48.83 ? 114 HOH A O   1 
HETATM 1136 O O   . HOH C 2 .  ? 13.138  22.964  6.827   1.00 48.83 ? 115 HOH A O   1 
HETATM 1137 O O   . HOH C 2 .  ? 17.278  15.137  6.070   1.00 48.83 ? 116 HOH A O   1 
HETATM 1138 O O   . HOH C 2 .  ? 2.232   13.740  -14.783 1.00 48.83 ? 117 HOH A O   1 
HETATM 1139 O O   . HOH D 2 .  ? -3.585  -1.764  -8.437  1.00 37.79 ? 96  HOH C O   1 
HETATM 1140 O O   . HOH D 2 .  ? -5.687  -12.052 -8.413  1.00 48.83 ? 97  HOH C O   1 
HETATM 1141 O O   . HOH D 2 .  ? -13.353 -15.992 -12.260 1.00 41.83 ? 98  HOH C O   1 
HETATM 1142 O O   . HOH D 2 .  ? 5.472   -7.923  5.994   1.00 32.63 ? 99  HOH C O   1 
HETATM 1143 O O   . HOH D 2 .  ? -11.058 3.442   7.543   1.00 48.83 ? 100 HOH C O   1 
HETATM 1144 O O   . HOH D 2 .  ? 4.484   -3.357  -8.717  1.00 36.82 ? 101 HOH C O   1 
HETATM 1145 O O   . HOH D 2 .  ? 2.481   -4.536  -10.655 1.00 43.30 ? 102 HOH C O   1 
HETATM 1146 O O   . HOH D 2 .  ? 6.139   -10.047 -8.086  1.00 43.13 ? 103 HOH C O   1 
HETATM 1147 O O   . HOH D 2 .  ? -1.455  -17.056 -1.706  1.00 29.00 ? 104 HOH C O   1 
HETATM 1148 O O   . HOH D 2 .  ? 1.150   -13.348 -12.817 1.00 48.83 ? 105 HOH C O   1 
HETATM 1149 O O   . HOH D 2 .  ? -1.530  -7.274  7.818   1.00 32.34 ? 106 HOH C O   1 
HETATM 1150 O O   . HOH D 2 .  ? -7.775  5.996   -8.618  1.00 45.69 ? 107 HOH C O   1 
HETATM 1151 O O   . HOH D 2 .  ? -8.934  -21.539 -8.758  1.00 37.43 ? 108 HOH C O   1 
HETATM 1152 O O   . HOH D 2 .  ? -18.225 -2.786  -0.401  1.00 48.83 ? 109 HOH C O   1 
HETATM 1153 O O   . HOH D 2 .  ? -12.468 -2.291  5.972   1.00 48.83 ? 110 HOH C O   1 
HETATM 1154 O O   . HOH D 2 .  ? -10.980 -10.780 5.612   1.00 43.55 ? 111 HOH C O   1 
HETATM 1155 O O   . HOH D 2 .  ? -4.123  -14.256 3.889   1.00 45.98 ? 112 HOH C O   1 
HETATM 1156 O O   . HOH D 2 .  ? -11.418 -10.652 13.118  1.00 48.83 ? 113 HOH C O   1 
HETATM 1157 O O   . HOH D 2 .  ? -11.852 -9.458  8.392   1.00 48.83 ? 114 HOH C O   1 
HETATM 1158 O O   . HOH D 2 .  ? -6.640  -17.067 -11.489 1.00 48.83 ? 115 HOH C O   1 
HETATM 1159 O O   . HOH D 2 .  ? -5.793  -11.778 2.359   1.00 46.73 ? 116 HOH C O   1 
# 
